data_4OXW
# 
_entry.id   4OXW 
# 
_audit_conform.dict_name       mmcif_pdbx.dic 
_audit_conform.dict_version    5.379 
_audit_conform.dict_location   http://mmcif.pdb.org/dictionaries/ascii/mmcif_pdbx.dic 
# 
loop_
_database_2.database_id 
_database_2.database_code 
_database_2.pdbx_database_accession 
_database_2.pdbx_DOI 
PDB   4OXW         pdb_00004oxw 10.2210/pdb4oxw/pdb 
WWPDB D_1000200216 ?            ?                   
# 
_pdbx_database_status.status_code                     REL 
_pdbx_database_status.status_code_sf                  REL 
_pdbx_database_status.status_code_mr                  . 
_pdbx_database_status.entry_id                        4OXW 
_pdbx_database_status.recvd_initial_deposition_date   2014-02-07 
_pdbx_database_status.SG_entry                        N 
_pdbx_database_status.deposit_site                    RCSB 
_pdbx_database_status.process_site                    RCSB 
_pdbx_database_status.status_code_cs                  . 
_pdbx_database_status.methods_development_category    CASP 
_pdbx_database_status.status_code_nmr_data            ? 
_pdbx_database_status.pdb_format_compatible           Y 
# 
loop_
_audit_author.name 
_audit_author.pdbx_ordinal 
'Zhang, Y.'     1 
'Shultis, D.D.' 2 
'Dodge, G.'     3 
# 
_citation.abstract                  . 
_citation.abstract_id_CAS           . 
_citation.book_id_ISBN              . 
_citation.book_publisher            . 
_citation.book_publisher_city       . 
_citation.book_title                . 
_citation.coordinate_linkage        . 
_citation.country                   ? 
_citation.database_id_Medline       . 
_citation.details                   . 
_citation.id                        primary 
_citation.journal_abbrev            'To Be Published' 
_citation.journal_id_ASTM           ? 
_citation.journal_id_CSD            0353 
_citation.journal_id_ISSN           ? 
_citation.journal_full              . 
_citation.journal_issue             . 
_citation.journal_volume            . 
_citation.language                  . 
_citation.page_first                . 
_citation.page_last                 . 
_citation.title                     'X-ray structure of a designed CISK-PX domain' 
_citation.year                      . 
_citation.database_id_CSD           . 
_citation.pdbx_database_id_DOI      . 
_citation.pdbx_database_id_PubMed   . 
_citation.unpublished_flag          . 
# 
loop_
_citation_author.citation_id 
_citation_author.name 
_citation_author.ordinal 
_citation_author.identifier_ORCID 
primary 'Zhang, Y.'     1 ? 
primary 'Shultis, D.D.' 2 ? 
primary 'Dodge, G.'     3 ? 
# 
_cell.entry_id           4OXW 
_cell.length_a           36.672 
_cell.length_b           49.258 
_cell.length_c           68.009 
_cell.angle_alpha        90.00 
_cell.angle_beta         90.00 
_cell.angle_gamma        90.00 
_cell.Z_PDB              4 
_cell.pdbx_unique_axis   ? 
# 
_symmetry.entry_id                         4OXW 
_symmetry.space_group_name_H-M             'P 21 21 21' 
_symmetry.pdbx_full_space_group_name_H-M   ? 
_symmetry.cell_setting                     ? 
_symmetry.Int_Tables_number                19 
# 
loop_
_entity.id 
_entity.type 
_entity.src_method 
_entity.pdbx_description 
_entity.formula_weight 
_entity.pdbx_number_of_molecules 
_entity.pdbx_ec 
_entity.pdbx_mutation 
_entity.pdbx_fragment 
_entity.details 
1 polymer     man 'designed CISK-PX domain' 13984.079 1  ? ? ? ? 
2 non-polymer syn 'SULFATE ION'             96.063    2  ? ? ? ? 
3 water       nat water                     18.015    67 ? ? ? ? 
# 
_entity_poly.entity_id                      1 
_entity_poly.type                           'polypeptide(L)' 
_entity_poly.nstd_linkage                   no 
_entity_poly.nstd_monomer                   no 
_entity_poly.pdbx_seq_one_letter_code       
;SNAPDSLMKVSIPDFEKEGEGKSKHVMYKIKVKTGGEEWAVYRRYSDFYWLHKKLQQRYPELVPELPPKKWIYSALDEQI
LEKRKQGLEKYIQRIVSHPVLANDELVVSFLQAKAEHTG
;
_entity_poly.pdbx_seq_one_letter_code_can   
;SNAPDSLMKVSIPDFEKEGEGKSKHVMYKIKVKTGGEEWAVYRRYSDFYWLHKKLQQRYPELVPELPPKKWIYSALDEQI
LEKRKQGLEKYIQRIVSHPVLANDELVVSFLQAKAEHTG
;
_entity_poly.pdbx_strand_id                 A 
_entity_poly.pdbx_target_identifier         ? 
# 
loop_
_entity_poly_seq.entity_id 
_entity_poly_seq.num 
_entity_poly_seq.mon_id 
_entity_poly_seq.hetero 
1 1   SER n 
1 2   ASN n 
1 3   ALA n 
1 4   PRO n 
1 5   ASP n 
1 6   SER n 
1 7   LEU n 
1 8   MET n 
1 9   LYS n 
1 10  VAL n 
1 11  SER n 
1 12  ILE n 
1 13  PRO n 
1 14  ASP n 
1 15  PHE n 
1 16  GLU n 
1 17  LYS n 
1 18  GLU n 
1 19  GLY n 
1 20  GLU n 
1 21  GLY n 
1 22  LYS n 
1 23  SER n 
1 24  LYS n 
1 25  HIS n 
1 26  VAL n 
1 27  MET n 
1 28  TYR n 
1 29  LYS n 
1 30  ILE n 
1 31  LYS n 
1 32  VAL n 
1 33  LYS n 
1 34  THR n 
1 35  GLY n 
1 36  GLY n 
1 37  GLU n 
1 38  GLU n 
1 39  TRP n 
1 40  ALA n 
1 41  VAL n 
1 42  TYR n 
1 43  ARG n 
1 44  ARG n 
1 45  TYR n 
1 46  SER n 
1 47  ASP n 
1 48  PHE n 
1 49  TYR n 
1 50  TRP n 
1 51  LEU n 
1 52  HIS n 
1 53  LYS n 
1 54  LYS n 
1 55  LEU n 
1 56  GLN n 
1 57  GLN n 
1 58  ARG n 
1 59  TYR n 
1 60  PRO n 
1 61  GLU n 
1 62  LEU n 
1 63  VAL n 
1 64  PRO n 
1 65  GLU n 
1 66  LEU n 
1 67  PRO n 
1 68  PRO n 
1 69  LYS n 
1 70  LYS n 
1 71  TRP n 
1 72  ILE n 
1 73  TYR n 
1 74  SER n 
1 75  ALA n 
1 76  LEU n 
1 77  ASP n 
1 78  GLU n 
1 79  GLN n 
1 80  ILE n 
1 81  LEU n 
1 82  GLU n 
1 83  LYS n 
1 84  ARG n 
1 85  LYS n 
1 86  GLN n 
1 87  GLY n 
1 88  LEU n 
1 89  GLU n 
1 90  LYS n 
1 91  TYR n 
1 92  ILE n 
1 93  GLN n 
1 94  ARG n 
1 95  ILE n 
1 96  VAL n 
1 97  SER n 
1 98  HIS n 
1 99  PRO n 
1 100 VAL n 
1 101 LEU n 
1 102 ALA n 
1 103 ASN n 
1 104 ASP n 
1 105 GLU n 
1 106 LEU n 
1 107 VAL n 
1 108 VAL n 
1 109 SER n 
1 110 PHE n 
1 111 LEU n 
1 112 GLN n 
1 113 ALA n 
1 114 LYS n 
1 115 ALA n 
1 116 GLU n 
1 117 HIS n 
1 118 THR n 
1 119 GLY n 
# 
_entity_src_gen.entity_id                          1 
_entity_src_gen.pdbx_src_id                        1 
_entity_src_gen.pdbx_alt_source_flag               sample 
_entity_src_gen.pdbx_seq_type                      'Biological sequence' 
_entity_src_gen.pdbx_beg_seq_num                   1 
_entity_src_gen.pdbx_end_seq_num                   116 
_entity_src_gen.gene_src_common_name               ? 
_entity_src_gen.gene_src_genus                     ? 
_entity_src_gen.pdbx_gene_src_gene                 ? 
_entity_src_gen.gene_src_species                   ? 
_entity_src_gen.gene_src_strain                    ? 
_entity_src_gen.gene_src_tissue                    ? 
_entity_src_gen.gene_src_tissue_fraction           ? 
_entity_src_gen.gene_src_details                   ? 
_entity_src_gen.pdbx_gene_src_fragment             ? 
_entity_src_gen.pdbx_gene_src_scientific_name      'Synthetic construct' 
_entity_src_gen.pdbx_gene_src_ncbi_taxonomy_id     32630 
_entity_src_gen.pdbx_gene_src_variant              ? 
_entity_src_gen.pdbx_gene_src_cell_line            ? 
_entity_src_gen.pdbx_gene_src_atcc                 ? 
_entity_src_gen.pdbx_gene_src_organ                ? 
_entity_src_gen.pdbx_gene_src_organelle            ? 
_entity_src_gen.pdbx_gene_src_cell                 ? 
_entity_src_gen.pdbx_gene_src_cellular_location    ? 
_entity_src_gen.host_org_common_name               ? 
_entity_src_gen.pdbx_host_org_scientific_name      'Escherichia coli' 
_entity_src_gen.pdbx_host_org_ncbi_taxonomy_id     562 
_entity_src_gen.host_org_genus                     ? 
_entity_src_gen.pdbx_host_org_gene                 ? 
_entity_src_gen.pdbx_host_org_organ                ? 
_entity_src_gen.host_org_species                   ? 
_entity_src_gen.pdbx_host_org_tissue               ? 
_entity_src_gen.pdbx_host_org_tissue_fraction      ? 
_entity_src_gen.pdbx_host_org_strain               ? 
_entity_src_gen.pdbx_host_org_variant              ? 
_entity_src_gen.pdbx_host_org_cell_line            ? 
_entity_src_gen.pdbx_host_org_atcc                 ? 
_entity_src_gen.pdbx_host_org_culture_collection   ? 
_entity_src_gen.pdbx_host_org_cell                 ? 
_entity_src_gen.pdbx_host_org_organelle            ? 
_entity_src_gen.pdbx_host_org_cellular_location    ? 
_entity_src_gen.pdbx_host_org_vector_type          ? 
_entity_src_gen.pdbx_host_org_vector               ? 
_entity_src_gen.host_org_details                   ? 
_entity_src_gen.expression_system_id               ? 
_entity_src_gen.plasmid_name                       ? 
_entity_src_gen.plasmid_details                    ? 
_entity_src_gen.pdbx_description                   ? 
# 
_struct_ref.id                         1 
_struct_ref.db_name                    PDB 
_struct_ref.db_code                    4OXW 
_struct_ref.pdbx_db_accession          4OXW 
_struct_ref.entity_id                  1 
_struct_ref.pdbx_seq_one_letter_code   ? 
_struct_ref.pdbx_align_begin           1 
_struct_ref.pdbx_db_isoform            ? 
# 
_struct_ref_seq.align_id                      1 
_struct_ref_seq.ref_id                        1 
_struct_ref_seq.pdbx_PDB_id_code              4OXW 
_struct_ref_seq.pdbx_strand_id                A 
_struct_ref_seq.seq_align_beg                 1 
_struct_ref_seq.pdbx_seq_align_beg_ins_code   ? 
_struct_ref_seq.seq_align_end                 116 
_struct_ref_seq.pdbx_seq_align_end_ins_code   ? 
_struct_ref_seq.pdbx_db_accession             4OXW 
_struct_ref_seq.db_align_beg                  -2 
_struct_ref_seq.pdbx_db_align_beg_ins_code    ? 
_struct_ref_seq.db_align_end                  113 
_struct_ref_seq.pdbx_db_align_end_ins_code    ? 
_struct_ref_seq.pdbx_auth_seq_align_beg       -2 
_struct_ref_seq.pdbx_auth_seq_align_end       113 
# 
loop_
_chem_comp.id 
_chem_comp.type 
_chem_comp.mon_nstd_flag 
_chem_comp.name 
_chem_comp.pdbx_synonyms 
_chem_comp.formula 
_chem_comp.formula_weight 
ALA 'L-peptide linking' y ALANINE         ? 'C3 H7 N O2'     89.093  
ARG 'L-peptide linking' y ARGININE        ? 'C6 H15 N4 O2 1' 175.209 
ASN 'L-peptide linking' y ASPARAGINE      ? 'C4 H8 N2 O3'    132.118 
ASP 'L-peptide linking' y 'ASPARTIC ACID' ? 'C4 H7 N O4'     133.103 
GLN 'L-peptide linking' y GLUTAMINE       ? 'C5 H10 N2 O3'   146.144 
GLU 'L-peptide linking' y 'GLUTAMIC ACID' ? 'C5 H9 N O4'     147.129 
GLY 'peptide linking'   y GLYCINE         ? 'C2 H5 N O2'     75.067  
HIS 'L-peptide linking' y HISTIDINE       ? 'C6 H10 N3 O2 1' 156.162 
HOH non-polymer         . WATER           ? 'H2 O'           18.015  
ILE 'L-peptide linking' y ISOLEUCINE      ? 'C6 H13 N O2'    131.173 
LEU 'L-peptide linking' y LEUCINE         ? 'C6 H13 N O2'    131.173 
LYS 'L-peptide linking' y LYSINE          ? 'C6 H15 N2 O2 1' 147.195 
MET 'L-peptide linking' y METHIONINE      ? 'C5 H11 N O2 S'  149.211 
PHE 'L-peptide linking' y PHENYLALANINE   ? 'C9 H11 N O2'    165.189 
PRO 'L-peptide linking' y PROLINE         ? 'C5 H9 N O2'     115.130 
SER 'L-peptide linking' y SERINE          ? 'C3 H7 N O3'     105.093 
SO4 non-polymer         . 'SULFATE ION'   ? 'O4 S -2'        96.063  
THR 'L-peptide linking' y THREONINE       ? 'C4 H9 N O3'     119.119 
TRP 'L-peptide linking' y TRYPTOPHAN      ? 'C11 H12 N2 O2'  204.225 
TYR 'L-peptide linking' y TYROSINE        ? 'C9 H11 N O3'    181.189 
VAL 'L-peptide linking' y VALINE          ? 'C5 H11 N O2'    117.146 
# 
_exptl.absorpt_coefficient_mu     . 
_exptl.absorpt_correction_T_max   . 
_exptl.absorpt_correction_T_min   . 
_exptl.absorpt_correction_type    . 
_exptl.absorpt_process_details    . 
_exptl.entry_id                   4OXW 
_exptl.crystals_number            . 
_exptl.details                    . 
_exptl.method                     'X-RAY DIFFRACTION' 
_exptl.method_details             . 
# 
_exptl_crystal.colour                      . 
_exptl_crystal.density_diffrn              . 
_exptl_crystal.density_Matthews            2.23 
_exptl_crystal.density_method              . 
_exptl_crystal.density_percent_sol         44.41 
_exptl_crystal.description                 . 
_exptl_crystal.F_000                       . 
_exptl_crystal.id                          1 
_exptl_crystal.preparation                 . 
_exptl_crystal.size_max                    . 
_exptl_crystal.size_mid                    . 
_exptl_crystal.size_min                    . 
_exptl_crystal.size_rad                    . 
_exptl_crystal.colour_lustre               . 
_exptl_crystal.colour_modifier             . 
_exptl_crystal.colour_primary              . 
_exptl_crystal.density_meas                . 
_exptl_crystal.density_meas_esd            . 
_exptl_crystal.density_meas_gt             . 
_exptl_crystal.density_meas_lt             . 
_exptl_crystal.density_meas_temp           . 
_exptl_crystal.density_meas_temp_esd       . 
_exptl_crystal.density_meas_temp_gt        . 
_exptl_crystal.density_meas_temp_lt        . 
_exptl_crystal.pdbx_crystal_image_url      . 
_exptl_crystal.pdbx_crystal_image_format   . 
_exptl_crystal.pdbx_mosaicity              . 
_exptl_crystal.pdbx_mosaicity_esd          . 
# 
_exptl_crystal_grow.apparatus       . 
_exptl_crystal_grow.atmosphere      . 
_exptl_crystal_grow.crystal_id      1 
_exptl_crystal_grow.details         . 
_exptl_crystal_grow.method          'VAPOR DIFFUSION, SITTING DROP' 
_exptl_crystal_grow.method_ref      . 
_exptl_crystal_grow.pH              . 
_exptl_crystal_grow.pressure        . 
_exptl_crystal_grow.pressure_esd    . 
_exptl_crystal_grow.seeding         . 
_exptl_crystal_grow.seeding_ref     . 
_exptl_crystal_grow.temp            295 
_exptl_crystal_grow.temp_details    . 
_exptl_crystal_grow.temp_esd        . 
_exptl_crystal_grow.time            . 
_exptl_crystal_grow.pdbx_details    '0.2 M Ammonium Sulfate, 0.1 M Sodium Acetate pH 4.6, 30 %w/v Peg 2000 MME' 
_exptl_crystal_grow.pdbx_pH_range   . 
# 
_diffrn.ambient_environment    . 
_diffrn.ambient_temp           100 
_diffrn.ambient_temp_details   . 
_diffrn.ambient_temp_esd       . 
_diffrn.crystal_id             1 
_diffrn.crystal_support        . 
_diffrn.crystal_treatment      . 
_diffrn.details                . 
_diffrn.id                     1 
_diffrn.ambient_pressure       . 
_diffrn.ambient_pressure_esd   . 
_diffrn.ambient_pressure_gt    . 
_diffrn.ambient_pressure_lt    . 
_diffrn.ambient_temp_gt        . 
_diffrn.ambient_temp_lt        . 
# 
_diffrn_detector.details                      . 
_diffrn_detector.detector                     CCD 
_diffrn_detector.diffrn_id                    1 
_diffrn_detector.type                         'MARMOSAIC 300 mm CCD' 
_diffrn_detector.area_resol_mean              . 
_diffrn_detector.dtime                        . 
_diffrn_detector.pdbx_frames_total            . 
_diffrn_detector.pdbx_collection_time_total   . 
_diffrn_detector.pdbx_collection_date         2013-11-25 
# 
_diffrn_radiation.collimation                      . 
_diffrn_radiation.diffrn_id                        1 
_diffrn_radiation.filter_edge                      . 
_diffrn_radiation.inhomogeneity                    . 
_diffrn_radiation.monochromator                    . 
_diffrn_radiation.polarisn_norm                    . 
_diffrn_radiation.polarisn_ratio                   . 
_diffrn_radiation.probe                            . 
_diffrn_radiation.type                             . 
_diffrn_radiation.xray_symbol                      . 
_diffrn_radiation.wavelength_id                    1 
_diffrn_radiation.pdbx_monochromatic_or_laue_m_l   . 
_diffrn_radiation.pdbx_wavelength_list             . 
_diffrn_radiation.pdbx_wavelength                  . 
_diffrn_radiation.pdbx_diffrn_protocol             'SINGLE WAVELENGTH' 
_diffrn_radiation.pdbx_analyzer                    . 
_diffrn_radiation.pdbx_scattering_type             x-ray 
# 
_diffrn_radiation_wavelength.id           1 
_diffrn_radiation_wavelength.wavelength   0.978 
_diffrn_radiation_wavelength.wt           1.0 
# 
_diffrn_source.current                     . 
_diffrn_source.details                     . 
_diffrn_source.diffrn_id                   1 
_diffrn_source.power                       . 
_diffrn_source.size                        . 
_diffrn_source.source                      SYNCHROTRON 
_diffrn_source.target                      . 
_diffrn_source.type                        'APS BEAMLINE 21-ID-G' 
_diffrn_source.voltage                     . 
_diffrn_source.take-off_angle              . 
_diffrn_source.pdbx_wavelength_list        0.978 
_diffrn_source.pdbx_wavelength             . 
_diffrn_source.pdbx_synchrotron_beamline   21-ID-G 
_diffrn_source.pdbx_synchrotron_site       APS 
# 
_reflns.B_iso_Wilson_estimate            . 
_reflns.entry_id                         4OXW 
_reflns.data_reduction_details           . 
_reflns.data_reduction_method            . 
_reflns.d_resolution_high                1.73 
_reflns.d_resolution_low                 39.893 
_reflns.details                          . 
_reflns.limit_h_max                      . 
_reflns.limit_h_min                      . 
_reflns.limit_k_max                      . 
_reflns.limit_k_min                      . 
_reflns.limit_l_max                      . 
_reflns.limit_l_min                      . 
_reflns.number_all                       . 
_reflns.number_obs                       12689 
_reflns.observed_criterion               . 
_reflns.observed_criterion_F_max         . 
_reflns.observed_criterion_F_min         . 
_reflns.observed_criterion_I_max         . 
_reflns.observed_criterion_I_min         . 
_reflns.observed_criterion_sigma_F       . 
_reflns.observed_criterion_sigma_I       . 
_reflns.percent_possible_obs             99.17 
_reflns.R_free_details                   . 
_reflns.Rmerge_F_all                     . 
_reflns.Rmerge_F_obs                     . 
_reflns.Friedel_coverage                 . 
_reflns.number_gt                        . 
_reflns.threshold_expression             . 
_reflns.pdbx_redundancy                  12.2 
_reflns.pdbx_Rmerge_I_obs                . 
_reflns.pdbx_Rmerge_I_all                . 
_reflns.pdbx_Rsym_value                  . 
_reflns.pdbx_netI_over_av_sigmaI         . 
_reflns.pdbx_netI_over_sigmaI            57.75 
_reflns.pdbx_res_netI_over_av_sigmaI_2   . 
_reflns.pdbx_res_netI_over_sigmaI_2      . 
_reflns.pdbx_chi_squared                 . 
_reflns.pdbx_scaling_rejects             . 
_reflns.pdbx_d_res_high_opt              . 
_reflns.pdbx_d_res_low_opt               . 
_reflns.pdbx_d_res_opt_method            . 
_reflns.phase_calculation_details        . 
_reflns.pdbx_Rrim_I_all                  . 
_reflns.pdbx_Rpim_I_all                  . 
_reflns.pdbx_d_opt                       . 
_reflns.pdbx_number_measured_all         . 
_reflns.pdbx_diffrn_id                   1 
_reflns.pdbx_ordinal                     1 
# 
_refine.pdbx_refine_id                           'X-RAY DIFFRACTION' 
_refine.entry_id                                 4OXW 
_refine.pdbx_diffrn_id                           1 
_refine.pdbx_TLS_residual_ADP_flag               ? 
_refine.ls_number_reflns_obs                     12689 
_refine.ls_number_reflns_all                     ? 
_refine.pdbx_ls_sigma_I                          ? 
_refine.pdbx_ls_sigma_F                          ? 
_refine.pdbx_data_cutoff_high_absF               ? 
_refine.pdbx_data_cutoff_low_absF                ? 
_refine.pdbx_data_cutoff_high_rms_absF           ? 
_refine.ls_d_res_low                             39.89 
_refine.ls_d_res_high                            1.73 
_refine.ls_percent_reflns_obs                    99.44 
_refine.ls_R_factor_obs                          0.19426 
_refine.ls_R_factor_all                          ? 
_refine.ls_R_factor_R_work                       0.19298 
_refine.ls_R_factor_R_free                       0.21861 
_refine.ls_R_factor_R_free_error                 ? 
_refine.ls_R_factor_R_free_error_details         ? 
_refine.ls_percent_reflns_R_free                 4.9 
_refine.ls_number_reflns_R_free                  654 
_refine.ls_number_parameters                     ? 
_refine.ls_number_restraints                     ? 
_refine.occupancy_min                            ? 
_refine.occupancy_max                            ? 
_refine.correlation_coeff_Fo_to_Fc               0.959 
_refine.correlation_coeff_Fo_to_Fc_free          0.937 
_refine.B_iso_mean                               36.691 
_refine.aniso_B[1][1]                            0.74 
_refine.aniso_B[2][2]                            -0.56 
_refine.aniso_B[3][3]                            -0.19 
_refine.aniso_B[1][2]                            -0.00 
_refine.aniso_B[1][3]                            -0.00 
_refine.aniso_B[2][3]                            -0.00 
_refine.solvent_model_details                    MASK 
_refine.solvent_model_param_ksol                 ? 
_refine.solvent_model_param_bsol                 ? 
_refine.pdbx_solvent_vdw_probe_radii             1.20 
_refine.pdbx_solvent_ion_probe_radii             0.80 
_refine.pdbx_solvent_shrinkage_radii             0.80 
_refine.pdbx_ls_cross_valid_method               THROUGHOUT 
_refine.details                                  'HYDROGENS HAVE BEEN ADDED IN THE RIDING POSITIONS' 
_refine.pdbx_starting_model                      'PDB entry 1XTE' 
_refine.pdbx_method_to_determine_struct          'MOLECULAR REPLACEMENT' 
_refine.pdbx_isotropic_thermal_model             ? 
_refine.pdbx_stereochemistry_target_values       'MAXIMUM LIKELIHOOD' 
_refine.pdbx_stereochem_target_val_spec_case     ? 
_refine.pdbx_R_Free_selection_details            RANDOM 
_refine.pdbx_overall_ESU_R                       0.113 
_refine.pdbx_overall_ESU_R_Free                  0.107 
_refine.overall_SU_ML                            0.075 
_refine.pdbx_overall_phase_error                 ? 
_refine.overall_SU_B                             2.296 
_refine.overall_SU_R_Cruickshank_DPI             ? 
_refine.pdbx_overall_SU_R_free_Cruickshank_DPI   ? 
_refine.pdbx_overall_SU_R_Blow_DPI               ? 
_refine.pdbx_overall_SU_R_free_Blow_DPI          ? 
# 
_refine_hist.pdbx_refine_id                   'X-RAY DIFFRACTION' 
_refine_hist.cycle_id                         1 
_refine_hist.pdbx_number_atoms_protein        895 
_refine_hist.pdbx_number_atoms_nucleic_acid   0 
_refine_hist.pdbx_number_atoms_ligand         10 
_refine_hist.number_atoms_solvent             67 
_refine_hist.number_atoms_total               972 
_refine_hist.d_res_high                       1.73 
_refine_hist.d_res_low                        39.89 
# 
loop_
_refine_ls_restr.type 
_refine_ls_restr.dev_ideal 
_refine_ls_restr.dev_ideal_target 
_refine_ls_restr.weight 
_refine_ls_restr.number 
_refine_ls_restr.pdbx_refine_id 
_refine_ls_restr.pdbx_restraint_function 
r_bond_refined_d             0.012  0.019  ? 927  'X-RAY DIFFRACTION' ? 
r_bond_other_d               0.000  0.020  ? 904  'X-RAY DIFFRACTION' ? 
r_angle_refined_deg          1.497  1.980  ? 1249 'X-RAY DIFFRACTION' ? 
r_angle_other_deg            0.607  3.000  ? 2093 'X-RAY DIFFRACTION' ? 
r_dihedral_angle_1_deg       6.117  5.000  ? 105  'X-RAY DIFFRACTION' ? 
r_dihedral_angle_2_deg       30.835 23.953 ? 43   'X-RAY DIFFRACTION' ? 
r_dihedral_angle_3_deg       13.767 15.000 ? 180  'X-RAY DIFFRACTION' ? 
r_dihedral_angle_4_deg       20.558 15.000 ? 5    'X-RAY DIFFRACTION' ? 
r_chiral_restr               0.098  0.200  ? 129  'X-RAY DIFFRACTION' ? 
r_gen_planes_refined         0.007  0.021  ? 993  'X-RAY DIFFRACTION' ? 
r_gen_planes_other           0.000  0.020  ? 206  'X-RAY DIFFRACTION' ? 
r_nbd_refined                ?      ?      ? ?    'X-RAY DIFFRACTION' ? 
r_nbd_other                  ?      ?      ? ?    'X-RAY DIFFRACTION' ? 
r_nbtor_refined              ?      ?      ? ?    'X-RAY DIFFRACTION' ? 
r_nbtor_other                ?      ?      ? ?    'X-RAY DIFFRACTION' ? 
r_xyhbond_nbd_refined        ?      ?      ? ?    'X-RAY DIFFRACTION' ? 
r_xyhbond_nbd_other          ?      ?      ? ?    'X-RAY DIFFRACTION' ? 
r_metal_ion_refined          ?      ?      ? ?    'X-RAY DIFFRACTION' ? 
r_metal_ion_other            ?      ?      ? ?    'X-RAY DIFFRACTION' ? 
r_symmetry_vdw_refined       ?      ?      ? ?    'X-RAY DIFFRACTION' ? 
r_symmetry_vdw_other         ?      ?      ? ?    'X-RAY DIFFRACTION' ? 
r_symmetry_hbond_refined     ?      ?      ? ?    'X-RAY DIFFRACTION' ? 
r_symmetry_hbond_other       ?      ?      ? ?    'X-RAY DIFFRACTION' ? 
r_symmetry_metal_ion_refined ?      ?      ? ?    'X-RAY DIFFRACTION' ? 
r_symmetry_metal_ion_other   ?      ?      ? ?    'X-RAY DIFFRACTION' ? 
r_mcbond_it                  ?      ?      ? ?    'X-RAY DIFFRACTION' ? 
r_mcbond_other               ?      ?      ? ?    'X-RAY DIFFRACTION' ? 
r_mcangle_it                 ?      ?      ? ?    'X-RAY DIFFRACTION' ? 
r_mcangle_other              ?      ?      ? ?    'X-RAY DIFFRACTION' ? 
r_scbond_it                  ?      ?      ? ?    'X-RAY DIFFRACTION' ? 
r_scbond_other               ?      ?      ? ?    'X-RAY DIFFRACTION' ? 
r_scangle_it                 ?      ?      ? ?    'X-RAY DIFFRACTION' ? 
r_scangle_other              ?      ?      ? ?    'X-RAY DIFFRACTION' ? 
r_long_range_B_refined       ?      ?      ? ?    'X-RAY DIFFRACTION' ? 
r_long_range_B_other         ?      ?      ? ?    'X-RAY DIFFRACTION' ? 
r_rigid_bond_restr           ?      ?      ? ?    'X-RAY DIFFRACTION' ? 
r_sphericity_free            ?      ?      ? ?    'X-RAY DIFFRACTION' ? 
r_sphericity_bonded          ?      ?      ? ?    'X-RAY DIFFRACTION' ? 
# 
_refine_ls_shell.pdbx_refine_id                   'X-RAY DIFFRACTION' 
_refine_ls_shell.pdbx_total_number_of_bins_used   20 
_refine_ls_shell.d_res_high                       1.730 
_refine_ls_shell.d_res_low                        1.775 
_refine_ls_shell.number_reflns_R_work             908 
_refine_ls_shell.R_factor_R_work                  0.219 
_refine_ls_shell.percent_reflns_obs               98.24 
_refine_ls_shell.R_factor_R_free                  0.361 
_refine_ls_shell.R_factor_R_free_error            ? 
_refine_ls_shell.percent_reflns_R_free            ? 
_refine_ls_shell.number_reflns_R_free             42 
_refine_ls_shell.number_reflns_all                ? 
_refine_ls_shell.R_factor_all                     ? 
_refine_ls_shell.R_factor_obs                     ? 
_refine_ls_shell.number_reflns_obs                ? 
# 
_struct.entry_id                     4OXW 
_struct.title                        'X-ray structure of a designed CISK-PX domain' 
_struct.pdbx_model_details           . 
_struct.pdbx_formula_weight          . 
_struct.pdbx_formula_weight_method   . 
_struct.pdbx_model_type_details      . 
_struct.pdbx_CASP_flag               . 
# 
_struct_keywords.entry_id        4OXW 
_struct_keywords.text            'EvoDesign, CISK-PX, Computational Protein Design, DE NOVO PROTEIN' 
_struct_keywords.pdbx_keywords   'DE NOVO PROTEIN' 
# 
loop_
_struct_asym.id 
_struct_asym.pdbx_blank_PDB_chainid_flag 
_struct_asym.pdbx_modified 
_struct_asym.entity_id 
_struct_asym.details 
A N N 1 ? 
B N N 2 ? 
C N N 2 ? 
D N N 3 ? 
# 
loop_
_struct_conf.conf_type_id 
_struct_conf.id 
_struct_conf.pdbx_PDB_helix_id 
_struct_conf.beg_label_comp_id 
_struct_conf.beg_label_asym_id 
_struct_conf.beg_label_seq_id 
_struct_conf.pdbx_beg_PDB_ins_code 
_struct_conf.end_label_comp_id 
_struct_conf.end_label_asym_id 
_struct_conf.end_label_seq_id 
_struct_conf.pdbx_end_PDB_ins_code 
_struct_conf.beg_auth_comp_id 
_struct_conf.beg_auth_asym_id 
_struct_conf.beg_auth_seq_id 
_struct_conf.end_auth_comp_id 
_struct_conf.end_auth_asym_id 
_struct_conf.end_auth_seq_id 
_struct_conf.pdbx_PDB_helix_class 
_struct_conf.details 
_struct_conf.pdbx_PDB_helix_length 
HELX_P HELX_P1 AA1 TYR A 45  ? TYR A 59  ? TYR A 42  TYR A 56  1 ? 15 
HELX_P HELX_P2 AA2 ILE A 72  ? LEU A 76  ? ILE A 69  LEU A 73  5 ? 5  
HELX_P HELX_P3 AA3 ASP A 77  ? SER A 97  ? ASP A 74  SER A 94  1 ? 21 
HELX_P HELX_P4 AA4 HIS A 98  ? ASN A 103 ? HIS A 95  ASN A 100 1 ? 6  
HELX_P HELX_P5 AA5 ASP A 104 ? ALA A 113 ? ASP A 101 ALA A 110 1 ? 10 
# 
_struct_conf_type.id          HELX_P 
_struct_conf_type.criteria    ? 
_struct_conf_type.reference   ? 
# 
_struct_sheet.id               AA1 
_struct_sheet.type             ? 
_struct_sheet.number_strands   3 
_struct_sheet.details          ? 
# 
loop_
_struct_sheet_order.sheet_id 
_struct_sheet_order.range_id_1 
_struct_sheet_order.range_id_2 
_struct_sheet_order.offset 
_struct_sheet_order.sense 
AA1 1 2 ? anti-parallel 
AA1 2 3 ? anti-parallel 
# 
loop_
_struct_sheet_range.sheet_id 
_struct_sheet_range.id 
_struct_sheet_range.beg_label_comp_id 
_struct_sheet_range.beg_label_asym_id 
_struct_sheet_range.beg_label_seq_id 
_struct_sheet_range.pdbx_beg_PDB_ins_code 
_struct_sheet_range.end_label_comp_id 
_struct_sheet_range.end_label_asym_id 
_struct_sheet_range.end_label_seq_id 
_struct_sheet_range.pdbx_end_PDB_ins_code 
_struct_sheet_range.beg_auth_comp_id 
_struct_sheet_range.beg_auth_asym_id 
_struct_sheet_range.beg_auth_seq_id 
_struct_sheet_range.end_auth_comp_id 
_struct_sheet_range.end_auth_asym_id 
_struct_sheet_range.end_auth_seq_id 
AA1 1 LYS A 9  ? GLU A 18 ? LYS A 6  GLU A 15 
AA1 2 HIS A 25 ? THR A 34 ? HIS A 22 THR A 31 
AA1 3 GLU A 37 ? ARG A 44 ? GLU A 34 ARG A 41 
# 
loop_
_pdbx_struct_sheet_hbond.sheet_id 
_pdbx_struct_sheet_hbond.range_id_1 
_pdbx_struct_sheet_hbond.range_id_2 
_pdbx_struct_sheet_hbond.range_1_label_atom_id 
_pdbx_struct_sheet_hbond.range_1_label_comp_id 
_pdbx_struct_sheet_hbond.range_1_label_asym_id 
_pdbx_struct_sheet_hbond.range_1_label_seq_id 
_pdbx_struct_sheet_hbond.range_1_PDB_ins_code 
_pdbx_struct_sheet_hbond.range_1_auth_atom_id 
_pdbx_struct_sheet_hbond.range_1_auth_comp_id 
_pdbx_struct_sheet_hbond.range_1_auth_asym_id 
_pdbx_struct_sheet_hbond.range_1_auth_seq_id 
_pdbx_struct_sheet_hbond.range_2_label_atom_id 
_pdbx_struct_sheet_hbond.range_2_label_comp_id 
_pdbx_struct_sheet_hbond.range_2_label_asym_id 
_pdbx_struct_sheet_hbond.range_2_label_seq_id 
_pdbx_struct_sheet_hbond.range_2_PDB_ins_code 
_pdbx_struct_sheet_hbond.range_2_auth_atom_id 
_pdbx_struct_sheet_hbond.range_2_auth_comp_id 
_pdbx_struct_sheet_hbond.range_2_auth_asym_id 
_pdbx_struct_sheet_hbond.range_2_auth_seq_id 
AA1 1 2 N GLU A 16 ? N GLU A 13 O MET A 27 ? O MET A 24 
AA1 2 3 N ILE A 30 ? N ILE A 27 O VAL A 41 ? O VAL A 38 
# 
loop_
_struct_site.id 
_struct_site.pdbx_evidence_code 
_struct_site.pdbx_auth_asym_id 
_struct_site.pdbx_auth_comp_id 
_struct_site.pdbx_auth_seq_id 
_struct_site.pdbx_auth_ins_code 
_struct_site.pdbx_num_residues 
_struct_site.details 
AC1 Software A SO4 201 ? 7 'binding site for residue SO4 A 201' 
AC2 Software A SO4 202 ? 6 'binding site for residue SO4 A 202' 
# 
loop_
_struct_site_gen.id 
_struct_site_gen.site_id 
_struct_site_gen.pdbx_num_res 
_struct_site_gen.label_comp_id 
_struct_site_gen.label_asym_id 
_struct_site_gen.label_seq_id 
_struct_site_gen.pdbx_auth_ins_code 
_struct_site_gen.auth_comp_id 
_struct_site_gen.auth_asym_id 
_struct_site_gen.auth_seq_id 
_struct_site_gen.label_atom_id 
_struct_site_gen.label_alt_id 
_struct_site_gen.symmetry 
_struct_site_gen.details 
1  AC1 7 HIS A 25 ? HIS A 22  . ? 1_555 ? 
2  AC1 7 ARG A 44 ? ARG A 41  . ? 1_555 ? 
3  AC1 7 TYR A 45 ? TYR A 42  . ? 1_555 ? 
4  AC1 7 SER A 46 ? SER A 43  . ? 1_555 ? 
5  AC1 7 HOH D .  ? HOH A 338 . ? 1_555 ? 
6  AC1 7 HOH D .  ? HOH A 339 . ? 1_555 ? 
7  AC1 7 HOH D .  ? HOH A 363 . ? 1_555 ? 
8  AC2 6 ARG A 44 ? ARG A 41  . ? 1_555 ? 
9  AC2 6 PRO A 68 ? PRO A 65  . ? 4_465 ? 
10 AC2 6 LYS A 70 ? LYS A 67  . ? 4_465 ? 
11 AC2 6 LYS A 83 ? LYS A 80  . ? 4_465 ? 
12 AC2 6 HOH D .  ? HOH A 306 . ? 1_555 ? 
13 AC2 6 HOH D .  ? HOH A 315 . ? 1_555 ? 
# 
_atom_sites.entry_id                    4OXW 
_atom_sites.fract_transf_matrix[1][1]   -0.00856624 
_atom_sites.fract_transf_matrix[1][2]   0.00113613 
_atom_sites.fract_transf_matrix[1][3]   -0.02586363 
_atom_sites.fract_transf_matrix[2][1]   -0.01077422 
_atom_sites.fract_transf_matrix[2][2]   -0.01697286 
_atom_sites.fract_transf_matrix[2][3]   0.00282293 
_atom_sites.fract_transf_matrix[3][1]   -0.01157467 
_atom_sites.fract_transf_matrix[3][2]   0.00804388 
_atom_sites.fract_transf_matrix[3][3]   0.00418697 
_atom_sites.fract_transf_vector[1]      0.615943 
_atom_sites.fract_transf_vector[2]      0.538693 
_atom_sites.fract_transf_vector[3]      0.011156 
# 
loop_
_atom_type.symbol 
C 
N 
O 
S 
# 
loop_
_atom_site.group_PDB 
_atom_site.id 
_atom_site.type_symbol 
_atom_site.label_atom_id 
_atom_site.label_alt_id 
_atom_site.label_comp_id 
_atom_site.label_asym_id 
_atom_site.label_entity_id 
_atom_site.label_seq_id 
_atom_site.pdbx_PDB_ins_code 
_atom_site.Cartn_x 
_atom_site.Cartn_y 
_atom_site.Cartn_z 
_atom_site.occupancy 
_atom_site.B_iso_or_equiv 
_atom_site.pdbx_formal_charge 
_atom_site.auth_seq_id 
_atom_site.auth_comp_id 
_atom_site.auth_asym_id 
_atom_site.auth_atom_id 
_atom_site.pdbx_PDB_model_num 
ATOM   1   N N   . MET A 1 8   ? 6.146   14.499  2.619   1.00 54.00  ? 5   MET A N   1 
ATOM   2   C CA  . MET A 1 8   ? 6.300   13.014  2.724   1.00 51.99  ? 5   MET A CA  1 
ATOM   3   C C   . MET A 1 8   ? 6.389   12.354  1.348   1.00 46.43  ? 5   MET A C   1 
ATOM   4   O O   . MET A 1 8   ? 5.508   12.537  0.506   1.00 55.26  ? 5   MET A O   1 
ATOM   5   C CB  . MET A 1 8   ? 5.149   12.418  3.527   1.00 51.28  ? 5   MET A CB  1 
ATOM   6   C CG  . MET A 1 8   ? 5.299   10.935  3.828   1.00 56.45  ? 5   MET A CG  1 
ATOM   7   S SD  . MET A 1 8   ? 4.257   10.405  5.207   1.00 53.76  ? 5   MET A SD  1 
ATOM   8   C CE  . MET A 1 8   ? 5.002   11.295  6.571   1.00 68.83  ? 5   MET A CE  1 
ATOM   9   N N   . LYS A 1 9   ? 7.461   11.591  1.135   1.00 36.69  ? 6   LYS A N   1 
ATOM   10  C CA  . LYS A 1 9   ? 7.756   10.957  -0.149  1.00 27.30  ? 6   LYS A CA  1 
ATOM   11  C C   . LYS A 1 9   ? 7.602   9.462   0.147   1.00 29.62  ? 6   LYS A C   1 
ATOM   12  O O   . LYS A 1 9   ? 8.143   9.010   1.148   1.00 27.26  ? 6   LYS A O   1 
ATOM   13  C CB  . LYS A 1 9   ? 9.204   11.277  -0.549  1.00 42.57  ? 6   LYS A CB  1 
ATOM   14  C CG  . LYS A 1 9   ? 9.479   11.285  -2.039  1.00 61.85  ? 6   LYS A CG  1 
ATOM   15  C CD  . LYS A 1 9   ? 10.530  12.328  -2.426  1.00 72.51  ? 6   LYS A CD  1 
ATOM   16  C CE  . LYS A 1 9   ? 11.944  11.767  -2.345  1.00 80.86  ? 6   LYS A CE  1 
ATOM   17  N NZ  . LYS A 1 9   ? 12.976  12.821  -2.124  1.00 86.88  ? 6   LYS A NZ  1 
ATOM   18  N N   . VAL A 1 10  ? 6.820   8.736   -0.671  1.00 22.27  ? 7   VAL A N   1 
ATOM   19  C CA  . VAL A 1 10  ? 6.647   7.287   -0.509  1.00 21.77  ? 7   VAL A CA  1 
ATOM   20  C C   . VAL A 1 10  ? 6.941   6.532   -1.793  1.00 23.31  ? 7   VAL A C   1 
ATOM   21  O O   . VAL A 1 10  ? 6.787   7.076   -2.892  1.00 21.15  ? 7   VAL A O   1 
ATOM   22  C CB  . VAL A 1 10  ? 5.235   6.928   -0.024  1.00 22.01  ? 7   VAL A CB  1 
ATOM   23  C CG1 . VAL A 1 10  ? 5.021   7.533   1.357   1.00 29.18  ? 7   VAL A CG1 1 
ATOM   24  C CG2 . VAL A 1 10  ? 4.180   7.463   -0.988  1.00 23.23  ? 7   VAL A CG2 1 
ATOM   25  N N   . SER A 1 11  ? 7.403   5.299   -1.665  1.00 18.30  ? 8   SER A N   1 
ATOM   26  C CA  . SER A 1 11  ? 7.641   4.428   -2.817  1.00 18.94  ? 8   SER A CA  1 
ATOM   27  C C   . SER A 1 11  ? 7.536   2.980   -2.356  1.00 17.83  ? 8   SER A C   1 
ATOM   28  O O   . SER A 1 11  ? 7.485   2.715   -1.159  1.00 18.76  ? 8   SER A O   1 
ATOM   29  C CB  . SER A 1 11  ? 9.036   4.655   -3.438  1.00 21.83  ? 8   SER A CB  1 
ATOM   30  O OG  . SER A 1 11  ? 10.082  4.372   -2.514  1.00 25.05  ? 8   SER A OG  1 
ATOM   31  N N   . ILE A 1 12  ? 7.378   2.064   -3.313  1.00 18.23  ? 9   ILE A N   1 
ATOM   32  C CA  . ILE A 1 12  ? 7.301   0.643   -3.040  1.00 17.92  ? 9   ILE A CA  1 
ATOM   33  C C   . ILE A 1 12  ? 8.299   -0.091  -3.932  1.00 20.77  ? 9   ILE A C   1 
ATOM   34  O O   . ILE A 1 12  ? 7.982   -0.495  -5.075  1.00 20.61  ? 9   ILE A O   1 
ATOM   35  C CB  . ILE A 1 12  ? 5.862   0.074   -3.246  1.00 18.00  ? 9   ILE A CB  1 
ATOM   36  C CG1 . ILE A 1 12  ? 4.859   0.896   -2.452  1.00 18.54  ? 9   ILE A CG1 1 
ATOM   37  C CG2 . ILE A 1 12  ? 5.829   -1.387  -2.798  1.00 18.02  ? 9   ILE A CG2 1 
ATOM   38  C CD1 . ILE A 1 12  ? 3.426   0.403   -2.593  1.00 16.39  ? 9   ILE A CD1 1 
ATOM   39  N N   . PRO A 1 13  ? 9.542   -0.217  -3.433  1.00 20.69  ? 10  PRO A N   1 
ATOM   40  C CA  . PRO A 1 13  ? 10.616  -0.784  -4.260  1.00 27.61  ? 10  PRO A CA  1 
ATOM   41  C C   . PRO A 1 13  ? 10.436  -2.266  -4.547  1.00 23.65  ? 10  PRO A C   1 
ATOM   42  O O   . PRO A 1 13  ? 10.806  -2.743  -5.635  1.00 24.75  ? 10  PRO A O   1 
ATOM   43  C CB  . PRO A 1 13  ? 11.868  -0.532  -3.406  1.00 25.03  ? 10  PRO A CB  1 
ATOM   44  C CG  . PRO A 1 13  ? 11.371  -0.286  -2.018  1.00 26.38  ? 10  PRO A CG  1 
ATOM   45  C CD  . PRO A 1 13  ? 10.061  0.413   -2.215  1.00 22.09  ? 10  PRO A CD  1 
ATOM   46  N N   . ASP A 1 14  ? 9.855   -2.993  -3.598  1.00 23.33  ? 11  ASP A N   1 
ATOM   47  C CA  . ASP A 1 14  ? 9.752   -4.442  -3.715  1.00 24.87  ? 11  ASP A CA  1 
ATOM   48  C C   . ASP A 1 14  ? 8.548   -5.007  -3.026  1.00 23.47  ? 11  ASP A C   1 
ATOM   49  O O   . ASP A 1 14  ? 7.993   -4.372  -2.114  1.00 21.25  ? 11  ASP A O   1 
ATOM   50  C CB  . ASP A 1 14  ? 10.932  -5.116  -3.031  1.00 32.88  ? 11  ASP A CB  1 
ATOM   51  C CG  . ASP A 1 14  ? 12.245  -4.569  -3.460  1.00 45.81  ? 11  ASP A CG  1 
ATOM   52  O OD1 . ASP A 1 14  ? 12.683  -4.916  -4.578  1.00 49.28  ? 11  ASP A OD1 1 
ATOM   53  O OD2 . ASP A 1 14  ? 12.834  -3.809  -2.665  1.00 52.37  ? 11  ASP A OD2 1 
ATOM   54  N N   . PHE A 1 15  ? 8.182   -6.218  -3.444  1.00 21.07  ? 12  PHE A N   1 
ATOM   55  C CA  . PHE A 1 15  ? 7.320   -7.103  -2.677  1.00 23.91  ? 12  PHE A CA  1 
ATOM   56  C C   . PHE A 1 15  ? 8.155   -8.284  -2.146  1.00 29.29  ? 12  PHE A C   1 
ATOM   57  O O   . PHE A 1 15  ? 9.278   -8.565  -2.633  1.00 24.99  ? 12  PHE A O   1 
ATOM   58  C CB  . PHE A 1 15  ? 6.131   -7.569  -3.506  1.00 23.12  ? 12  PHE A CB  1 
ATOM   59  C CG  . PHE A 1 15  ? 6.476   -8.420  -4.656  1.00 22.82  ? 12  PHE A CG  1 
ATOM   60  C CD1 . PHE A 1 15  ? 6.835   -9.730  -4.471  1.00 26.51  ? 12  PHE A CD1 1 
ATOM   61  C CD2 . PHE A 1 15  ? 6.471   -7.910  -5.937  1.00 26.45  ? 12  PHE A CD2 1 
ATOM   62  C CE1 . PHE A 1 15  ? 7.182   -10.526 -5.564  1.00 29.96  ? 12  PHE A CE1 1 
ATOM   63  C CE2 . PHE A 1 15  ? 6.784   -8.697  -7.015  1.00 30.03  ? 12  PHE A CE2 1 
ATOM   64  C CZ  . PHE A 1 15  ? 7.164   -9.999  -6.831  1.00 27.66  ? 12  PHE A CZ  1 
ATOM   65  N N   . GLU A 1 16  ? 7.640   -8.937  -1.120  1.00 26.58  ? 13  GLU A N   1 
ATOM   66  C CA  . GLU A 1 16  ? 8.338   -10.035 -0.466  1.00 30.16  ? 13  GLU A CA  1 
ATOM   67  C C   . GLU A 1 16  ? 7.303   -11.073 -0.081  1.00 34.06  ? 13  GLU A C   1 
ATOM   68  O O   . GLU A 1 16  ? 6.180   -10.738 0.301   1.00 33.26  ? 13  GLU A O   1 
ATOM   69  C CB  . GLU A 1 16  ? 9.027   -9.536  0.800   1.00 41.03  ? 13  GLU A CB  1 
ATOM   70  C CG  . GLU A 1 16  ? 10.162  -8.572  0.498   1.00 61.23  ? 13  GLU A CG  1 
ATOM   71  C CD  . GLU A 1 16  ? 10.820  -7.988  1.722   1.00 75.61  ? 13  GLU A CD  1 
ATOM   72  O OE1 . GLU A 1 16  ? 10.525  -8.459  2.844   1.00 78.46  ? 13  GLU A OE1 1 
ATOM   73  O OE2 . GLU A 1 16  ? 11.638  -7.055  1.539   1.00 82.37  ? 13  GLU A OE2 1 
ATOM   74  N N   . LYS A 1 17  ? 7.671   -12.344 -0.153  1.00 39.26  ? 14  LYS A N   1 
ATOM   75  C CA  . LYS A 1 17  ? 6.751   -13.403 0.264   1.00 43.90  ? 14  LYS A CA  1 
ATOM   76  C C   . LYS A 1 17  ? 7.195   -13.957 1.586   1.00 48.91  ? 14  LYS A C   1 
ATOM   77  O O   . LYS A 1 17  ? 8.325   -14.403 1.714   1.00 56.55  ? 14  LYS A O   1 
ATOM   78  C CB  . LYS A 1 17  ? 6.684   -14.509 -0.772  1.00 41.82  ? 14  LYS A CB  1 
ATOM   79  C CG  . LYS A 1 17  ? 6.620   -13.995 -2.200  1.00 50.17  ? 14  LYS A CG  1 
ATOM   80  C CD  . LYS A 1 17  ? 6.011   -15.025 -3.143  1.00 50.63  ? 14  LYS A CD  1 
ATOM   81  C CE  . LYS A 1 17  ? 6.272   -14.675 -4.600  1.00 62.24  ? 14  LYS A CE  1 
ATOM   82  N NZ  . LYS A 1 17  ? 5.477   -15.495 -5.561  1.00 67.25  ? 14  LYS A NZ  1 
ATOM   83  N N   . GLU A 1 18  ? 6.303   -13.912 2.565   1.00 54.32  ? 15  GLU A N   1 
ATOM   84  C CA  . GLU A 1 18  ? 6.629   -14.267 3.935   1.00 72.52  ? 15  GLU A CA  1 
ATOM   85  C C   . GLU A 1 18  ? 5.679   -15.367 4.353   1.00 85.03  ? 15  GLU A C   1 
ATOM   86  O O   . GLU A 1 18  ? 4.585   -15.501 3.795   1.00 71.60  ? 15  GLU A O   1 
ATOM   87  C CB  . GLU A 1 18  ? 6.462   -13.052 4.864   1.00 78.15  ? 15  GLU A CB  1 
ATOM   88  C CG  . GLU A 1 18  ? 6.989   -11.738 4.288   1.00 85.23  ? 15  GLU A CG  1 
ATOM   89  C CD  . GLU A 1 18  ? 6.791   -10.557 5.225   1.00 104.75 ? 15  GLU A CD  1 
ATOM   90  O OE1 . GLU A 1 18  ? 6.964   -9.393  4.785   1.00 94.03  ? 15  GLU A OE1 1 
ATOM   91  O OE2 . GLU A 1 18  ? 6.464   -10.795 6.409   1.00 132.50 ? 15  GLU A OE2 1 
ATOM   92  N N   . GLY A 1 19  ? 6.108   -16.168 5.322   1.00 118.59 ? 16  GLY A N   1 
ATOM   93  C CA  . GLY A 1 19  ? 5.228   -17.153 5.932   1.00 142.88 ? 16  GLY A CA  1 
ATOM   94  C C   . GLY A 1 19  ? 5.796   -18.553 6.014   1.00 144.75 ? 16  GLY A C   1 
ATOM   95  O O   . GLY A 1 19  ? 6.784   -18.799 6.709   1.00 160.60 ? 16  GLY A O   1 
ATOM   96  N N   . GLU A 1 20  ? 5.168   -19.468 5.281   1.00 139.35 ? 17  GLU A N   1 
ATOM   97  C CA  . GLU A 1 20  ? 5.349   -20.895 5.511   1.00 130.66 ? 17  GLU A CA  1 
ATOM   98  C C   . GLU A 1 20  ? 5.654   -21.677 4.234   1.00 135.52 ? 17  GLU A C   1 
ATOM   99  O O   . GLU A 1 20  ? 6.665   -22.379 4.141   1.00 143.87 ? 17  GLU A O   1 
ATOM   100 C CB  . GLU A 1 20  ? 4.066   -21.463 6.124   1.00 106.15 ? 17  GLU A CB  1 
ATOM   101 C CG  . GLU A 1 20  ? 3.309   -20.509 7.040   1.00 77.43  ? 17  GLU A CG  1 
ATOM   102 C CD  . GLU A 1 20  ? 1.988   -21.103 7.472   1.00 70.47  ? 17  GLU A CD  1 
ATOM   103 O OE1 . GLU A 1 20  ? 1.832   -22.341 7.297   1.00 75.49  ? 17  GLU A OE1 1 
ATOM   104 O OE2 . GLU A 1 20  ? 1.112   -20.350 7.979   1.00 35.69  ? 17  GLU A OE2 1 
ATOM   105 N N   . GLY A 1 21  ? 4.763   -21.548 3.257   1.00 123.74 ? 18  GLY A N   1 
ATOM   106 C CA  . GLY A 1 21  ? 4.753   -22.403 2.076   1.00 113.17 ? 18  GLY A CA  1 
ATOM   107 C C   . GLY A 1 21  ? 3.309   -22.759 1.792   1.00 117.02 ? 18  GLY A C   1 
ATOM   108 O O   . GLY A 1 21  ? 2.902   -22.906 0.634   1.00 114.06 ? 18  GLY A O   1 
ATOM   109 N N   . LYS A 1 22  ? 2.540   -22.890 2.875   1.00 117.66 ? 19  LYS A N   1 
ATOM   110 C CA  . LYS A 1 22  ? 1.092   -23.118 2.815   1.00 121.12 ? 19  LYS A CA  1 
ATOM   111 C C   . LYS A 1 22  ? 0.335   -21.800 3.030   1.00 94.20  ? 19  LYS A C   1 
ATOM   112 O O   . LYS A 1 22  ? -0.798  -21.645 2.588   1.00 79.72  ? 19  LYS A O   1 
ATOM   113 C CB  . LYS A 1 22  ? 0.666   -24.150 3.872   1.00 123.32 ? 19  LYS A CB  1 
ATOM   114 C CG  . LYS A 1 22  ? 1.386   -25.491 3.777   1.00 125.36 ? 19  LYS A CG  1 
ATOM   115 C CD  . LYS A 1 22  ? 0.851   -26.365 2.648   1.00 127.17 ? 19  LYS A CD  1 
ATOM   116 C CE  . LYS A 1 22  ? -0.457  -27.043 3.029   1.00 127.77 ? 19  LYS A CE  1 
ATOM   117 N NZ  . LYS A 1 22  ? -0.299  -27.946 4.203   1.00 131.11 ? 19  LYS A NZ  1 
ATOM   118 N N   . SER A 1 23  ? 0.973   -20.859 3.718   1.00 96.48  ? 20  SER A N   1 
ATOM   119 C CA  . SER A 1 23  ? 0.431   -19.516 3.871   1.00 107.75 ? 20  SER A CA  1 
ATOM   120 C C   . SER A 1 23  ? 1.311   -18.516 3.127   1.00 97.84  ? 20  SER A C   1 
ATOM   121 O O   . SER A 1 23  ? 1.784   -17.545 3.718   1.00 112.41 ? 20  SER A O   1 
ATOM   122 C CB  . SER A 1 23  ? 0.372   -19.132 5.355   1.00 123.02 ? 20  SER A CB  1 
ATOM   123 O OG  . SER A 1 23  ? -0.428  -17.978 5.571   1.00 131.88 ? 20  SER A OG  1 
ATOM   124 N N   . LYS A 1 24  ? 1.553   -18.751 1.840   1.00 83.18  ? 21  LYS A N   1 
ATOM   125 C CA  . LYS A 1 24  ? 2.267   -17.756 1.051   1.00 80.06  ? 21  LYS A CA  1 
ATOM   126 C C   . LYS A 1 24  ? 1.427   -16.496 1.096   1.00 63.54  ? 21  LYS A C   1 
ATOM   127 O O   . LYS A 1 24  ? 0.330   -16.496 0.568   1.00 49.78  ? 21  LYS A O   1 
ATOM   128 C CB  . LYS A 1 24  ? 2.456   -18.201 -0.406  1.00 82.24  ? 21  LYS A CB  1 
ATOM   129 C CG  . LYS A 1 24  ? 3.689   -19.060 -0.647  1.00 98.91  ? 21  LYS A CG  1 
ATOM   130 C CD  . LYS A 1 24  ? 4.967   -18.336 -0.240  1.00 98.59  ? 21  LYS A CD  1 
ATOM   131 C CE  . LYS A 1 24  ? 5.933   -19.274 0.469   1.00 100.09 ? 21  LYS A CE  1 
ATOM   132 N NZ  . LYS A 1 24  ? 6.807   -18.561 1.442   1.00 107.93 ? 21  LYS A NZ  1 
ATOM   133 N N   . HIS A 1 25  ? 1.909   -15.457 1.777   1.00 53.52  ? 22  HIS A N   1 
ATOM   134 C CA  . HIS A 1 25  ? 1.295   -14.121 1.689   1.00 44.47  ? 22  HIS A CA  1 
ATOM   135 C C   . HIS A 1 25  ? 2.355   -13.189 1.103   1.00 36.24  ? 22  HIS A C   1 
ATOM   136 O O   . HIS A 1 25  ? 3.564   -13.439 1.236   1.00 44.58  ? 22  HIS A O   1 
ATOM   137 C CB  . HIS A 1 25  ? 0.806   -13.607 3.060   1.00 44.18  ? 22  HIS A CB  1 
ATOM   138 C CG  . HIS A 1 25  ? -0.358  -14.380 3.608   1.00 50.81  ? 22  HIS A CG  1 
ATOM   139 N ND1 . HIS A 1 25  ? -1.647  -14.223 3.138   1.00 57.43  ? 22  HIS A ND1 1 
ATOM   140 C CD2 . HIS A 1 25  ? -0.421  -15.339 4.567   1.00 51.06  ? 22  HIS A CD2 1 
ATOM   141 C CE1 . HIS A 1 25  ? -2.455  -15.048 3.789   1.00 43.59  ? 22  HIS A CE1 1 
ATOM   142 N NE2 . HIS A 1 25  ? -1.734  -15.740 4.656   1.00 45.35  ? 22  HIS A NE2 1 
ATOM   143 N N   . VAL A 1 26  ? 1.901   -12.125 0.443   1.00 30.49  ? 23  VAL A N   1 
ATOM   144 C CA  . VAL A 1 26  ? 2.804   -11.199 -0.218  1.00 24.06  ? 23  VAL A CA  1 
ATOM   145 C C   . VAL A 1 26  ? 2.639   -9.876  0.532   1.00 21.01  ? 23  VAL A C   1 
ATOM   146 O O   . VAL A 1 26  ? 1.521   -9.425  0.756   1.00 22.14  ? 23  VAL A O   1 
ATOM   147 C CB  . VAL A 1 26  ? 2.412   -10.988 -1.671  1.00 25.00  ? 23  VAL A CB  1 
ATOM   148 C CG1 . VAL A 1 26  ? 3.189   -9.852  -2.324  1.00 20.44  ? 23  VAL A CG1 1 
ATOM   149 C CG2 . VAL A 1 26  ? 2.590   -12.265 -2.488  1.00 29.23  ? 23  VAL A CG2 1 
ATOM   150 N N   . MET A 1 27  ? 3.764   -9.328  0.928   1.00 19.61  ? 24  MET A N   1 
ATOM   151 C CA  . MET A 1 27  ? 3.829   -8.015  1.551   1.00 20.73  ? 24  MET A CA  1 
ATOM   152 C C   . MET A 1 27  ? 4.612   -7.061  0.680   1.00 22.17  ? 24  MET A C   1 
ATOM   153 O O   . MET A 1 27  ? 5.537   -7.444  -0.025  1.00 23.45  ? 24  MET A O   1 
ATOM   154 C CB  . MET A 1 27  ? 4.467   -8.117  2.913   1.00 25.93  ? 24  MET A CB  1 
ATOM   155 C CG  . MET A 1 27  ? 3.692   -9.017  3.847   1.00 43.13  ? 24  MET A CG  1 
ATOM   156 S SD  . MET A 1 27  ? 3.382   -8.203  5.412   1.00 70.94  ? 24  MET A SD  1 
ATOM   157 C CE  . MET A 1 27  ? 2.640   -9.597  6.272   1.00 61.41  ? 24  MET A CE  1 
ATOM   158 N N   . TYR A 1 28  ? 4.209   -5.797  0.716   1.00 18.42  ? 25  TYR A N   1 
ATOM   159 C CA  . TYR A 1 28  ? 4.796   -4.744  -0.095  1.00 16.58  ? 25  TYR A CA  1 
ATOM   160 C C   . TYR A 1 28  ? 5.588   -3.871  0.848   1.00 17.71  ? 25  TYR A C   1 
ATOM   161 O O   . TYR A 1 28  ? 5.075   -3.490  1.891   1.00 17.50  ? 25  TYR A O   1 
ATOM   162 C CB  . TYR A 1 28  ? 3.700   -3.916  -0.860  1.00 15.07  ? 25  TYR A CB  1 
ATOM   163 C CG  . TYR A 1 28  ? 2.958   -4.823  -1.838  1.00 15.44  ? 25  TYR A CG  1 
ATOM   164 C CD1 . TYR A 1 28  ? 3.436   -5.026  -3.126  1.00 15.98  ? 25  TYR A CD1 1 
ATOM   165 C CD2 . TYR A 1 28  ? 1.859   -5.548  -1.441  1.00 15.99  ? 25  TYR A CD2 1 
ATOM   166 C CE1 . TYR A 1 28  ? 2.837   -5.912  -4.001  1.00 17.23  ? 25  TYR A CE1 1 
ATOM   167 C CE2 . TYR A 1 28  ? 1.227   -6.439  -2.308  1.00 17.83  ? 25  TYR A CE2 1 
ATOM   168 C CZ  . TYR A 1 28  ? 1.753   -6.656  -3.595  1.00 17.61  ? 25  TYR A CZ  1 
ATOM   169 O OH  . TYR A 1 28  ? 1.169   -7.554  -4.513  1.00 19.41  ? 25  TYR A OH  1 
ATOM   170 N N   . LYS A 1 29  ? 6.851   -3.625  0.509   1.00 19.48  ? 26  LYS A N   1 
ATOM   171 C CA  . LYS A 1 29  ? 7.714   -2.787  1.318   1.00 20.62  ? 26  LYS A CA  1 
ATOM   172 C C   . LYS A 1 29  ? 7.529   -1.327  0.909   1.00 19.31  ? 26  LYS A C   1 
ATOM   173 O O   . LYS A 1 29  ? 7.887   -0.940  -0.199  1.00 21.29  ? 26  LYS A O   1 
ATOM   174 C CB  . LYS A 1 29  ? 9.170   -3.223  1.110   1.00 22.75  ? 26  LYS A CB  1 
ATOM   175 C CG  . LYS A 1 29  ? 10.142  -2.349  1.850   1.00 23.49  ? 26  LYS A CG  1 
ATOM   176 C CD  . LYS A 1 29  ? 11.581  -2.768  1.616   1.00 31.59  ? 26  LYS A CD  1 
ATOM   177 C CE  . LYS A 1 29  ? 12.493  -1.980  2.556   1.00 39.65  ? 26  LYS A CE  1 
ATOM   178 N NZ  . LYS A 1 29  ? 13.944  -2.284  2.308   1.00 48.92  ? 26  LYS A NZ  1 
ATOM   179 N N   . ILE A 1 30  ? 6.925   -0.525  1.786   1.00 19.73  ? 27  ILE A N   1 
ATOM   180 C CA  . ILE A 1 30  ? 6.741   0.899   1.526   1.00 18.09  ? 27  ILE A CA  1 
ATOM   181 C C   . ILE A 1 30  ? 7.904   1.678   2.204   1.00 17.98  ? 27  ILE A C   1 
ATOM   182 O O   . ILE A 1 30  ? 8.067   1.617   3.435   1.00 21.76  ? 27  ILE A O   1 
ATOM   183 C CB  . ILE A 1 30  ? 5.416   1.430   2.054   1.00 18.23  ? 27  ILE A CB  1 
ATOM   184 C CG1 . ILE A 1 30  ? 4.236   0.502   1.655   1.00 20.16  ? 27  ILE A CG1 1 
ATOM   185 C CG2 . ILE A 1 30  ? 5.204   2.883   1.594   1.00 19.99  ? 27  ILE A CG2 1 
ATOM   186 C CD1 . ILE A 1 30  ? 2.922   0.890   2.293   1.00 21.43  ? 27  ILE A CD1 1 
ATOM   187 N N   . LYS A 1 31  ? 8.688   2.369   1.395   1.00 19.91  ? 28  LYS A N   1 
ATOM   188 C CA  . LYS A 1 31  ? 9.767   3.258   1.880   1.00 20.31  ? 28  LYS A CA  1 
ATOM   189 C C   . LYS A 1 31  ? 9.172   4.657   2.046   1.00 22.11  ? 28  LYS A C   1 
ATOM   190 O O   . LYS A 1 31  ? 8.496   5.168   1.146   1.00 21.70  ? 28  LYS A O   1 
ATOM   191 C CB  . LYS A 1 31  ? 10.952  3.283   0.891   1.00 26.30  ? 28  LYS A CB  1 
ATOM   192 C CG  . LYS A 1 31  ? 11.800  2.014   0.950   1.00 36.39  ? 28  LYS A CG  1 
ATOM   193 C CD  . LYS A 1 31  ? 12.994  2.040   -0.003  1.00 46.96  ? 28  LYS A CD  1 
ATOM   194 C CE  . LYS A 1 31  ? 13.691  3.396   -0.089  1.00 60.17  ? 28  LYS A CE  1 
ATOM   195 N NZ  . LYS A 1 31  ? 14.896  3.312   -0.978  1.00 57.74  ? 28  LYS A NZ  1 
ATOM   196 N N   . VAL A 1 32  ? 9.359   5.240   3.233   1.00 21.61  ? 29  VAL A N   1 
ATOM   197 C CA  . VAL A 1 32  ? 8.719   6.489   3.602   1.00 19.80  ? 29  VAL A CA  1 
ATOM   198 C C   . VAL A 1 32  ? 9.851   7.451   3.971   1.00 23.13  ? 29  VAL A C   1 
ATOM   199 O O   . VAL A 1 32  ? 10.742  7.080   4.703   1.00 24.58  ? 29  VAL A O   1 
ATOM   200 C CB  . VAL A 1 32  ? 7.770   6.321   4.782   1.00 24.86  ? 29  VAL A CB  1 
ATOM   201 C CG1 . VAL A 1 32  ? 7.069   7.641   5.113   1.00 23.52  ? 29  VAL A CG1 1 
ATOM   202 C CG2 . VAL A 1 32  ? 6.750   5.224   4.523   1.00 24.24  ? 29  VAL A CG2 1 
ATOM   203 N N   . LYS A 1 33  ? 9.854   8.637   3.361   1.00 26.50  ? 30  LYS A N   1 
ATOM   204 C CA  . LYS A 1 33  ? 10.841  9.693   3.670   1.00 29.31  ? 30  LYS A CA  1 
ATOM   205 C C   . LYS A 1 33  ? 10.138  10.969  4.089   1.00 31.23  ? 30  LYS A C   1 
ATOM   206 O O   . LYS A 1 33  ? 9.104   11.361  3.531   1.00 29.37  ? 30  LYS A O   1 
ATOM   207 C CB  . LYS A 1 33  ? 11.688  9.945   2.431   1.00 28.51  ? 30  LYS A CB  1 
ATOM   208 C CG  . LYS A 1 33  ? 12.549  8.762   2.101   1.00 35.61  ? 30  LYS A CG  1 
ATOM   209 C CD  . LYS A 1 33  ? 12.956  8.729   0.647   1.00 47.90  ? 30  LYS A CD  1 
ATOM   210 C CE  . LYS A 1 33  ? 14.116  9.665   0.357   1.00 60.95  ? 30  LYS A CE  1 
ATOM   211 N NZ  . LYS A 1 33  ? 14.877  9.183   -0.834  1.00 73.34  ? 30  LYS A NZ  1 
ATOM   212 N N   . THR A 1 34  ? 10.646  11.625  5.118   1.00 29.53  ? 31  THR A N   1 
ATOM   213 C CA  . THR A 1 34  ? 10.099  12.914  5.449   1.00 29.25  ? 31  THR A CA  1 
ATOM   214 C C   . THR A 1 34  ? 11.243  13.668  6.081   1.00 25.42  ? 31  THR A C   1 
ATOM   215 O O   . THR A 1 34  ? 11.979  13.110  6.880   1.00 21.79  ? 31  THR A O   1 
ATOM   216 C CB  . THR A 1 34  ? 8.874   12.852  6.364   1.00 40.03  ? 31  THR A CB  1 
ATOM   217 O OG1 . THR A 1 34  ? 8.362   14.176  6.545   1.00 48.16  ? 31  THR A OG1 1 
ATOM   218 C CG2 . THR A 1 34  ? 9.193   12.273  7.697   1.00 38.58  ? 31  THR A CG2 1 
ATOM   219 N N   . GLY A 1 35  ? 11.436  14.918  5.693   1.00 26.40  ? 32  GLY A N   1 
ATOM   220 C CA  . GLY A 1 35  ? 12.674  15.583  6.163   1.00 26.29  ? 32  GLY A CA  1 
ATOM   221 C C   . GLY A 1 35  ? 13.890  14.791  5.763   1.00 24.35  ? 32  GLY A C   1 
ATOM   222 O O   . GLY A 1 35  ? 14.051  14.447  4.585   1.00 27.76  ? 32  GLY A O   1 
ATOM   223 N N   . GLY A 1 36  ? 14.798  14.510  6.707   1.00 21.91  ? 33  GLY A N   1 
ATOM   224 C CA  . GLY A 1 36  ? 15.941  13.688  6.437   1.00 22.52  ? 33  GLY A CA  1 
ATOM   225 C C   . GLY A 1 36  ? 15.817  12.297  7.027   1.00 22.55  ? 33  GLY A C   1 
ATOM   226 O O   . GLY A 1 36  ? 16.802  11.585  7.134   1.00 26.86  ? 33  GLY A O   1 
ATOM   227 N N   . GLU A 1 37  ? 14.597  11.914  7.404   1.00 20.82  ? 34  GLU A N   1 
ATOM   228 C CA  . GLU A 1 37  ? 14.315  10.603  7.980   1.00 21.53  ? 34  GLU A CA  1 
ATOM   229 C C   . GLU A 1 37  ? 13.772  9.651   6.899   1.00 27.22  ? 34  GLU A C   1 
ATOM   230 O O   . GLU A 1 37  ? 13.143  10.096  5.927   1.00 24.80  ? 34  GLU A O   1 
ATOM   231 C CB  . GLU A 1 37  ? 13.268  10.732  9.074   1.00 22.24  ? 34  GLU A CB  1 
ATOM   232 C CG  . GLU A 1 37  ? 13.604  11.775  10.134  1.00 30.95  ? 34  GLU A CG  1 
ATOM   233 C CD  . GLU A 1 37  ? 12.539  11.894  11.199  1.00 37.34  ? 34  GLU A CD  1 
ATOM   234 O OE1 . GLU A 1 37  ? 11.337  11.805  10.862  1.00 41.75  ? 34  GLU A OE1 1 
ATOM   235 O OE2 . GLU A 1 37  ? 12.902  12.092  12.381  1.00 33.25  ? 34  GLU A OE2 1 
ATOM   236 N N   . GLU A 1 38  ? 14.064  8.353   7.057   1.00 23.99  ? 35  GLU A N   1 
ATOM   237 C CA  . GLU A 1 38  ? 13.584  7.334   6.122   1.00 24.77  ? 35  GLU A CA  1 
ATOM   238 C C   . GLU A 1 38  ? 13.340  6.053   6.915   1.00 29.99  ? 35  GLU A C   1 
ATOM   239 O O   . GLU A 1 38  ? 14.094  5.709   7.837   1.00 28.03  ? 35  GLU A O   1 
ATOM   240 C CB  . GLU A 1 38  ? 14.596  7.125   5.001   1.00 31.15  ? 35  GLU A CB  1 
ATOM   241 C CG  . GLU A 1 38  ? 14.202  6.079   3.953   1.00 41.10  ? 35  GLU A CG  1 
ATOM   242 C CD  . GLU A 1 38  ? 15.122  6.073   2.749   1.00 50.42  ? 35  GLU A CD  1 
ATOM   243 O OE1 . GLU A 1 38  ? 16.342  6.258   2.929   1.00 66.95  ? 35  GLU A OE1 1 
ATOM   244 O OE2 . GLU A 1 38  ? 14.626  5.872   1.620   1.00 65.80  ? 35  GLU A OE2 1 
ATOM   245 N N   . TRP A 1 39  ? 12.233  5.381   6.615   1.00 21.61  ? 36  TRP A N   1 
ATOM   246 C CA  . TRP A 1 39  ? 11.945  4.090   7.240   1.00 21.03  ? 36  TRP A CA  1 
ATOM   247 C C   . TRP A 1 39  ? 11.087  3.295   6.246   1.00 23.50  ? 36  TRP A C   1 
ATOM   248 O O   . TRP A 1 39  ? 10.761  3.760   5.161   1.00 23.27  ? 36  TRP A O   1 
ATOM   249 C CB  . TRP A 1 39  ? 11.213  4.238   8.561   1.00 22.02  ? 36  TRP A CB  1 
ATOM   250 C CG  . TRP A 1 39  ? 9.885   4.855   8.478   1.00 24.21  ? 36  TRP A CG  1 
ATOM   251 C CD1 . TRP A 1 39  ? 8.672   4.212   8.315   1.00 25.51  ? 36  TRP A CD1 1 
ATOM   252 C CD2 . TRP A 1 39  ? 9.581   6.249   8.586   1.00 28.40  ? 36  TRP A CD2 1 
ATOM   253 N NE1 . TRP A 1 39  ? 7.647   5.130   8.304   1.00 24.79  ? 36  TRP A NE1 1 
ATOM   254 C CE2 . TRP A 1 39  ? 8.174   6.389   8.451   1.00 25.69  ? 36  TRP A CE2 1 
ATOM   255 C CE3 . TRP A 1 39  ? 10.365  7.406   8.734   1.00 30.44  ? 36  TRP A CE3 1 
ATOM   256 C CZ2 . TRP A 1 39  ? 7.537   7.618   8.497   1.00 29.53  ? 36  TRP A CZ2 1 
ATOM   257 C CZ3 . TRP A 1 39  ? 9.736   8.616   8.772   1.00 31.34  ? 36  TRP A CZ3 1 
ATOM   258 C CH2 . TRP A 1 39  ? 8.332   8.726   8.662   1.00 35.81  ? 36  TRP A CH2 1 
ATOM   259 N N   . ALA A 1 40  ? 10.794  2.064   6.613   1.00 23.45  ? 37  ALA A N   1 
ATOM   260 C CA  . ALA A 1 40  ? 9.964   1.193   5.783   1.00 21.40  ? 37  ALA A CA  1 
ATOM   261 C C   . ALA A 1 40  ? 8.892   0.548   6.639   1.00 24.59  ? 37  ALA A C   1 
ATOM   262 O O   . ALA A 1 40  ? 9.107   0.265   7.816   1.00 24.71  ? 37  ALA A O   1 
ATOM   263 C CB  . ALA A 1 40  ? 10.832  0.117   5.167   1.00 27.09  ? 37  ALA A CB  1 
ATOM   264 N N   . VAL A 1 41  ? 7.745   0.274   6.030   1.00 22.57  ? 38  VAL A N   1 
ATOM   265 C CA  . VAL A 1 41  ? 6.689   -0.499  6.651   1.00 21.62  ? 38  VAL A CA  1 
ATOM   266 C C   . VAL A 1 41  ? 6.347   -1.553  5.616   1.00 19.57  ? 38  VAL A C   1 
ATOM   267 O O   . VAL A 1 41  ? 6.568   -1.365  4.408   1.00 20.76  ? 38  VAL A O   1 
ATOM   268 C CB  . VAL A 1 41  ? 5.429   0.307   7.039   1.00 22.50  ? 38  VAL A CB  1 
ATOM   269 C CG1 . VAL A 1 41  ? 5.804   1.320   8.148   1.00 23.08  ? 38  VAL A CG1 1 
ATOM   270 C CG2 . VAL A 1 41  ? 4.814   1.014   5.841   1.00 20.90  ? 38  VAL A CG2 1 
ATOM   271 N N   . TYR A 1 42  ? 5.778   -2.640  6.096   1.00 21.17  ? 39  TYR A N   1 
ATOM   272 C CA  . TYR A 1 42  ? 5.371   -3.695  5.200   1.00 18.96  ? 39  TYR A CA  1 
ATOM   273 C C   . TYR A 1 42  ? 3.880   -3.868  5.281   1.00 17.88  ? 39  TYR A C   1 
ATOM   274 O O   . TYR A 1 42  ? 3.340   -4.005  6.391   1.00 21.24  ? 39  TYR A O   1 
ATOM   275 C CB  . TYR A 1 42  ? 6.067   -5.006  5.628   1.00 20.40  ? 39  TYR A CB  1 
ATOM   276 C CG  . TYR A 1 42  ? 7.535   -4.898  5.477   1.00 24.26  ? 39  TYR A CG  1 
ATOM   277 C CD1 . TYR A 1 42  ? 8.146   -5.325  4.346   1.00 26.84  ? 39  TYR A CD1 1 
ATOM   278 C CD2 . TYR A 1 42  ? 8.297   -4.282  6.452   1.00 34.68  ? 39  TYR A CD2 1 
ATOM   279 C CE1 . TYR A 1 42  ? 9.507   -5.186  4.197   1.00 33.77  ? 39  TYR A CE1 1 
ATOM   280 C CE2 . TYR A 1 42  ? 9.649   -4.127  6.310   1.00 35.82  ? 39  TYR A CE2 1 
ATOM   281 C CZ  . TYR A 1 42  ? 10.250  -4.597  5.172   1.00 34.15  ? 39  TYR A CZ  1 
ATOM   282 O OH  . TYR A 1 42  ? 11.610  -4.457  4.995   1.00 48.96  ? 39  TYR A OH  1 
ATOM   283 N N   . ARG A 1 43  ? 3.204   -3.961  4.140   1.00 17.70  ? 40  ARG A N   1 
ATOM   284 C CA  . ARG A 1 43  ? 1.747   -4.041  4.099   1.00 17.70  ? 40  ARG A CA  1 
ATOM   285 C C   . ARG A 1 43  ? 1.267   -4.988  3.039   1.00 18.34  ? 40  ARG A C   1 
ATOM   286 O O   . ARG A 1 43  ? 1.744   -4.995  1.902   1.00 19.29  ? 40  ARG A O   1 
ATOM   287 C CB  . ARG A 1 43  ? 1.115   -2.650  3.827   1.00 18.26  ? 40  ARG A CB  1 
ATOM   288 C CG  . ARG A 1 43  ? 1.495   -1.633  4.891   1.00 18.70  ? 40  ARG A CG  1 
ATOM   289 C CD  . ARG A 1 43  ? 0.716   -1.867  6.203   1.00 23.18  ? 40  ARG A CD  1 
ATOM   290 N NE  . ARG A 1 43  ? 1.083   -0.841  7.180   1.00 18.39  ? 40  ARG A NE  1 
ATOM   291 C CZ  . ARG A 1 43  ? 1.778   -1.030  8.272   1.00 22.74  ? 40  ARG A CZ  1 
ATOM   292 N NH1 . ARG A 1 43  ? 2.226   -2.238  8.609   1.00 31.12  ? 40  ARG A NH1 1 
ATOM   293 N NH2 . ARG A 1 43  ? 2.056   0.001   9.066   1.00 25.98  ? 40  ARG A NH2 1 
ATOM   294 N N   . ARG A 1 44  ? 0.256   -5.749  3.380   1.00 17.49  ? 41  ARG A N   1 
ATOM   295 C CA  . ARG A 1 44  ? -0.418  -6.629  2.412   1.00 17.31  ? 41  ARG A CA  1 
ATOM   296 C C   . ARG A 1 44  ? -1.460  -5.888  1.611   1.00 19.10  ? 41  ARG A C   1 
ATOM   297 O O   . ARG A 1 44  ? -1.943  -4.831  2.035   1.00 17.21  ? 41  ARG A O   1 
ATOM   298 C CB  . ARG A 1 44  ? -1.157  -7.792  3.187   1.00 20.92  ? 41  ARG A CB  1 
ATOM   299 C CG  . ARG A 1 44  ? -0.287  -8.656  4.032   1.00 27.77  ? 41  ARG A CG  1 
ATOM   300 C CD  . ARG A 1 44  ? -1.164  -9.482  4.979   1.00 23.97  ? 41  ARG A CD  1 
ATOM   301 N NE  . ARG A 1 44  ? -2.070  -10.322 4.206   1.00 26.79  ? 41  ARG A NE  1 
ATOM   302 C CZ  . ARG A 1 44  ? -3.224  -10.793 4.667   1.00 31.50  ? 41  ARG A CZ  1 
ATOM   303 N NH1 . ARG A 1 44  ? -3.615  -10.516 5.915   1.00 26.47  ? 41  ARG A NH1 1 
ATOM   304 N NH2 . ARG A 1 44  ? -3.982  -11.563 3.897   1.00 30.81  ? 41  ARG A NH2 1 
ATOM   305 N N   . TYR A 1 45  ? -1.874  -6.444  0.480   1.00 16.05  ? 42  TYR A N   1 
ATOM   306 C CA  . TYR A 1 45  ? -2.938  -5.856  -0.313  1.00 16.66  ? 42  TYR A CA  1 
ATOM   307 C C   . TYR A 1 45  ? -4.177  -5.629  0.543   1.00 19.17  ? 42  TYR A C   1 
ATOM   308 O O   . TYR A 1 45  ? -4.846  -4.598  0.439   1.00 19.33  ? 42  TYR A O   1 
ATOM   309 C CB  . TYR A 1 45  ? -3.355  -6.734  -1.515  1.00 16.69  ? 42  TYR A CB  1 
ATOM   310 C CG  . TYR A 1 45  ? -4.525  -6.167  -2.271  1.00 18.04  ? 42  TYR A CG  1 
ATOM   311 C CD1 . TYR A 1 45  ? -4.362  -5.154  -3.217  1.00 16.92  ? 42  TYR A CD1 1 
ATOM   312 C CD2 . TYR A 1 45  ? -5.833  -6.641  -2.062  1.00 17.84  ? 42  TYR A CD2 1 
ATOM   313 C CE1 . TYR A 1 45  ? -5.441  -4.625  -3.908  1.00 15.62  ? 42  TYR A CE1 1 
ATOM   314 C CE2 . TYR A 1 45  ? -6.892  -6.100  -2.736  1.00 17.98  ? 42  TYR A CE2 1 
ATOM   315 C CZ  . TYR A 1 45  ? -6.719  -5.086  -3.642  1.00 18.28  ? 42  TYR A CZ  1 
ATOM   316 O OH  . TYR A 1 45  ? -7.782  -4.558  -4.335  1.00 18.90  ? 42  TYR A OH  1 
ATOM   317 N N   . SER A 1 46  ? -4.489  -6.586  1.409   1.00 17.65  ? 43  SER A N   1 
ATOM   318 C CA  . SER A 1 46  ? -5.698  -6.462  2.260   1.00 21.47  ? 43  SER A CA  1 
ATOM   319 C C   . SER A 1 46  ? -5.584  -5.301  3.224   1.00 19.75  ? 43  SER A C   1 
ATOM   320 O O   . SER A 1 46  ? -6.605  -4.735  3.619   1.00 21.18  ? 43  SER A O   1 
ATOM   321 C CB  . SER A 1 46  ? -5.976  -7.751  3.021   1.00 24.60  ? 43  SER A CB  1 
ATOM   322 O OG  . SER A 1 46  ? -4.898  -8.136  3.836   1.00 26.94  ? 43  SER A OG  1 
ATOM   323 N N   . ASP A 1 47  ? -4.358  -4.942  3.632   1.00 17.75  ? 44  ASP A N   1 
ATOM   324 C CA  . ASP A 1 47  ? -4.172  -3.713  4.445   1.00 16.78  ? 44  ASP A CA  1 
ATOM   325 C C   . ASP A 1 47  ? -4.534  -2.458  3.642   1.00 17.18  ? 44  ASP A C   1 
ATOM   326 O O   . ASP A 1 47  ? -5.234  -1.542  4.136   1.00 17.97  ? 44  ASP A O   1 
ATOM   327 C CB  . ASP A 1 47  ? -2.785  -3.587  4.990   1.00 18.10  ? 44  ASP A CB  1 
ATOM   328 C CG  . ASP A 1 47  ? -2.366  -4.765  5.866   1.00 20.96  ? 44  ASP A CG  1 
ATOM   329 O OD1 . ASP A 1 47  ? -3.199  -5.218  6.662   1.00 18.74  ? 44  ASP A OD1 1 
ATOM   330 O OD2 . ASP A 1 47  ? -1.174  -5.103  5.815   1.00 20.84  ? 44  ASP A OD2 1 
ATOM   331 N N   . PHE A 1 48  ? -4.041  -2.368  2.422   1.00 16.29  ? 45  PHE A N   1 
ATOM   332 C CA  . PHE A 1 48  ? -4.396  -1.289  1.518   1.00 17.16  ? 45  PHE A CA  1 
ATOM   333 C C   . PHE A 1 48  ? -5.891  -1.231  1.255   1.00 17.54  ? 45  PHE A C   1 
ATOM   334 O O   . PHE A 1 48  ? -6.476  -0.161  1.207   1.00 19.30  ? 45  PHE A O   1 
ATOM   335 C CB  . PHE A 1 48  ? -3.746  -1.402  0.153   1.00 16.54  ? 45  PHE A CB  1 
ATOM   336 C CG  . PHE A 1 48  ? -2.284  -1.072  0.098   1.00 16.51  ? 45  PHE A CG  1 
ATOM   337 C CD1 . PHE A 1 48  ? -1.870  0.207   -0.299  1.00 16.37  ? 45  PHE A CD1 1 
ATOM   338 C CD2 . PHE A 1 48  ? -1.313  -2.024  0.344   1.00 17.07  ? 45  PHE A CD2 1 
ATOM   339 C CE1 . PHE A 1 48  ? -0.517  0.489   -0.411  1.00 18.29  ? 45  PHE A CE1 1 
ATOM   340 C CE2 . PHE A 1 48  ? 0.051   -1.737  0.238   1.00 19.12  ? 45  PHE A CE2 1 
ATOM   341 C CZ  . PHE A 1 48  ? 0.444   -0.469  -0.157  1.00 19.04  ? 45  PHE A CZ  1 
ATOM   342 N N   . TYR A 1 49  ? -6.530  -2.394  1.116   1.00 17.52  ? 46  TYR A N   1 
ATOM   343 C CA  . TYR A 1 49  ? -7.960  -2.458  0.834   1.00 17.99  ? 46  TYR A CA  1 
ATOM   344 C C   . TYR A 1 49  ? -8.791  -1.921  2.015   1.00 19.30  ? 46  TYR A C   1 
ATOM   345 O O   . TYR A 1 49  ? -9.722  -1.148  1.801   1.00 19.45  ? 46  TYR A O   1 
ATOM   346 C CB  . TYR A 1 49  ? -8.335  -3.904  0.536   1.00 19.77  ? 46  TYR A CB  1 
ATOM   347 C CG  . TYR A 1 49  ? -9.763  -4.089  0.074   1.00 20.46  ? 46  TYR A CG  1 
ATOM   348 C CD1 . TYR A 1 49  ? -10.092 -4.027  -1.272  1.00 26.76  ? 46  TYR A CD1 1 
ATOM   349 C CD2 . TYR A 1 49  ? -10.746 -4.364  0.991   1.00 29.06  ? 46  TYR A CD2 1 
ATOM   350 C CE1 . TYR A 1 49  ? -11.400 -4.183  -1.690  1.00 33.83  ? 46  TYR A CE1 1 
ATOM   351 C CE2 . TYR A 1 49  ? -12.045 -4.548  0.585   1.00 33.59  ? 46  TYR A CE2 1 
ATOM   352 C CZ  . TYR A 1 49  ? -12.362 -4.456  -0.744  1.00 37.12  ? 46  TYR A CZ  1 
ATOM   353 O OH  . TYR A 1 49  ? -13.674 -4.656  -1.112  1.00 42.60  ? 46  TYR A OH  1 
ATOM   354 N N   . TRP A 1 50  ? -8.424  -2.312  3.230   1.00 21.34  ? 47  TRP A N   1 
ATOM   355 C CA  . TRP A 1 50  ? -9.069  -1.804  4.440   1.00 23.54  ? 47  TRP A CA  1 
ATOM   356 C C   . TRP A 1 50  ? -8.878  -0.279  4.553   1.00 18.57  ? 47  TRP A C   1 
ATOM   357 O O   . TRP A 1 50  ? -9.868  0.442   4.796   1.00 21.27  ? 47  TRP A O   1 
ATOM   358 C CB  . TRP A 1 50  ? -8.550  -2.511  5.695   1.00 21.40  ? 47  TRP A CB  1 
ATOM   359 C CG  . TRP A 1 50  ? -9.426  -2.288  6.922   1.00 25.15  ? 47  TRP A CG  1 
ATOM   360 C CD1 . TRP A 1 50  ? -10.505 -3.031  7.309   1.00 28.52  ? 47  TRP A CD1 1 
ATOM   361 C CD2 . TRP A 1 50  ? -9.281  -1.255  7.885   1.00 24.59  ? 47  TRP A CD2 1 
ATOM   362 N NE1 . TRP A 1 50  ? -11.051 -2.504  8.466   1.00 25.86  ? 47  TRP A NE1 1 
ATOM   363 C CE2 . TRP A 1 50  ? -10.310 -1.426  8.852   1.00 26.33  ? 47  TRP A CE2 1 
ATOM   364 C CE3 . TRP A 1 50  ? -8.394  -0.198  8.031   1.00 25.22  ? 47  TRP A CE3 1 
ATOM   365 C CZ2 . TRP A 1 50  ? -10.463 -0.573  9.927   1.00 28.90  ? 47  TRP A CZ2 1 
ATOM   366 C CZ3 . TRP A 1 50  ? -8.531  0.633   9.108   1.00 31.28  ? 47  TRP A CZ3 1 
ATOM   367 C CH2 . TRP A 1 50  ? -9.567  0.447   10.046  1.00 30.73  ? 47  TRP A CH2 1 
ATOM   368 N N   . LEU A 1 51  ? -7.642  0.204   4.356   1.00 17.95  ? 48  LEU A N   1 
ATOM   369 C CA  . LEU A 1 51  ? -7.356  1.641   4.397   1.00 20.83  ? 48  LEU A CA  1 
ATOM   370 C C   . LEU A 1 51  ? -8.279  2.362   3.400   1.00 20.52  ? 48  LEU A C   1 
ATOM   371 O O   . LEU A 1 51  ? -8.919  3.380   3.712   1.00 20.52  ? 48  LEU A O   1 
ATOM   372 C CB  . LEU A 1 51  ? -5.900  1.905   4.022   1.00 18.98  ? 48  LEU A CB  1 
ATOM   373 C CG  . LEU A 1 51  ? -5.596  3.381   3.840   1.00 20.73  ? 48  LEU A CG  1 
ATOM   374 C CD1 . LEU A 1 51  ? -5.663  4.078   5.195   1.00 23.75  ? 48  LEU A CD1 1 
ATOM   375 C CD2 . LEU A 1 51  ? -4.229  3.537   3.214   1.00 21.51  ? 48  LEU A CD2 1 
ATOM   376 N N   . HIS A 1 52  ? -8.353  1.834   2.178   1.00 17.60  ? 49  HIS A N   1 
ATOM   377 C CA  . HIS A 1 52  ? -9.132  2.440   1.131   1.00 19.24  ? 49  HIS A CA  1 
ATOM   378 C C   . HIS A 1 52  ? -10.600 2.547   1.495   1.00 21.67  ? 49  HIS A C   1 
ATOM   379 O O   . HIS A 1 52  ? -11.223 3.594   1.330   1.00 21.59  ? 49  HIS A O   1 
ATOM   380 C CB  . HIS A 1 52  ? -9.027  1.567   -0.084  1.00 20.61  ? 49  HIS A CB  1 
ATOM   381 C CG  . HIS A 1 52  ? -9.763  2.092   -1.257  1.00 19.01  ? 49  HIS A CG  1 
ATOM   382 N ND1 . HIS A 1 52  ? -9.380  3.245   -1.915  1.00 19.60  ? 49  HIS A ND1 1 
ATOM   383 C CD2 . HIS A 1 52  ? -10.844 1.618   -1.912  1.00 21.59  ? 49  HIS A CD2 1 
ATOM   384 C CE1 . HIS A 1 52  ? -10.198 3.451   -2.927  1.00 22.85  ? 49  HIS A CE1 1 
ATOM   385 N NE2 . HIS A 1 52  ? -11.101 2.484   -2.939  1.00 24.30  ? 49  HIS A NE2 1 
ATOM   386 N N   . LYS A 1 53  ? -11.164 1.459   1.996   1.00 18.91  ? 50  LYS A N   1 
ATOM   387 C CA  . LYS A 1 53  ? -12.597 1.471   2.320   1.00 22.69  ? 50  LYS A CA  1 
ATOM   388 C C   . LYS A 1 53  ? -12.881 2.509   3.407   1.00 23.11  ? 50  LYS A C   1 
ATOM   389 O O   . LYS A 1 53  ? -13.877 3.233   3.320   1.00 27.24  ? 50  LYS A O   1 
ATOM   390 C CB  . LYS A 1 53  ? -13.058 0.082   2.757   1.00 27.08  ? 50  LYS A CB  1 
ATOM   391 C CG  . LYS A 1 53  ? -13.192 -0.922  1.616   1.00 35.98  ? 50  LYS A CG  1 
ATOM   392 C CD  . LYS A 1 53  ? -14.175 -0.481  0.534   1.00 46.87  ? 50  LYS A CD  1 
ATOM   393 C CE  . LYS A 1 53  ? -14.209 -1.477  -0.612  1.00 57.83  ? 50  LYS A CE  1 
ATOM   394 N NZ  . LYS A 1 53  ? -14.695 -0.868  -1.881  1.00 76.70  ? 50  LYS A NZ  1 
ATOM   395 N N   . LYS A 1 54  ? -12.002 2.631   4.391   1.00 21.39  ? 51  LYS A N   1 
ATOM   396 C CA  . LYS A 1 54  ? -12.228 3.580   5.500   1.00 24.18  ? 51  LYS A CA  1 
ATOM   397 C C   . LYS A 1 54  ? -11.972 4.997   5.073   1.00 30.97  ? 51  LYS A C   1 
ATOM   398 O O   . LYS A 1 54  ? -12.693 5.892   5.475   1.00 27.12  ? 51  LYS A O   1 
ATOM   399 C CB  . LYS A 1 54  ? -11.380 3.223   6.721   1.00 27.75  ? 51  LYS A CB  1 
ATOM   400 C CG  . LYS A 1 54  ? -11.721 1.858   7.271   1.00 29.07  ? 51  LYS A CG  1 
ATOM   401 C CD  . LYS A 1 54  ? -13.243 1.686   7.376   1.00 43.24  ? 51  LYS A CD  1 
ATOM   402 C CE  . LYS A 1 54  ? -13.663 0.669   8.415   1.00 47.27  ? 51  LYS A CE  1 
ATOM   403 N NZ  . LYS A 1 54  ? -14.955 -0.016  8.116   1.00 51.66  ? 51  LYS A NZ  1 
ATOM   404 N N   . LEU A 1 55  ? -10.957 5.214   4.248   1.00 21.73  ? 52  LEU A N   1 
ATOM   405 C CA  . LEU A 1 55  ? -10.706 6.560   3.728   1.00 23.31  ? 52  LEU A CA  1 
ATOM   406 C C   . LEU A 1 55  ? -11.781 7.033   2.814   1.00 29.24  ? 52  LEU A C   1 
ATOM   407 O O   . LEU A 1 55  ? -12.138 8.226   2.807   1.00 30.14  ? 52  LEU A O   1 
ATOM   408 C CB  . LEU A 1 55  ? -9.395  6.615   2.957   1.00 24.15  ? 52  LEU A CB  1 
ATOM   409 C CG  . LEU A 1 55  ? -8.163  6.828   3.780   1.00 28.69  ? 52  LEU A CG  1 
ATOM   410 C CD1 . LEU A 1 55  ? -6.991  6.897   2.806   1.00 28.45  ? 52  LEU A CD1 1 
ATOM   411 C CD2 . LEU A 1 55  ? -8.162  8.106   4.626   1.00 28.10  ? 52  LEU A CD2 1 
ATOM   412 N N   . GLN A 1 56  ? -12.281 6.120   2.002   1.00 27.13  ? 53  GLN A N   1 
ATOM   413 C CA  . GLN A 1 56  ? -13.320 6.436   1.045   1.00 30.77  ? 53  GLN A CA  1 
ATOM   414 C C   . GLN A 1 56  ? -14.592 6.882   1.774   1.00 34.45  ? 53  GLN A C   1 
ATOM   415 O O   . GLN A 1 56  ? -15.354 7.708   1.265   1.00 37.78  ? 53  GLN A O   1 
ATOM   416 C CB  . GLN A 1 56  ? -13.569 5.194   0.224   1.00 33.04  ? 53  GLN A CB  1 
ATOM   417 C CG  . GLN A 1 56  ? -14.528 5.304   -0.920  1.00 42.45  ? 53  GLN A CG  1 
ATOM   418 C CD  . GLN A 1 56  ? -14.465 4.063   -1.776  1.00 45.74  ? 53  GLN A CD  1 
ATOM   419 O OE1 . GLN A 1 56  ? -14.820 2.971   -1.339  1.00 44.93  ? 53  GLN A OE1 1 
ATOM   420 N NE2 . GLN A 1 56  ? -13.982 4.223   -2.996  1.00 48.90  ? 53  GLN A NE2 1 
ATOM   421 N N   . GLN A 1 57  ? -14.818 6.357   2.966   1.00 37.00  ? 54  GLN A N   1 
ATOM   422 C CA  . GLN A 1 57  ? -15.967 6.789   3.766   1.00 36.75  ? 54  GLN A CA  1 
ATOM   423 C C   . GLN A 1 57  ? -15.800 8.237   4.234   1.00 39.90  ? 54  GLN A C   1 
ATOM   424 O O   . GLN A 1 57  ? -16.772 8.982   4.272   1.00 42.25  ? 54  GLN A O   1 
ATOM   425 C CB  . GLN A 1 57  ? -16.209 5.852   4.942   1.00 39.85  ? 54  GLN A CB  1 
ATOM   426 C CG  . GLN A 1 57  ? -16.788 4.511   4.512   1.00 51.29  ? 54  GLN A CG  1 
ATOM   427 C CD  . GLN A 1 57  ? -16.486 3.349   5.464   1.00 66.44  ? 54  GLN A CD  1 
ATOM   428 O OE1 . GLN A 1 57  ? -16.118 3.541   6.631   1.00 64.52  ? 54  GLN A OE1 1 
ATOM   429 N NE2 . GLN A 1 57  ? -16.648 2.126   4.957   1.00 68.54  ? 54  GLN A NE2 1 
ATOM   430 N N   . ARG A 1 58  ? -14.573 8.645   4.540   1.00 34.53  ? 55  ARG A N   1 
ATOM   431 C CA  . ARG A 1 58  ? -14.306 9.961   5.085   1.00 32.59  ? 55  ARG A CA  1 
ATOM   432 C C   . ARG A 1 58  ? -14.163 11.013  3.988   1.00 33.20  ? 55  ARG A C   1 
ATOM   433 O O   . ARG A 1 58  ? -14.667 12.143  4.114   1.00 29.75  ? 55  ARG A O   1 
ATOM   434 C CB  . ARG A 1 58  ? -13.020 9.921   5.912   1.00 32.90  ? 55  ARG A CB  1 
ATOM   435 C CG  . ARG A 1 58  ? -13.087 9.120   7.203   1.00 47.38  ? 55  ARG A CG  1 
ATOM   436 C CD  . ARG A 1 58  ? -11.778 9.277   7.975   1.00 57.24  ? 55  ARG A CD  1 
ATOM   437 N NE  . ARG A 1 58  ? -11.711 8.484   9.200   1.00 67.53  ? 55  ARG A NE  1 
ATOM   438 C CZ  . ARG A 1 58  ? -10.796 8.655   10.155  1.00 71.31  ? 55  ARG A CZ  1 
ATOM   439 N NH1 . ARG A 1 58  ? -9.865  9.596   10.038  1.00 71.72  ? 55  ARG A NH1 1 
ATOM   440 N NH2 . ARG A 1 58  ? -10.809 7.884   11.239  1.00 74.76  ? 55  ARG A NH2 1 
ATOM   441 N N   . TYR A 1 59  ? -13.497 10.641  2.895   1.00 27.30  ? 56  TYR A N   1 
ATOM   442 C CA  . TYR A 1 59  ? -13.089 11.571  1.861   1.00 26.66  ? 56  TYR A CA  1 
ATOM   443 C C   . TYR A 1 59  ? -13.290 10.984  0.477   1.00 26.51  ? 56  TYR A C   1 
ATOM   444 O O   . TYR A 1 59  ? -12.336 10.885  -0.288  1.00 27.41  ? 56  TYR A O   1 
ATOM   445 C CB  . TYR A 1 59  ? -11.616 11.912  2.029   1.00 30.58  ? 56  TYR A CB  1 
ATOM   446 C CG  . TYR A 1 59  ? -11.260 12.643  3.303   1.00 36.30  ? 56  TYR A CG  1 
ATOM   447 C CD1 . TYR A 1 59  ? -11.514 14.005  3.417   1.00 43.90  ? 56  TYR A CD1 1 
ATOM   448 C CD2 . TYR A 1 59  ? -10.648 11.988  4.390   1.00 40.94  ? 56  TYR A CD2 1 
ATOM   449 C CE1 . TYR A 1 59  ? -11.187 14.707  4.561   1.00 44.44  ? 56  TYR A CE1 1 
ATOM   450 C CE2 . TYR A 1 59  ? -10.337 12.689  5.556   1.00 36.90  ? 56  TYR A CE2 1 
ATOM   451 C CZ  . TYR A 1 59  ? -10.603 14.051  5.621   1.00 47.92  ? 56  TYR A CZ  1 
ATOM   452 O OH  . TYR A 1 59  ? -10.303 14.793  6.742   1.00 44.35  ? 56  TYR A OH  1 
ATOM   453 N N   . PRO A 1 60  ? -14.529 10.631  0.123   1.00 28.11  ? 57  PRO A N   1 
ATOM   454 C CA  . PRO A 1 60  ? -14.830 10.003  -1.169  1.00 29.98  ? 57  PRO A CA  1 
ATOM   455 C C   . PRO A 1 60  ? -14.398 10.823  -2.379  1.00 34.21  ? 57  PRO A C   1 
ATOM   456 O O   . PRO A 1 60  ? -14.056 10.262  -3.428  1.00 34.13  ? 57  PRO A O   1 
ATOM   457 C CB  . PRO A 1 60  ? -16.343 9.795   -1.136  1.00 31.44  ? 57  PRO A CB  1 
ATOM   458 C CG  . PRO A 1 60  ? -16.835 10.748  -0.062  1.00 30.89  ? 57  PRO A CG  1 
ATOM   459 C CD  . PRO A 1 60  ? -15.741 10.817  0.944   1.00 28.90  ? 57  PRO A CD  1 
ATOM   460 N N   . GLU A 1 61  ? -14.345 12.140  -2.237  1.00 29.04  ? 58  GLU A N   1 
ATOM   461 C CA  . GLU A 1 61  ? -13.880 13.006  -3.325  1.00 26.20  ? 58  GLU A CA  1 
ATOM   462 C C   . GLU A 1 61  ? -12.401 12.926  -3.610  1.00 29.27  ? 58  GLU A C   1 
ATOM   463 O O   . GLU A 1 61  ? -11.976 13.321  -4.690  1.00 29.08  ? 58  GLU A O   1 
ATOM   464 C CB  . GLU A 1 61  ? -14.159 14.481  -2.978  1.00 30.84  ? 58  GLU A CB  1 
ATOM   465 C CG  . GLU A 1 61  ? -15.628 14.783  -2.731  1.00 24.98  ? 58  GLU A CG  1 
ATOM   466 C CD  . GLU A 1 61  ? -16.132 14.402  -1.357  1.00 26.92  ? 58  GLU A CD  1 
ATOM   467 O OE1 . GLU A 1 61  ? -15.401 13.868  -0.495  1.00 22.73  ? 58  GLU A OE1 1 
ATOM   468 O OE2 . GLU A 1 61  ? -17.326 14.666  -1.120  1.00 24.37  ? 58  GLU A OE2 1 
ATOM   469 N N   . LEU A 1 62  ? -11.602 12.537  -2.619  1.00 27.21  ? 59  LEU A N   1 
ATOM   470 C CA  . LEU A 1 62  ? -10.169 12.640  -2.761  1.00 27.85  ? 59  LEU A CA  1 
ATOM   471 C C   . LEU A 1 62  ? -9.445  11.321  -2.961  1.00 23.80  ? 59  LEU A C   1 
ATOM   472 O O   . LEU A 1 62  ? -8.299  11.311  -3.403  1.00 28.97  ? 59  LEU A O   1 
ATOM   473 C CB  . LEU A 1 62  ? -9.565  13.269  -1.517  1.00 29.77  ? 59  LEU A CB  1 
ATOM   474 C CG  . LEU A 1 62  ? -10.131 14.637  -1.170  1.00 39.14  ? 59  LEU A CG  1 
ATOM   475 C CD1 . LEU A 1 62  ? -9.371  15.107  0.071   1.00 38.20  ? 59  LEU A CD1 1 
ATOM   476 C CD2 . LEU A 1 62  ? -9.943  15.553  -2.382  1.00 37.31  ? 59  LEU A CD2 1 
ATOM   477 N N   . VAL A 1 63  ? -10.079 10.239  -2.577  1.00 22.21  ? 60  VAL A N   1 
ATOM   478 C CA  . VAL A 1 63  ? -9.386  8.936   -2.622  1.00 21.30  ? 60  VAL A CA  1 
ATOM   479 C C   . VAL A 1 63  ? -9.287  8.473   -4.068  1.00 26.34  ? 60  VAL A C   1 
ATOM   480 O O   . VAL A 1 63  ? -10.299 8.424   -4.790  1.00 25.43  ? 60  VAL A O   1 
ATOM   481 C CB  . VAL A 1 63  ? -10.082 7.885   -1.746  1.00 25.95  ? 60  VAL A CB  1 
ATOM   482 C CG1 . VAL A 1 63  ? -9.352  6.547   -1.819  1.00 29.86  ? 60  VAL A CG1 1 
ATOM   483 C CG2 . VAL A 1 63  ? -10.126 8.310   -0.286  1.00 28.28  ? 60  VAL A CG2 1 
ATOM   484 N N   . PRO A 1 64  ? -8.074  8.123   -4.510  1.00 23.62  ? 61  PRO A N   1 
ATOM   485 C CA  . PRO A 1 64  ? -7.868  7.590   -5.844  1.00 24.98  ? 61  PRO A CA  1 
ATOM   486 C C   . PRO A 1 64  ? -8.394  6.155   -5.994  1.00 26.18  ? 61  PRO A C   1 
ATOM   487 O O   . PRO A 1 64  ? -8.746  5.503   -5.014  1.00 22.53  ? 61  PRO A O   1 
ATOM   488 C CB  . PRO A 1 64  ? -6.349  7.601   -6.000  1.00 26.11  ? 61  PRO A CB  1 
ATOM   489 C CG  . PRO A 1 64  ? -5.799  7.602   -4.647  1.00 28.10  ? 61  PRO A CG  1 
ATOM   490 C CD  . PRO A 1 64  ? -6.816  8.243   -3.754  1.00 26.80  ? 61  PRO A CD  1 
ATOM   491 N N   . GLU A 1 65  ? -8.397  5.687   -7.226  1.00 26.05  ? 62  GLU A N   1 
ATOM   492 C CA  . GLU A 1 65  ? -8.731  4.325   -7.549  1.00 25.86  ? 62  GLU A CA  1 
ATOM   493 C C   . GLU A 1 65  ? -7.706  3.323   -6.968  1.00 23.09  ? 62  GLU A C   1 
ATOM   494 O O   . GLU A 1 65  ? -6.516  3.453   -7.186  1.00 22.60  ? 62  GLU A O   1 
ATOM   495 C CB  . GLU A 1 65  ? -8.758  4.204   -9.073  1.00 36.54  ? 62  GLU A CB  1 
ATOM   496 C CG  . GLU A 1 65  ? -9.216  2.839   -9.541  1.00 41.63  ? 62  GLU A CG  1 
ATOM   497 C CD  . GLU A 1 65  ? -9.008  2.622   -11.034 1.00 59.67  ? 62  GLU A CD  1 
ATOM   498 O OE1 . GLU A 1 65  ? -8.362  3.486   -11.690 1.00 56.11  ? 62  GLU A OE1 1 
ATOM   499 O OE2 . GLU A 1 65  ? -9.496  1.579   -11.536 1.00 61.09  ? 62  GLU A OE2 1 
ATOM   500 N N   . LEU A 1 66  ? -8.188  2.327   -6.237  1.00 19.80  ? 63  LEU A N   1 
ATOM   501 C CA  . LEU A 1 66  ? -7.328  1.298   -5.684  1.00 17.46  ? 63  LEU A CA  1 
ATOM   502 C C   . LEU A 1 66  ? -7.163  0.210   -6.746  1.00 18.44  ? 63  LEU A C   1 
ATOM   503 O O   . LEU A 1 66  ? -8.134  -0.158  -7.372  1.00 18.10  ? 63  LEU A O   1 
ATOM   504 C CB  . LEU A 1 66  ? -8.007  0.652   -4.462  1.00 18.02  ? 63  LEU A CB  1 
ATOM   505 C CG  . LEU A 1 66  ? -7.148  -0.398  -3.719  1.00 18.11  ? 63  LEU A CG  1 
ATOM   506 C CD1 . LEU A 1 66  ? -6.019  0.188   -2.900  1.00 20.04  ? 63  LEU A CD1 1 
ATOM   507 C CD2 . LEU A 1 66  ? -8.004  -1.244  -2.813  1.00 22.20  ? 63  LEU A CD2 1 
ATOM   508 N N   . PRO A 1 67  ? -5.967  -0.367  -6.874  1.00 18.19  ? 64  PRO A N   1 
ATOM   509 C CA  . PRO A 1 67  ? -5.805  -1.554  -7.749  1.00 19.60  ? 64  PRO A CA  1 
ATOM   510 C C   . PRO A 1 67  ? -6.781  -2.667  -7.378  1.00 17.52  ? 64  PRO A C   1 
ATOM   511 O O   . PRO A 1 67  ? -7.120  -2.860  -6.210  1.00 19.98  ? 64  PRO A O   1 
ATOM   512 C CB  . PRO A 1 67  ? -4.347  -1.974  -7.500  1.00 19.13  ? 64  PRO A CB  1 
ATOM   513 C CG  . PRO A 1 67  ? -3.695  -0.718  -7.115  1.00 20.17  ? 64  PRO A CG  1 
ATOM   514 C CD  . PRO A 1 67  ? -4.682  0.076   -6.321  1.00 18.28  ? 64  PRO A CD  1 
ATOM   515 N N   . PRO A 1 68  ? -7.275  -3.384  -8.374  1.00 20.10  ? 65  PRO A N   1 
ATOM   516 C CA  . PRO A 1 68  ? -8.381  -4.293  -8.154  1.00 22.64  ? 65  PRO A CA  1 
ATOM   517 C C   . PRO A 1 68  ? -8.075  -5.590  -7.404  1.00 21.78  ? 65  PRO A C   1 
ATOM   518 O O   . PRO A 1 68  ? -6.924  -6.083  -7.365  1.00 19.51  ? 65  PRO A O   1 
ATOM   519 C CB  . PRO A 1 68  ? -8.825  -4.636  -9.584  1.00 24.26  ? 65  PRO A CB  1 
ATOM   520 C CG  . PRO A 1 68  ? -7.626  -4.509  -10.389 1.00 27.29  ? 65  PRO A CG  1 
ATOM   521 C CD  . PRO A 1 68  ? -6.807  -3.397  -9.769  1.00 27.03  ? 65  PRO A CD  1 
ATOM   522 N N   . LYS A 1 69  ? -9.137  -6.184  -6.859  1.00 21.90  ? 66  LYS A N   1 
ATOM   523 C CA  . LYS A 1 69  ? -9.075  -7.523  -6.311  1.00 22.43  ? 66  LYS A CA  1 
ATOM   524 C C   . LYS A 1 69  ? -8.877  -8.504  -7.456  1.00 20.19  ? 66  LYS A C   1 
ATOM   525 O O   . LYS A 1 69  ? -9.377  -8.291  -8.555  1.00 21.94  ? 66  LYS A O   1 
ATOM   526 C CB  . LYS A 1 69  ? -10.358 -7.909  -5.548  1.00 27.65  ? 66  LYS A CB  1 
ATOM   527 C CG  . LYS A 1 69  ? -10.548 -7.149  -4.257  1.00 35.79  ? 66  LYS A CG  1 
ATOM   528 C CD  . LYS A 1 69  ? -11.676 -7.740  -3.432  1.00 40.59  ? 66  LYS A CD  1 
ATOM   529 C CE  . LYS A 1 69  ? -13.034 -7.375  -4.000  1.00 50.70  ? 66  LYS A CE  1 
ATOM   530 N NZ  . LYS A 1 69  ? -14.069 -7.256  -2.922  1.00 52.97  ? 66  LYS A NZ  1 
ATOM   531 N N   . LYS A 1 70  ? -8.123  -9.557  -7.151  1.00 18.74  ? 67  LYS A N   1 
ATOM   532 C CA  . LYS A 1 70  ? -7.772  -10.573 -8.150  1.00 22.47  ? 67  LYS A CA  1 
ATOM   533 C C   . LYS A 1 70  ? -7.750  -11.920 -7.493  1.00 23.87  ? 67  LYS A C   1 
ATOM   534 O O   . LYS A 1 70  ? -7.406  -12.058 -6.339  1.00 22.98  ? 67  LYS A O   1 
ATOM   535 C CB  . LYS A 1 70  ? -6.378  -10.321 -8.753  1.00 23.87  ? 67  LYS A CB  1 
ATOM   536 C CG  . LYS A 1 70  ? -6.243  -8.987  -9.515  1.00 25.45  ? 67  LYS A CG  1 
ATOM   537 C CD  . LYS A 1 70  ? -4.861  -8.743  -10.117 1.00 28.31  ? 67  LYS A CD  1 
ATOM   538 C CE  . LYS A 1 70  ? -4.651  -9.618  -11.333 1.00 34.07  ? 67  LYS A CE  1 
ATOM   539 N NZ  . LYS A 1 70  ? -5.665  -9.464  -12.429 1.00 36.06  ? 67  LYS A NZ  1 
ATOM   540 N N   . TRP A 1 71  ? -8.116  -12.931 -8.252  1.00 22.57  ? 68  TRP A N   1 
ATOM   541 C CA  . TRP A 1 71  ? -7.782  -14.293 -7.904  1.00 23.93  ? 68  TRP A CA  1 
ATOM   542 C C   . TRP A 1 71  ? -6.307  -14.488 -8.353  1.00 23.86  ? 68  TRP A C   1 
ATOM   543 O O   . TRP A 1 71  ? -5.937  -14.397 -9.550  1.00 33.01  ? 68  TRP A O   1 
ATOM   544 C CB  . TRP A 1 71  ? -8.710  -15.249 -8.663  1.00 21.98  ? 68  TRP A CB  1 
ATOM   545 C CG  . TRP A 1 71  ? -8.258  -16.687 -8.660  1.00 24.72  ? 68  TRP A CG  1 
ATOM   546 C CD1 . TRP A 1 71  ? -8.280  -17.546 -7.606  1.00 25.65  ? 68  TRP A CD1 1 
ATOM   547 C CD2 . TRP A 1 71  ? -7.779  -17.434 -9.790  1.00 19.79  ? 68  TRP A CD2 1 
ATOM   548 N NE1 . TRP A 1 71  ? -7.814  -18.794 -8.009  1.00 25.07  ? 68  TRP A NE1 1 
ATOM   549 C CE2 . TRP A 1 71  ? -7.495  -18.740 -9.337  1.00 22.93  ? 68  TRP A CE2 1 
ATOM   550 C CE3 . TRP A 1 71  ? -7.538  -17.121 -11.134 1.00 21.96  ? 68  TRP A CE3 1 
ATOM   551 C CZ2 . TRP A 1 71  ? -7.004  -19.728 -10.200 1.00 22.98  ? 68  TRP A CZ2 1 
ATOM   552 C CZ3 . TRP A 1 71  ? -7.021  -18.092 -11.961 1.00 25.11  ? 68  TRP A CZ3 1 
ATOM   553 C CH2 . TRP A 1 71  ? -6.773  -19.374 -11.491 1.00 26.36  ? 68  TRP A CH2 1 
ATOM   554 N N   . ILE A 1 72  ? -5.448  -14.735 -7.423  1.00 25.96  ? 69  ILE A N   1 
ATOM   555 C CA  . ILE A 1 72  ? -3.998  -14.895 -7.745  1.00 36.02  ? 69  ILE A CA  1 
ATOM   556 C C   . ILE A 1 72  ? -3.649  -16.275 -7.279  1.00 39.55  ? 69  ILE A C   1 
ATOM   557 O O   . ILE A 1 72  ? -3.721  -16.528 -6.103  1.00 32.53  ? 69  ILE A O   1 
ATOM   558 C CB  . ILE A 1 72  ? -3.084  -13.870 -7.014  1.00 46.55  ? 69  ILE A CB  1 
ATOM   559 C CG1 . ILE A 1 72  ? -3.661  -12.477 -7.171  1.00 36.77  ? 69  ILE A CG1 1 
ATOM   560 C CG2 . ILE A 1 72  ? -1.628  -13.916 -7.531  1.00 47.38  ? 69  ILE A CG2 1 
ATOM   561 C CD1 . ILE A 1 72  ? -2.730  -11.388 -6.783  1.00 35.38  ? 69  ILE A CD1 1 
ATOM   562 N N   . TYR A 1 73  ? -3.295  -17.162 -8.219  1.00 33.67  ? 70  TYR A N   1 
ATOM   563 C CA  . TYR A 1 73  ? -3.054  -18.553 -7.878  1.00 51.11  ? 70  TYR A CA  1 
ATOM   564 C C   . TYR A 1 73  ? -1.670  -18.811 -7.246  1.00 62.26  ? 70  TYR A C   1 
ATOM   565 O O   . TYR A 1 73  ? -0.637  -18.684 -7.912  1.00 86.86  ? 70  TYR A O   1 
ATOM   566 C CB  . TYR A 1 73  ? -3.212  -19.384 -9.132  1.00 48.52  ? 70  TYR A CB  1 
ATOM   567 C CG  . TYR A 1 73  ? -2.763  -20.816 -9.026  1.00 46.90  ? 70  TYR A CG  1 
ATOM   568 C CD1 . TYR A 1 73  ? -3.555  -21.774 -8.400  1.00 54.83  ? 70  TYR A CD1 1 
ATOM   569 C CD2 . TYR A 1 73  ? -1.572  -21.228 -9.618  1.00 49.63  ? 70  TYR A CD2 1 
ATOM   570 C CE1 . TYR A 1 73  ? -3.156  -23.103 -8.338  1.00 44.23  ? 70  TYR A CE1 1 
ATOM   571 C CE2 . TYR A 1 73  ? -1.168  -22.554 -9.573  1.00 54.80  ? 70  TYR A CE2 1 
ATOM   572 C CZ  . TYR A 1 73  ? -1.957  -23.484 -8.931  1.00 55.73  ? 70  TYR A CZ  1 
ATOM   573 O OH  . TYR A 1 73  ? -1.534  -24.793 -8.880  1.00 64.31  ? 70  TYR A OH  1 
ATOM   574 N N   . SER A 1 74  ? -1.679  -19.191 -5.967  1.00 85.74  ? 71  SER A N   1 
ATOM   575 C CA  . SER A 1 74  ? -0.465  -19.524 -5.203  1.00 101.21 ? 71  SER A CA  1 
ATOM   576 C C   . SER A 1 74  ? 0.492   -18.338 -5.076  1.00 107.14 ? 71  SER A C   1 
ATOM   577 O O   . SER A 1 74  ? 1.664   -18.514 -4.731  1.00 135.79 ? 71  SER A O   1 
ATOM   578 C CB  . SER A 1 74  ? 0.256   -20.733 -5.821  1.00 97.88  ? 71  SER A CB  1 
ATOM   579 O OG  . SER A 1 74  ? -0.363  -21.956 -5.434  1.00 73.29  ? 71  SER A OG  1 
ATOM   580 N N   . ALA A 1 75  ? -0.020  -17.133 -5.330  1.00 97.90  ? 72  ALA A N   1 
ATOM   581 C CA  . ALA A 1 75  ? 0.824   -15.961 -5.503  1.00 101.16 ? 72  ALA A CA  1 
ATOM   582 C C   . ALA A 1 75  ? 1.808   -16.248 -6.640  1.00 104.95 ? 72  ALA A C   1 
ATOM   583 O O   . ALA A 1 75  ? 2.814   -15.557 -6.818  1.00 77.34  ? 72  ALA A O   1 
ATOM   584 C CB  . ALA A 1 75  ? 1.562   -15.657 -4.213  1.00 98.94  ? 72  ALA A CB  1 
ATOM   585 N N   . LEU A 1 76  ? 1.489   -17.279 -7.418  1.00 123.10 ? 73  LEU A N   1 
ATOM   586 C CA  . LEU A 1 76  ? 2.414   -17.849 -8.386  1.00 125.86 ? 73  LEU A CA  1 
ATOM   587 C C   . LEU A 1 76  ? 2.916   -16.813 -9.376  1.00 107.41 ? 73  LEU A C   1 
ATOM   588 O O   . LEU A 1 76  ? 4.072   -16.878 -9.797  1.00 108.89 ? 73  LEU A O   1 
ATOM   589 C CB  . LEU A 1 76  ? 1.747   -19.004 -9.150  1.00 124.69 ? 73  LEU A CB  1 
ATOM   590 C CG  . LEU A 1 76  ? 2.563   -19.632 -10.284 1.00 130.86 ? 73  LEU A CG  1 
ATOM   591 C CD1 . LEU A 1 76  ? 3.768   -20.364 -9.712  1.00 138.88 ? 73  LEU A CD1 1 
ATOM   592 C CD2 . LEU A 1 76  ? 1.704   -20.558 -11.136 1.00 126.26 ? 73  LEU A CD2 1 
ATOM   593 N N   . ASP A 1 77  ? 2.060   -15.864 -9.753  1.00 75.89  ? 74  ASP A N   1 
ATOM   594 C CA  . ASP A 1 77  ? 2.391   -15.032 -10.884 1.00 54.58  ? 74  ASP A CA  1 
ATOM   595 C C   . ASP A 1 77  ? 3.072   -13.729 -10.497 1.00 35.75  ? 74  ASP A C   1 
ATOM   596 O O   . ASP A 1 77  ? 2.464   -12.764 -10.074 1.00 26.80  ? 74  ASP A O   1 
ATOM   597 C CB  . ASP A 1 77  ? 1.214   -14.802 -11.815 1.00 47.63  ? 74  ASP A CB  1 
ATOM   598 C CG  . ASP A 1 77  ? 1.666   -14.368 -13.207 1.00 56.82  ? 74  ASP A CG  1 
ATOM   599 O OD1 . ASP A 1 77  ? 2.763   -13.785 -13.313 1.00 48.01  ? 74  ASP A OD1 1 
ATOM   600 O OD2 . ASP A 1 77  ? 0.944   -14.612 -14.207 1.00 61.43  ? 74  ASP A OD2 1 
ATOM   601 N N   . GLU A 1 78  ? 4.382   -13.704 -10.679 1.00 30.45  ? 75  GLU A N   1 
ATOM   602 C CA  . GLU A 1 78  ? 5.144   -12.521 -10.382 1.00 26.52  ? 75  GLU A CA  1 
ATOM   603 C C   . GLU A 1 78  ? 4.874   -11.419 -11.333 1.00 23.51  ? 75  GLU A C   1 
ATOM   604 O O   . GLU A 1 78  ? 5.115   -10.271 -11.002 1.00 25.98  ? 75  GLU A O   1 
ATOM   605 C CB  . GLU A 1 78  ? 6.656   -12.842 -10.356 1.00 30.95  ? 75  GLU A CB  1 
ATOM   606 C CG  . GLU A 1 78  ? 7.074   -13.539 -9.069  1.00 43.03  ? 75  GLU A CG  1 
ATOM   607 C CD  . GLU A 1 78  ? 7.197   -15.030 -9.233  1.00 56.63  ? 75  GLU A CD  1 
ATOM   608 O OE1 . GLU A 1 78  ? 6.664   -15.552 -10.240 1.00 74.81  ? 75  GLU A OE1 1 
ATOM   609 O OE2 . GLU A 1 78  ? 7.827   -15.674 -8.363  1.00 68.18  ? 75  GLU A OE2 1 
ATOM   610 N N   . GLN A 1 79  ? 4.367   -11.704 -12.534 1.00 21.52  ? 76  GLN A N   1 
ATOM   611 C CA  . GLN A 1 79  ? 4.084   -10.658 -13.441 1.00 25.85  ? 76  GLN A CA  1 
ATOM   612 C C   . GLN A 1 79  ? 2.875   -9.847  -12.905 1.00 24.56  ? 76  GLN A C   1 
ATOM   613 O O   . GLN A 1 79  ? 2.872   -8.605  -12.953 1.00 26.36  ? 76  GLN A O   1 
ATOM   614 C CB  . GLN A 1 79  ? 3.818   -11.221 -14.822 1.00 35.62  ? 76  GLN A CB  1 
ATOM   615 C CG  . GLN A 1 79  ? 2.896   -10.417 -15.692 1.00 55.01  ? 76  GLN A CG  1 
ATOM   616 C CD  . GLN A 1 79  ? 2.433   -11.239 -16.884 1.00 77.42  ? 76  GLN A CD  1 
ATOM   617 O OE1 . GLN A 1 79  ? 2.917   -11.044 -18.001 1.00 82.71  ? 76  GLN A OE1 1 
ATOM   618 N NE2 . GLN A 1 79  ? 1.519   -12.196 -16.642 1.00 77.62  ? 76  GLN A NE2 1 
ATOM   619 N N   . ILE A 1 80  ? 1.895   -10.574 -12.384 1.00 24.67  ? 77  ILE A N   1 
ATOM   620 C CA  . ILE A 1 80  ? 0.717   -9.928  -11.721 1.00 26.88  ? 77  ILE A CA  1 
ATOM   621 C C   . ILE A 1 80  ? 1.169   -9.102  -10.499 1.00 27.76  ? 77  ILE A C   1 
ATOM   622 O O   . ILE A 1 80  ? 0.721   -7.968  -10.287 1.00 24.24  ? 77  ILE A O   1 
ATOM   623 C CB  . ILE A 1 80  ? -0.298  -11.002 -11.288 1.00 32.99  ? 77  ILE A CB  1 
ATOM   624 C CG1 . ILE A 1 80  ? -1.047  -11.518 -12.524 1.00 42.50  ? 77  ILE A CG1 1 
ATOM   625 C CG2 . ILE A 1 80  ? -1.258  -10.477 -10.236 1.00 30.03  ? 77  ILE A CG2 1 
ATOM   626 C CD1 . ILE A 1 80  ? -2.002  -12.646 -12.188 1.00 55.40  ? 77  ILE A CD1 1 
ATOM   627 N N   . LEU A 1 81  ? 2.054   -9.673  -9.703  1.00 23.61  ? 78  LEU A N   1 
ATOM   628 C CA  . LEU A 1 81  ? 2.596   -8.965  -8.519  1.00 23.01  ? 78  LEU A CA  1 
ATOM   629 C C   . LEU A 1 81  ? 3.396   -7.714  -8.893  1.00 25.42  ? 78  LEU A C   1 
ATOM   630 O O   . LEU A 1 81  ? 3.287   -6.687  -8.219  1.00 21.15  ? 78  LEU A O   1 
ATOM   631 C CB  . LEU A 1 81  ? 3.410   -9.899  -7.626  1.00 22.77  ? 78  LEU A CB  1 
ATOM   632 C CG  . LEU A 1 81  ? 2.739   -11.119 -6.999  1.00 21.75  ? 78  LEU A CG  1 
ATOM   633 C CD1 . LEU A 1 81  ? 3.648   -12.027 -6.205  1.00 23.39  ? 78  LEU A CD1 1 
ATOM   634 C CD2 . LEU A 1 81  ? 1.516   -10.685 -6.182  1.00 23.19  ? 78  LEU A CD2 1 
ATOM   635 N N   . GLU A 1 82  ? 4.192   -7.737  -9.974  1.00 22.08  ? 79  GLU A N   1 
ATOM   636 C CA  . GLU A 1 82  ? 4.869   -6.526  -10.353 1.00 25.00  ? 79  GLU A CA  1 
ATOM   637 C C   . GLU A 1 82  ? 3.921   -5.384  -10.725 1.00 22.48  ? 79  GLU A C   1 
ATOM   638 O O   . GLU A 1 82  ? 4.168   -4.233  -10.382 1.00 21.18  ? 79  GLU A O   1 
ATOM   639 C CB  . GLU A 1 82  ? 5.807   -6.742  -11.543 1.00 25.78  ? 79  GLU A CB  1 
ATOM   640 C CG  . GLU A 1 82  ? 6.980   -7.656  -11.287 1.00 25.89  ? 79  GLU A CG  1 
ATOM   641 C CD  . GLU A 1 82  ? 7.985   -7.154  -10.266 1.00 25.49  ? 79  GLU A CD  1 
ATOM   642 O OE1 . GLU A 1 82  ? 7.990   -5.954  -9.916  1.00 26.21  ? 79  GLU A OE1 1 
ATOM   643 O OE2 . GLU A 1 82  ? 8.723   -8.020  -9.755  1.00 27.60  ? 79  GLU A OE2 1 
ATOM   644 N N   . LYS A 1 83  ? 2.836   -5.708  -11.445 1.00 20.54  ? 80  LYS A N   1 
ATOM   645 C CA  . LYS A 1 83  ? 1.833   -4.715  -11.837 1.00 20.73  ? 80  LYS A CA  1 
ATOM   646 C C   . LYS A 1 83  ? 1.046   -4.222  -10.636 1.00 17.49  ? 80  LYS A C   1 
ATOM   647 O O   . LYS A 1 83  ? 0.788   -3.016  -10.548 1.00 20.74  ? 80  LYS A O   1 
ATOM   648 C CB  . LYS A 1 83  ? 0.856   -5.289  -12.857 1.00 24.42  ? 80  LYS A CB  1 
ATOM   649 C CG  . LYS A 1 83  ? -0.212  -4.273  -13.262 1.00 29.17  ? 80  LYS A CG  1 
ATOM   650 C CD  . LYS A 1 83  ? -1.303  -4.879  -14.158 1.00 40.41  ? 80  LYS A CD  1 
ATOM   651 C CE  . LYS A 1 83  ? -2.354  -3.846  -14.548 1.00 43.76  ? 80  LYS A CE  1 
ATOM   652 N NZ  . LYS A 1 83  ? -3.301  -4.401  -15.566 1.00 44.01  ? 80  LYS A NZ  1 
ATOM   653 N N   . ARG A 1 84  ? 0.686   -5.121  -9.720  1.00 18.56  ? 81  ARG A N   1 
ATOM   654 C CA  . ARG A 1 84  ? 0.014   -4.698  -8.475  1.00 16.58  ? 81  ARG A CA  1 
ATOM   655 C C   . ARG A 1 84  ? 0.942   -3.772  -7.641  1.00 16.27  ? 81  ARG A C   1 
ATOM   656 O O   . ARG A 1 84  ? 0.495   -2.766  -7.139  1.00 18.06  ? 81  ARG A O   1 
ATOM   657 C CB  . ARG A 1 84  ? -0.403  -5.897  -7.649  1.00 17.51  ? 81  ARG A CB  1 
ATOM   658 C CG  . ARG A 1 84  ? -1.021  -5.547  -6.321  1.00 19.80  ? 81  ARG A CG  1 
ATOM   659 C CD  . ARG A 1 84  ? -1.629  -6.740  -5.625  1.00 18.02  ? 81  ARG A CD  1 
ATOM   660 N NE  . ARG A 1 84  ? -3.028  -6.971  -5.996  1.00 18.95  ? 81  ARG A NE  1 
ATOM   661 C CZ  . ARG A 1 84  ? -3.798  -7.901  -5.438  1.00 18.06  ? 81  ARG A CZ  1 
ATOM   662 N NH1 . ARG A 1 84  ? -3.322  -8.704  -4.524  1.00 17.96  ? 81  ARG A NH1 1 
ATOM   663 N NH2 . ARG A 1 84  ? -5.095  -7.993  -5.747  1.00 20.13  ? 81  ARG A NH2 1 
ATOM   664 N N   . LYS A 1 85  ? 2.206   -4.139  -7.515  1.00 17.58  ? 82  LYS A N   1 
ATOM   665 C CA  . LYS A 1 85  ? 3.186   -3.300  -6.804  1.00 16.54  ? 82  LYS A CA  1 
ATOM   666 C C   . LYS A 1 85  ? 3.156   -1.884  -7.370  1.00 16.61  ? 82  LYS A C   1 
ATOM   667 O O   . LYS A 1 85  ? 3.082   -0.867  -6.618  1.00 18.68  ? 82  LYS A O   1 
ATOM   668 C CB  . LYS A 1 85  ? 4.586   -3.893  -6.921  1.00 19.25  ? 82  LYS A CB  1 
ATOM   669 C CG  . LYS A 1 85  ? 5.596   -3.022  -6.177  1.00 18.71  ? 82  LYS A CG  1 
ATOM   670 C CD  . LYS A 1 85  ? 6.991   -3.644  -6.178  1.00 19.55  ? 82  LYS A CD  1 
ATOM   671 C CE  . LYS A 1 85  ? 7.447   -3.755  -7.624  1.00 24.05  ? 82  LYS A CE  1 
ATOM   672 N NZ  . LYS A 1 85  ? 8.887   -4.130  -7.701  1.00 25.37  ? 82  LYS A NZ  1 
ATOM   673 N N   . GLN A 1 86  ? 3.253   -1.768  -8.694  1.00 17.82  ? 83  GLN A N   1 
ATOM   674 C CA  . GLN A 1 86  ? 3.263   -0.478  -9.352  1.00 18.84  ? 83  GLN A CA  1 
ATOM   675 C C   . GLN A 1 86  ? 2.001   0.331   -9.100  1.00 19.32  ? 83  GLN A C   1 
ATOM   676 O O   . GLN A 1 86  ? 2.041   1.529   -8.842  1.00 20.81  ? 83  GLN A O   1 
ATOM   677 C CB  . GLN A 1 86  ? 3.419   -0.680  -10.841 1.00 25.52  ? 83  GLN A CB  1 
ATOM   678 C CG  . GLN A 1 86  ? 4.689   -1.373  -11.237 1.00 37.41  ? 83  GLN A CG  1 
ATOM   679 C CD  . GLN A 1 86  ? 4.717   -1.693  -12.731 1.00 55.32  ? 83  GLN A CD  1 
ATOM   680 O OE1 . GLN A 1 86  ? 3.994   -1.067  -13.530 1.00 59.46  ? 83  GLN A OE1 1 
ATOM   681 N NE2 . GLN A 1 86  ? 5.542   -2.675  -13.116 1.00 58.49  ? 83  GLN A NE2 1 
ATOM   682 N N   . GLY A 1 87  ? 0.873   -0.366  -9.146  1.00 19.39  ? 84  GLY A N   1 
ATOM   683 C CA  . GLY A 1 87  ? -0.415  0.301   -8.896  1.00 18.64  ? 84  GLY A CA  1 
ATOM   684 C C   . GLY A 1 87  ? -0.589  0.740   -7.479  1.00 16.24  ? 84  GLY A C   1 
ATOM   685 O O   . GLY A 1 87  ? -1.145  1.829   -7.208  1.00 19.89  ? 84  GLY A O   1 
ATOM   686 N N   . LEU A 1 88  ? -0.154  -0.098  -6.535  1.00 17.87  ? 85  LEU A N   1 
ATOM   687 C CA  . LEU A 1 88  ? -0.241  0.262   -5.108  1.00 15.07  ? 85  LEU A CA  1 
ATOM   688 C C   . LEU A 1 88  ? 0.695   1.421   -4.793  1.00 15.87  ? 85  LEU A C   1 
ATOM   689 O O   . LEU A 1 88  ? 0.383   2.267   -3.976  1.00 17.55  ? 85  LEU A O   1 
ATOM   690 C CB  . LEU A 1 88  ? 0.141   -0.930  -4.236  1.00 16.55  ? 85  LEU A CB  1 
ATOM   691 C CG  . LEU A 1 88  ? -0.881  -2.075  -4.213  1.00 15.53  ? 85  LEU A CG  1 
ATOM   692 C CD1 . LEU A 1 88  ? -0.368  -3.244  -3.403  1.00 17.98  ? 85  LEU A CD1 1 
ATOM   693 C CD2 . LEU A 1 88  ? -2.214  -1.623  -3.606  1.00 17.44  ? 85  LEU A CD2 1 
ATOM   694 N N   . GLU A 1 89  ? 1.829   1.477   -5.485  1.00 16.32  ? 86  GLU A N   1 
ATOM   695 C CA  . GLU A 1 89  ? 2.756   2.615   -5.348  1.00 17.09  ? 86  GLU A CA  1 
ATOM   696 C C   . GLU A 1 89  ? 2.112   3.937   -5.815  1.00 19.34  ? 86  GLU A C   1 
ATOM   697 O O   . GLU A 1 89  ? 2.140   4.944   -5.106  1.00 19.07  ? 86  GLU A O   1 
ATOM   698 C CB  . GLU A 1 89  ? 4.071   2.362   -6.094  1.00 16.56  ? 86  GLU A CB  1 
ATOM   699 C CG  . GLU A 1 89  ? 5.033   3.536   -6.026  1.00 21.93  ? 86  GLU A CG  1 
ATOM   700 C CD  . GLU A 1 89  ? 6.348   3.230   -6.723  1.00 27.38  ? 86  GLU A CD  1 
ATOM   701 O OE1 . GLU A 1 89  ? 6.316   3.177   -7.967  1.00 29.09  ? 86  GLU A OE1 1 
ATOM   702 O OE2 . GLU A 1 89  ? 7.382   3.017   -6.039  1.00 24.47  ? 86  GLU A OE2 1 
ATOM   703 N N   . LYS A 1 90  ? 1.502   3.922   -6.984  1.00 20.93  ? 87  LYS A N   1 
ATOM   704 C CA  . LYS A 1 90  ? 0.800   5.120   -7.507  1.00 20.15  ? 87  LYS A CA  1 
ATOM   705 C C   . LYS A 1 90  ? -0.317  5.497   -6.549  1.00 19.81  ? 87  LYS A C   1 
ATOM   706 O O   . LYS A 1 90  ? -0.529  6.683   -6.223  1.00 18.74  ? 87  LYS A O   1 
ATOM   707 C CB  . LYS A 1 90  ? 0.251   4.825   -8.918  1.00 21.59  ? 87  LYS A CB  1 
ATOM   708 C CG  . LYS A 1 90  ? -0.586  5.965   -9.468  1.00 23.82  ? 87  LYS A CG  1 
ATOM   709 C CD  . LYS A 1 90  ? -0.839  5.743   -10.957 1.00 32.41  ? 87  LYS A CD  1 
ATOM   710 C CE  . LYS A 1 90  ? -1.981  6.615   -11.477 1.00 50.72  ? 87  LYS A CE  1 
ATOM   711 N NZ  . LYS A 1 90  ? -2.359  6.297   -12.893 1.00 59.74  ? 87  LYS A NZ  1 
ATOM   712 N N   . TYR A 1 91  ? -1.037  4.494   -6.034  1.00 16.07  ? 88  TYR A N   1 
ATOM   713 C CA  . TYR A 1 91  ? -2.131  4.753   -5.080  1.00 17.74  ? 88  TYR A CA  1 
ATOM   714 C C   . TYR A 1 91  ? -1.665  5.507   -3.823  1.00 18.65  ? 88  TYR A C   1 
ATOM   715 O O   . TYR A 1 91  ? -2.184  6.579   -3.477  1.00 17.00  ? 88  TYR A O   1 
ATOM   716 C CB  . TYR A 1 91  ? -2.763  3.445   -4.657  1.00 17.71  ? 88  TYR A CB  1 
ATOM   717 C CG  . TYR A 1 91  ? -3.899  3.593   -3.662  1.00 17.02  ? 88  TYR A CG  1 
ATOM   718 C CD1 . TYR A 1 91  ? -5.191  3.881   -4.104  1.00 18.96  ? 88  TYR A CD1 1 
ATOM   719 C CD2 . TYR A 1 91  ? -3.691  3.401   -2.301  1.00 19.79  ? 88  TYR A CD2 1 
ATOM   720 C CE1 . TYR A 1 91  ? -6.232  4.044   -3.197  1.00 19.52  ? 88  TYR A CE1 1 
ATOM   721 C CE2 . TYR A 1 91  ? -4.720  3.530   -1.385  1.00 19.87  ? 88  TYR A CE2 1 
ATOM   722 C CZ  . TYR A 1 91  ? -5.985  3.873   -1.829  1.00 19.44  ? 88  TYR A CZ  1 
ATOM   723 O OH  . TYR A 1 91  ? -6.982  4.008   -0.900  1.00 18.83  ? 88  TYR A OH  1 
ATOM   724 N N   . ILE A 1 92  ? -0.665  4.945   -3.144  1.00 17.10  ? 89  ILE A N   1 
ATOM   725 C CA  . ILE A 1 92  ? -0.215  5.538   -1.899  1.00 18.17  ? 89  ILE A CA  1 
ATOM   726 C C   . ILE A 1 92  ? 0.477   6.895   -2.160  1.00 18.36  ? 89  ILE A C   1 
ATOM   727 O O   . ILE A 1 92  ? 0.358   7.824   -1.339  1.00 20.36  ? 89  ILE A O   1 
ATOM   728 C CB  . ILE A 1 92  ? 0.614   4.548   -1.030  1.00 18.01  ? 89  ILE A CB  1 
ATOM   729 C CG1 . ILE A 1 92  ? 0.738   5.074   0.403   1.00 20.26  ? 89  ILE A CG1 1 
ATOM   730 C CG2 . ILE A 1 92  ? 1.992   4.281   -1.638  1.00 18.62  ? 89  ILE A CG2 1 
ATOM   731 C CD1 . ILE A 1 92  ? -0.559  5.215   1.185   1.00 21.26  ? 89  ILE A CD1 1 
ATOM   732 N N   . GLN A 1 93  ? 1.131   7.031   -3.306  1.00 17.21  ? 90  GLN A N   1 
ATOM   733 C CA  . GLN A 1 93  ? 1.718   8.367   -3.690  1.00 18.95  ? 90  GLN A CA  1 
ATOM   734 C C   . GLN A 1 93  ? 0.628   9.405   -3.853  1.00 21.98  ? 90  GLN A C   1 
ATOM   735 O O   . GLN A 1 93  ? 0.778   10.568  -3.429  1.00 21.31  ? 90  GLN A O   1 
ATOM   736 C CB  . GLN A 1 93  ? 2.588   8.244   -4.949  1.00 18.97  ? 90  GLN A CB  1 
ATOM   737 C CG  . GLN A 1 93  ? 3.882   7.534   -4.694  1.00 17.48  ? 90  GLN A CG  1 
ATOM   738 C CD  . GLN A 1 93  ? 4.734   7.268   -5.926  1.00 22.60  ? 90  GLN A CD  1 
ATOM   739 O OE1 . GLN A 1 93  ? 4.273   7.353   -7.054  1.00 22.25  ? 90  GLN A OE1 1 
ATOM   740 N NE2 . GLN A 1 93  ? 6.004   6.932   -5.698  1.00 21.18  ? 90  GLN A NE2 1 
ATOM   741 N N   . ARG A 1 94  ? -0.473  8.994   -4.480  1.00 20.39  ? 91  ARG A N   1 
ATOM   742 C CA  . ARG A 1 94  ? -1.588  9.894   -4.654  1.00 21.05  ? 91  ARG A CA  1 
ATOM   743 C C   . ARG A 1 94  ? -2.195  10.263  -3.334  1.00 22.77  ? 91  ARG A C   1 
ATOM   744 O O   . ARG A 1 94  ? -2.575  11.412  -3.127  1.00 23.53  ? 91  ARG A O   1 
ATOM   745 C CB  . ARG A 1 94  ? -2.610  9.255   -5.549  1.00 23.71  ? 91  ARG A CB  1 
ATOM   746 C CG  . ARG A 1 94  ? -2.253  9.361   -7.008  1.00 30.67  ? 91  ARG A CG  1 
ATOM   747 C CD  . ARG A 1 94  ? -2.801  10.679  -7.564  1.00 56.48  ? 91  ARG A CD  1 
ATOM   748 N NE  . ARG A 1 94  ? -2.291  11.032  -8.894  1.00 77.83  ? 91  ARG A NE  1 
ATOM   749 C CZ  . ARG A 1 94  ? -2.442  10.286  -9.988  1.00 78.00  ? 91  ARG A CZ  1 
ATOM   750 N NH1 . ARG A 1 94  ? -3.068  9.108   -9.926  1.00 66.84  ? 91  ARG A NH1 1 
ATOM   751 N NH2 . ARG A 1 94  ? -1.941  10.713  -11.144 1.00 78.30  ? 91  ARG A NH2 1 
ATOM   752 N N   . ILE A 1 95  ? -2.342  9.303   -2.424  1.00 19.07  ? 92  ILE A N   1 
ATOM   753 C CA  . ILE A 1 95  ? -2.843  9.628   -1.104  1.00 20.53  ? 92  ILE A CA  1 
ATOM   754 C C   . ILE A 1 95  ? -1.991  10.686  -0.409  1.00 21.28  ? 92  ILE A C   1 
ATOM   755 O O   . ILE A 1 95  ? -2.536  11.660  0.120   1.00 24.49  ? 92  ILE A O   1 
ATOM   756 C CB  . ILE A 1 95  ? -2.926  8.347   -0.218  1.00 21.16  ? 92  ILE A CB  1 
ATOM   757 C CG1 . ILE A 1 95  ? -4.000  7.420   -0.753  1.00 26.76  ? 92  ILE A CG1 1 
ATOM   758 C CG2 . ILE A 1 95  ? -3.118  8.716   1.254   1.00 24.37  ? 92  ILE A CG2 1 
ATOM   759 C CD1 . ILE A 1 95  ? -5.406  7.804   -0.435  1.00 32.72  ? 92  ILE A CD1 1 
ATOM   760 N N   . VAL A 1 96  ? -0.675  10.516  -0.390  1.00 18.37  ? 93  VAL A N   1 
ATOM   761 C CA  . VAL A 1 96  ? 0.195   11.358  0.422   1.00 21.52  ? 93  VAL A CA  1 
ATOM   762 C C   . VAL A 1 96  ? 0.355   12.737  -0.254  1.00 29.70  ? 93  VAL A C   1 
ATOM   763 O O   . VAL A 1 96  ? 0.787   13.694  0.399   1.00 27.23  ? 93  VAL A O   1 
ATOM   764 C CB  . VAL A 1 96  ? 1.532   10.669  0.654   1.00 28.27  ? 93  VAL A CB  1 
ATOM   765 C CG1 . VAL A 1 96  ? 2.615   11.603  1.156   1.00 43.56  ? 93  VAL A CG1 1 
ATOM   766 C CG2 . VAL A 1 96  ? 1.274   9.552   1.661   1.00 28.34  ? 93  VAL A CG2 1 
ATOM   767 N N   . SER A 1 97  ? -0.021  12.811  -1.529  1.00 27.42  ? 94  SER A N   1 
ATOM   768 C CA  . SER A 1 97  ? -0.021  14.095  -2.261  1.00 33.82  ? 94  SER A CA  1 
ATOM   769 C C   . SER A 1 97  ? -1.134  15.029  -1.773  1.00 36.92  ? 94  SER A C   1 
ATOM   770 O O   . SER A 1 97  ? -1.087  16.227  -2.065  1.00 39.58  ? 94  SER A O   1 
ATOM   771 C CB  . SER A 1 97  ? -0.152  13.877  -3.776  1.00 31.26  ? 94  SER A CB  1 
ATOM   772 O OG  . SER A 1 97  ? -1.538  13.777  -4.121  1.00 38.92  ? 94  SER A OG  1 
ATOM   773 N N   . HIS A 1 98  ? -2.137  14.512  -1.064  1.00 33.90  ? 95  HIS A N   1 
ATOM   774 C CA  . HIS A 1 98  ? -3.192  15.338  -0.473  1.00 32.79  ? 95  HIS A CA  1 
ATOM   775 C C   . HIS A 1 98  ? -2.881  15.559  0.966   1.00 35.47  ? 95  HIS A C   1 
ATOM   776 O O   . HIS A 1 98  ? -3.035  14.658  1.784   1.00 32.42  ? 95  HIS A O   1 
ATOM   777 C CB  . HIS A 1 98  ? -4.571  14.687  -0.510  1.00 38.30  ? 95  HIS A CB  1 
ATOM   778 C CG  . HIS A 1 98  ? -5.147  14.541  -1.876  1.00 45.29  ? 95  HIS A CG  1 
ATOM   779 N ND1 . HIS A 1 98  ? -4.877  13.461  -2.690  1.00 51.51  ? 95  HIS A ND1 1 
ATOM   780 C CD2 . HIS A 1 98  ? -6.004  15.331  -2.570  1.00 54.61  ? 95  HIS A CD2 1 
ATOM   781 C CE1 . HIS A 1 98  ? -5.527  13.598  -3.833  1.00 44.07  ? 95  HIS A CE1 1 
ATOM   782 N NE2 . HIS A 1 98  ? -6.216  14.724  -3.785  1.00 57.33  ? 95  HIS A NE2 1 
ATOM   783 N N   . PRO A 1 99  ? -2.475  16.782  1.312   1.00 36.42  ? 96  PRO A N   1 
ATOM   784 C CA  . PRO A 1 99  ? -2.220  17.090  2.705   1.00 36.56  ? 96  PRO A CA  1 
ATOM   785 C C   . PRO A 1 99  ? -3.253  16.566  3.712   1.00 26.65  ? 96  PRO A C   1 
ATOM   786 O O   . PRO A 1 99  ? -2.875  16.012  4.732   1.00 31.88  ? 96  PRO A O   1 
ATOM   787 C CB  . PRO A 1 99  ? -2.192  18.627  2.706   1.00 41.23  ? 96  PRO A CB  1 
ATOM   788 C CG  . PRO A 1 99  ? -1.678  18.982  1.353   1.00 43.13  ? 96  PRO A CG  1 
ATOM   789 C CD  . PRO A 1 99  ? -2.222  17.931  0.425   1.00 42.72  ? 96  PRO A CD  1 
ATOM   790 N N   . VAL A 1 100 ? -4.553  16.719  3.435   1.00 30.12  ? 97  VAL A N   1 
ATOM   791 C CA  . VAL A 1 100 ? -5.607  16.281  4.334   1.00 29.81  ? 97  VAL A CA  1 
ATOM   792 C C   . VAL A 1 100 ? -5.591  14.743  4.590   1.00 28.89  ? 97  VAL A C   1 
ATOM   793 O O   . VAL A 1 100 ? -5.836  14.268  5.684   1.00 30.80  ? 97  VAL A O   1 
ATOM   794 C CB  . VAL A 1 100 ? -6.995  16.686  3.778   1.00 40.97  ? 97  VAL A CB  1 
ATOM   795 C CG1 . VAL A 1 100 ? -8.098  16.064  4.605   1.00 39.85  ? 97  VAL A CG1 1 
ATOM   796 C CG2 . VAL A 1 100 ? -7.154  18.210  3.787   1.00 40.05  ? 97  VAL A CG2 1 
ATOM   797 N N   . LEU A 1 101 ? -5.305  13.980  3.548   1.00 31.35  ? 98  LEU A N   1 
ATOM   798 C CA  . LEU A 1 101 ? -5.171  12.526  3.706   1.00 26.42  ? 98  LEU A CA  1 
ATOM   799 C C   . LEU A 1 101 ? -3.855  12.149  4.375   1.00 24.38  ? 98  LEU A C   1 
ATOM   800 O O   . LEU A 1 101 ? -3.840  11.274  5.231   1.00 31.16  ? 98  LEU A O   1 
ATOM   801 C CB  . LEU A 1 101 ? -5.232  11.834  2.342   1.00 27.80  ? 98  LEU A CB  1 
ATOM   802 C CG  . LEU A 1 101 ? -6.513  12.079  1.538   1.00 28.65  ? 98  LEU A CG  1 
ATOM   803 C CD1 . LEU A 1 101 ? -6.471  11.347  0.224   1.00 31.50  ? 98  LEU A CD1 1 
ATOM   804 C CD2 . LEU A 1 101 ? -7.730  11.672  2.320   1.00 32.09  ? 98  LEU A CD2 1 
ATOM   805 N N   . ALA A 1 102 ? -2.772  12.798  3.990   1.00 28.61  ? 99  ALA A N   1 
ATOM   806 C CA  . ALA A 1 102 ? -1.451  12.513  4.564   1.00 28.72  ? 99  ALA A CA  1 
ATOM   807 C C   . ALA A 1 102 ? -1.443  12.686  6.083   1.00 35.75  ? 99  ALA A C   1 
ATOM   808 O O   . ALA A 1 102 ? -0.685  12.009  6.811   1.00 30.59  ? 99  ALA A O   1 
ATOM   809 C CB  . ALA A 1 102 ? -0.396  13.414  3.923   1.00 33.56  ? 99  ALA A CB  1 
ATOM   810 N N   . ASN A 1 103 ? -2.301  13.588  6.571   1.00 30.75  ? 100 ASN A N   1 
ATOM   811 C CA  . ASN A 1 103 ? -2.400  13.878  7.986   1.00 28.45  ? 100 ASN A CA  1 
ATOM   812 C C   . ASN A 1 103 ? -3.509  13.170  8.713   1.00 31.92  ? 100 ASN A C   1 
ATOM   813 O O   . ASN A 1 103 ? -3.668  13.298  9.935   1.00 35.63  ? 100 ASN A O   1 
ATOM   814 C CB  . ASN A 1 103 ? -2.506  15.401  8.173   1.00 35.46  ? 100 ASN A CB  1 
ATOM   815 C CG  . ASN A 1 103 ? -1.233  16.106  7.776   1.00 45.43  ? 100 ASN A CG  1 
ATOM   816 O OD1 . ASN A 1 103 ? -1.172  16.812  6.764   1.00 57.91  ? 100 ASN A OD1 1 
ATOM   817 N ND2 . ASN A 1 103 ? -0.183  15.870  8.537   1.00 47.49  ? 100 ASN A ND2 1 
ATOM   818 N N   . ASP A 1 104 ? -4.282  12.392  7.972   1.00 28.36  ? 101 ASP A N   1 
ATOM   819 C CA  . ASP A 1 104 ? -5.314  11.623  8.568   1.00 26.03  ? 101 ASP A CA  1 
ATOM   820 C C   . ASP A 1 104 ? -4.728  10.483  9.406   1.00 27.59  ? 101 ASP A C   1 
ATOM   821 O O   . ASP A 1 104 ? -3.727  9.874   9.023   1.00 27.07  ? 101 ASP A O   1 
ATOM   822 C CB  . ASP A 1 104 ? -6.263  11.113  7.490   1.00 28.89  ? 101 ASP A CB  1 
ATOM   823 C CG  . ASP A 1 104 ? -7.443  10.413  8.060   1.00 36.14  ? 101 ASP A CG  1 
ATOM   824 O OD1 . ASP A 1 104 ? -8.518  11.025  8.091   1.00 35.27  ? 101 ASP A OD1 1 
ATOM   825 O OD2 . ASP A 1 104 ? -7.311  9.252   8.500   1.00 39.56  ? 101 ASP A OD2 1 
ATOM   826 N N   . GLU A 1 105 ? -5.326  10.241  10.568  1.00 26.94  ? 102 GLU A N   1 
ATOM   827 C CA  . GLU A 1 105 ? -4.812  9.270   11.515  1.00 28.70  ? 102 GLU A CA  1 
ATOM   828 C C   . GLU A 1 105 ? -4.667  7.853   10.886  1.00 24.31  ? 102 GLU A C   1 
ATOM   829 O O   . GLU A 1 105 ? -3.766  7.092   11.259  1.00 24.57  ? 102 GLU A O   1 
ATOM   830 C CB  . GLU A 1 105 ? -5.699  9.205   12.753  1.00 41.97  ? 102 GLU A CB  1 
ATOM   831 C CG  . GLU A 1 105 ? -5.550  10.438  13.641  1.00 63.30  ? 102 GLU A CG  1 
ATOM   832 C CD  . GLU A 1 105 ? -6.648  10.576  14.690  1.00 83.68  ? 102 GLU A CD  1 
ATOM   833 O OE1 . GLU A 1 105 ? -7.261  9.549   15.075  1.00 77.94  ? 102 GLU A OE1 1 
ATOM   834 O OE2 . GLU A 1 105 ? -6.886  11.724  15.133  1.00 93.94  ? 102 GLU A OE2 1 
ATOM   835 N N   . LEU A 1 106 ? -5.554  7.526   9.970   1.00 28.91  ? 103 LEU A N   1 
ATOM   836 C CA  . LEU A 1 106 ? -5.495  6.200   9.312   1.00 29.07  ? 103 LEU A CA  1 
ATOM   837 C C   . LEU A 1 106 ? -4.248  6.097   8.503   1.00 24.73  ? 103 LEU A C   1 
ATOM   838 O O   . LEU A 1 106 ? -3.581  5.066   8.495   1.00 20.19  ? 103 LEU A O   1 
ATOM   839 C CB  . LEU A 1 106 ? -6.701  5.972   8.409   1.00 28.49  ? 103 LEU A CB  1 
ATOM   840 C CG  . LEU A 1 106 ? -8.008  5.769   9.145   1.00 33.82  ? 103 LEU A CG  1 
ATOM   841 C CD1 . LEU A 1 106 ? -9.169  5.933   8.186   1.00 37.90  ? 103 LEU A CD1 1 
ATOM   842 C CD2 . LEU A 1 106 ? -8.012  4.420   9.817   1.00 42.21  ? 103 LEU A CD2 1 
ATOM   843 N N   . VAL A 1 107 ? -3.944  7.150   7.766   1.00 21.30  ? 104 VAL A N   1 
ATOM   844 C CA  . VAL A 1 107 ? -2.799  7.127   6.896   1.00 23.27  ? 104 VAL A CA  1 
ATOM   845 C C   . VAL A 1 107 ? -1.527  7.189   7.703   1.00 22.83  ? 104 VAL A C   1 
ATOM   846 O O   . VAL A 1 107 ? -0.565  6.495   7.412   1.00 21.49  ? 104 VAL A O   1 
ATOM   847 C CB  . VAL A 1 107 ? -2.884  8.283   5.898   1.00 22.81  ? 104 VAL A CB  1 
ATOM   848 C CG1 . VAL A 1 107 ? -1.600  8.346   5.065   1.00 24.68  ? 104 VAL A CG1 1 
ATOM   849 C CG2 . VAL A 1 107 ? -4.122  8.086   5.016   1.00 27.62  ? 104 VAL A CG2 1 
ATOM   850 N N   . VAL A 1 108 ? -1.489  8.039   8.736   1.00 21.62  ? 105 VAL A N   1 
ATOM   851 C CA  . VAL A 1 108 ? -0.321  8.116   9.584   1.00 24.24  ? 105 VAL A CA  1 
ATOM   852 C C   . VAL A 1 108 ? 0.009   6.738   10.176  1.00 21.49  ? 105 VAL A C   1 
ATOM   853 O O   . VAL A 1 108 ? 1.163   6.303   10.147  1.00 25.13  ? 105 VAL A O   1 
ATOM   854 C CB  . VAL A 1 108 ? -0.536  9.165   10.705  1.00 26.35  ? 105 VAL A CB  1 
ATOM   855 C CG1 . VAL A 1 108 ? 0.555   9.096   11.754  1.00 28.67  ? 105 VAL A CG1 1 
ATOM   856 C CG2 . VAL A 1 108 ? -0.573  10.557  10.072  1.00 27.30  ? 105 VAL A CG2 1 
ATOM   857 N N   . SER A 1 109 ? -1.016  6.049   10.633  1.00 21.95  ? 106 SER A N   1 
ATOM   858 C CA  . SER A 1 109 ? -0.839  4.708   11.172  1.00 22.07  ? 106 SER A CA  1 
ATOM   859 C C   . SER A 1 109 ? -0.346  3.730   10.065  1.00 22.80  ? 106 SER A C   1 
ATOM   860 O O   . SER A 1 109 ? 0.667   2.975   10.256  1.00 22.62  ? 106 SER A O   1 
ATOM   861 C CB  . SER A 1 109 ? -2.139  4.220   11.793  1.00 25.45  ? 106 SER A CB  1 
ATOM   862 O OG  . SER A 1 109 ? -2.025  2.841   12.184  1.00 25.89  ? 106 SER A OG  1 
ATOM   863 N N   . PHE A 1 110 ? -1.012  3.800   8.913   1.00 21.77  ? 107 PHE A N   1 
ATOM   864 C CA  . PHE A 1 110 ? -0.682  2.917   7.773   1.00 16.83  ? 107 PHE A CA  1 
ATOM   865 C C   . PHE A 1 110 ? 0.784   3.026   7.445   1.00 19.60  ? 107 PHE A C   1 
ATOM   866 O O   . PHE A 1 110 ? 1.459   2.032   7.158   1.00 21.41  ? 107 PHE A O   1 
ATOM   867 C CB  . PHE A 1 110 ? -1.546  3.246   6.573   1.00 20.94  ? 107 PHE A CB  1 
ATOM   868 C CG  . PHE A 1 110 ? -1.362  2.292   5.424   1.00 16.62  ? 107 PHE A CG  1 
ATOM   869 C CD1 . PHE A 1 110 ? -2.013  1.073   5.425   1.00 17.46  ? 107 PHE A CD1 1 
ATOM   870 C CD2 . PHE A 1 110 ? -0.573  2.645   4.323   1.00 16.57  ? 107 PHE A CD2 1 
ATOM   871 C CE1 . PHE A 1 110 ? -1.870  0.202   4.372   1.00 17.25  ? 107 PHE A CE1 1 
ATOM   872 C CE2 . PHE A 1 110 ? -0.462  1.791   3.237   1.00 19.33  ? 107 PHE A CE2 1 
ATOM   873 C CZ  . PHE A 1 110 ? -1.120  0.567   3.272   1.00 16.53  ? 107 PHE A CZ  1 
ATOM   874 N N   . LEU A 1 111 ? 1.315   4.252   7.518   1.00 18.52  ? 108 LEU A N   1 
ATOM   875 C CA  . LEU A 1 111 ? 2.665   4.513   7.105   1.00 19.62  ? 108 LEU A CA  1 
ATOM   876 C C   . LEU A 1 111 ? 3.722   4.540   8.201   1.00 21.95  ? 108 LEU A C   1 
ATOM   877 O O   . LEU A 1 111 ? 4.910   4.738   7.906   1.00 23.93  ? 108 LEU A O   1 
ATOM   878 C CB  . LEU A 1 111 ? 2.708   5.855   6.358   1.00 21.57  ? 108 LEU A CB  1 
ATOM   879 C CG  . LEU A 1 111 ? 1.975   5.887   5.039   1.00 21.85  ? 108 LEU A CG  1 
ATOM   880 C CD1 . LEU A 1 111 ? 2.087   7.310   4.522   1.00 25.93  ? 108 LEU A CD1 1 
ATOM   881 C CD2 . LEU A 1 111 ? 2.607   4.876   4.064   1.00 24.53  ? 108 LEU A CD2 1 
ATOM   882 N N   . GLN A 1 112 ? 3.295   4.330   9.444   1.00 20.31  ? 109 GLN A N   1 
ATOM   883 C CA  . GLN A 1 112 ? 4.274   4.315   10.535  1.00 25.56  ? 109 GLN A CA  1 
ATOM   884 C C   . GLN A 1 112 ? 4.248   3.083   11.438  1.00 30.96  ? 109 GLN A C   1 
ATOM   885 O O   . GLN A 1 112 ? 5.254   2.757   12.038  1.00 41.07  ? 109 GLN A O   1 
ATOM   886 C CB  . GLN A 1 112 ? 4.193   5.604   11.355  1.00 29.50  ? 109 GLN A CB  1 
ATOM   887 C CG  . GLN A 1 112 ? 4.341   6.875   10.553  1.00 30.51  ? 109 GLN A CG  1 
ATOM   888 C CD  . GLN A 1 112 ? 4.346   8.157   11.409  1.00 44.26  ? 109 GLN A CD  1 
ATOM   889 O OE1 . GLN A 1 112 ? 4.302   8.115   12.647  1.00 44.13  ? 109 GLN A OE1 1 
ATOM   890 N NE2 . GLN A 1 112 ? 4.374   9.301   10.740  1.00 49.44  ? 109 GLN A NE2 1 
ATOM   891 N N   . ALA A 1 113 ? 3.106   2.418   11.539  1.00 36.13  ? 110 ALA A N   1 
ATOM   892 C CA  . ALA A 1 113 ? 2.888   1.356   12.526  1.00 41.52  ? 110 ALA A CA  1 
ATOM   893 C C   . ALA A 1 113 ? 3.783   0.142   12.292  1.00 54.96  ? 110 ALA A C   1 
ATOM   894 O O   . ALA A 1 113 ? 4.961   0.133   12.657  1.00 67.75  ? 110 ALA A O   1 
ATOM   895 C CB  . ALA A 1 113 ? 1.433   0.927   12.495  1.00 34.82  ? 110 ALA A CB  1 
HETATM 896 S S   . SO4 B 2 .   ? -3.634  -10.489 0.618   1.00 33.87  ? 201 SO4 A S   1 
HETATM 897 O O1  . SO4 B 2 .   ? -2.791  -10.519 -0.628  1.00 33.25  ? 201 SO4 A O1  1 
HETATM 898 O O2  . SO4 B 2 .   ? -3.166  -11.711 1.346   1.00 56.10  ? 201 SO4 A O2  1 
HETATM 899 O O3  . SO4 B 2 .   ? -3.649  -9.252  1.430   1.00 28.92  ? 201 SO4 A O3  1 
HETATM 900 O O4  . SO4 B 2 .   ? -5.024  -10.594 0.152   1.00 48.30  ? 201 SO4 A O4  1 
HETATM 901 S S   . SO4 C 2 .   ? -7.236  -12.218 6.211   1.00 37.40  ? 202 SO4 A S   1 
HETATM 902 O O1  . SO4 C 2 .   ? -6.628  -12.758 4.969   1.00 36.84  ? 202 SO4 A O1  1 
HETATM 903 O O2  . SO4 C 2 .   ? -7.420  -13.308 7.208   1.00 38.24  ? 202 SO4 A O2  1 
HETATM 904 O O3  . SO4 C 2 .   ? -6.353  -11.184 6.829   1.00 30.98  ? 202 SO4 A O3  1 
HETATM 905 O O4  . SO4 C 2 .   ? -8.548  -11.605 5.895   1.00 40.88  ? 202 SO4 A O4  1 
HETATM 906 O O   . HOH D 3 .   ? -4.786  -13.780 -10.938 1.00 42.42  ? 301 HOH A O   1 
HETATM 907 O O   . HOH D 3 .   ? -6.536  -15.413 -5.696  1.00 43.89  ? 302 HOH A O   1 
HETATM 908 O O   . HOH D 3 .   ? 6.647   -2.874  -11.175 1.00 43.12  ? 303 HOH A O   1 
HETATM 909 O O   . HOH D 3 .   ? -4.214  -7.578  6.183   1.00 33.12  ? 304 HOH A O   1 
HETATM 910 O O   . HOH D 3 .   ? 17.717  9.474   6.130   1.00 44.19  ? 305 HOH A O   1 
HETATM 911 O O   . HOH D 3 .   ? -7.677  -13.386 9.801   1.00 24.02  ? 306 HOH A O   1 
HETATM 912 O O   . HOH D 3 .   ? -3.509  -15.911 -10.516 1.00 41.36  ? 307 HOH A O   1 
HETATM 913 O O   . HOH D 3 .   ? 0.321   -6.851  7.270   1.00 35.77  ? 308 HOH A O   1 
HETATM 914 O O   . HOH D 3 .   ? 11.896  -9.295  -2.467  1.00 48.15  ? 309 HOH A O   1 
HETATM 915 O O   . HOH D 3 .   ? -4.354  -5.416  -7.996  1.00 19.71  ? 310 HOH A O   1 
HETATM 916 O O   . HOH D 3 .   ? 8.236   -16.759 -12.219 1.00 42.69  ? 311 HOH A O   1 
HETATM 917 O O   . HOH D 3 .   ? -4.999  -11.611 -14.103 1.00 46.17  ? 312 HOH A O   1 
HETATM 918 O O   . HOH D 3 .   ? 3.208   12.026  -3.605  1.00 39.04  ? 313 HOH A O   1 
HETATM 919 O O   . HOH D 3 .   ? -1.851  -7.097  -11.173 1.00 28.62  ? 314 HOH A O   1 
HETATM 920 O O   . HOH D 3 .   ? -9.820  -10.115 7.976   1.00 45.16  ? 315 HOH A O   1 
HETATM 921 O O   . HOH D 3 .   ? 15.627  12.056  13.265  1.00 26.08  ? 316 HOH A O   1 
HETATM 922 O O   . HOH D 3 .   ? 3.791   3.685   -9.551  1.00 32.84  ? 317 HOH A O   1 
HETATM 923 O O   . HOH D 3 .   ? 9.486   -3.578  -10.571 1.00 37.09  ? 318 HOH A O   1 
HETATM 924 O O   . HOH D 3 .   ? -2.532  7.611   13.822  1.00 44.76  ? 319 HOH A O   1 
HETATM 925 O O   . HOH D 3 .   ? 14.558  11.621  3.915   1.00 36.96  ? 320 HOH A O   1 
HETATM 926 O O   . HOH D 3 .   ? -11.841 -5.064  -7.037  1.00 44.05  ? 321 HOH A O   1 
HETATM 927 O O   . HOH D 3 .   ? -9.167  -5.980  4.348   1.00 41.23  ? 322 HOH A O   1 
HETATM 928 O O   . HOH D 3 .   ? 14.135  -7.283  -3.479  1.00 57.69  ? 323 HOH A O   1 
HETATM 929 O O   . HOH D 3 .   ? -6.113  -4.995  7.358   1.00 43.74  ? 324 HOH A O   1 
HETATM 930 O O   . HOH D 3 .   ? -14.850 7.384   -3.846  1.00 44.49  ? 325 HOH A O   1 
HETATM 931 O O   . HOH D 3 .   ? 15.948  8.078   9.464   1.00 30.65  ? 326 HOH A O   1 
HETATM 932 O O   . HOH D 3 .   ? 12.245  15.803  -2.575  1.00 66.12  ? 327 HOH A O   1 
HETATM 933 O O   . HOH D 3 .   ? -2.254  -2.340  -10.525 1.00 29.42  ? 328 HOH A O   1 
HETATM 934 O O   . HOH D 3 .   ? 9.540   -18.080 -9.620  1.00 59.66  ? 329 HOH A O   1 
HETATM 935 O O   . HOH D 3 .   ? -17.754 1.050   9.358   1.00 60.74  ? 330 HOH A O   1 
HETATM 936 O O   . HOH D 3 .   ? 0.042   3.017   14.709  1.00 52.16  ? 331 HOH A O   1 
HETATM 937 O O   . HOH D 3 .   ? -3.973  18.939  7.067   1.00 53.35  ? 332 HOH A O   1 
HETATM 938 O O   . HOH D 3 .   ? 11.457  14.490  2.003   1.00 68.98  ? 333 HOH A O   1 
HETATM 939 O O   . HOH D 3 .   ? 1.302   -2.277  12.419  1.00 38.20  ? 334 HOH A O   1 
HETATM 940 O O   . HOH D 3 .   ? 2.503   -16.620 8.883   1.00 60.95  ? 335 HOH A O   1 
HETATM 941 O O   . HOH D 3 .   ? 5.097   -14.819 -18.250 1.00 53.72  ? 336 HOH A O   1 
HETATM 942 O O   . HOH D 3 .   ? -11.174 -5.910  5.049   1.00 59.20  ? 337 HOH A O   1 
HETATM 943 O O   . HOH D 3 .   ? -0.760  -8.954  -0.546  1.00 16.86  ? 338 HOH A O   1 
HETATM 944 O O   . HOH D 3 .   ? -4.221  -10.738 -2.902  1.00 33.33  ? 339 HOH A O   1 
HETATM 945 O O   . HOH D 3 .   ? 4.216   -0.250  11.047  1.00 32.87  ? 340 HOH A O   1 
HETATM 946 O O   . HOH D 3 .   ? 10.093  -0.232  10.503  1.00 46.63  ? 341 HOH A O   1 
HETATM 947 O O   . HOH D 3 .   ? -3.016  2.939   -8.905  1.00 27.28  ? 342 HOH A O   1 
HETATM 948 O O   . HOH D 3 .   ? -0.978  -11.920 -3.489  1.00 27.20  ? 343 HOH A O   1 
HETATM 949 O O   . HOH D 3 .   ? -6.719  -9.893  -4.419  1.00 27.89  ? 344 HOH A O   1 
HETATM 950 O O   . HOH D 3 .   ? 12.429  0.989   8.893   1.00 30.61  ? 345 HOH A O   1 
HETATM 951 O O   . HOH D 3 .   ? 10.580  6.634   -0.881  1.00 39.27  ? 346 HOH A O   1 
HETATM 952 O O   . HOH D 3 .   ? -6.766  7.443   -9.346  1.00 40.10  ? 347 HOH A O   1 
HETATM 953 O O   . HOH D 3 .   ? 7.765   0.480   11.466  1.00 44.14  ? 348 HOH A O   1 
HETATM 954 O O   . HOH D 3 .   ? -4.361  5.111   -7.949  1.00 26.46  ? 349 HOH A O   1 
HETATM 955 O O   . HOH D 3 .   ? -13.769 5.718   8.133   1.00 45.54  ? 350 HOH A O   1 
HETATM 956 O O   . HOH D 3 .   ? 5.682   -2.940  9.098   1.00 31.23  ? 351 HOH A O   1 
HETATM 957 O O   . HOH D 3 .   ? -15.962 2.749   1.592   1.00 46.76  ? 352 HOH A O   1 
HETATM 958 O O   . HOH D 3 .   ? 9.703   2.719   -6.803  1.00 47.23  ? 353 HOH A O   1 
HETATM 959 O O   . HOH D 3 .   ? 12.214  3.504   -4.075  1.00 50.43  ? 354 HOH A O   1 
HETATM 960 O O   . HOH D 3 .   ? 14.374  -2.250  -0.819  1.00 47.46  ? 355 HOH A O   1 
HETATM 961 O O   . HOH D 3 .   ? 7.620   11.833  10.822  1.00 56.58  ? 356 HOH A O   1 
HETATM 962 O O   . HOH D 3 .   ? -15.430 -6.640  0.576   1.00 67.69  ? 357 HOH A O   1 
HETATM 963 O O   . HOH D 3 .   ? -0.505  -0.235  -12.810 1.00 53.11  ? 358 HOH A O   1 
HETATM 964 O O   . HOH D 3 .   ? -0.668  -9.183  -3.344  1.00 15.81  ? 359 HOH A O   1 
HETATM 965 O O   . HOH D 3 .   ? 7.872   -0.030  -8.029  1.00 53.84  ? 360 HOH A O   1 
HETATM 966 O O   . HOH D 3 .   ? 13.557  -2.977  6.576   1.00 58.55  ? 361 HOH A O   1 
HETATM 967 O O   . HOH D 3 .   ? -7.635  11.968  11.645  1.00 51.74  ? 362 HOH A O   1 
HETATM 968 O O   . HOH D 3 .   ? -1.008  -12.604 -0.683  1.00 30.83  ? 363 HOH A O   1 
HETATM 969 O O   . HOH D 3 .   ? -8.637  11.821  18.397  1.00 62.27  ? 364 HOH A O   1 
HETATM 970 O O   . HOH D 3 .   ? 8.818   -17.857 -2.501  1.00 69.44  ? 365 HOH A O   1 
HETATM 971 O O   . HOH D 3 .   ? -8.597  13.368  16.444  1.00 73.36  ? 366 HOH A O   1 
HETATM 972 O O   . HOH D 3 .   ? -8.727  -7.677  0.202   1.00 48.21  ? 367 HOH A O   1 
# 
loop_
_pdbx_poly_seq_scheme.asym_id 
_pdbx_poly_seq_scheme.entity_id 
_pdbx_poly_seq_scheme.seq_id 
_pdbx_poly_seq_scheme.mon_id 
_pdbx_poly_seq_scheme.ndb_seq_num 
_pdbx_poly_seq_scheme.pdb_seq_num 
_pdbx_poly_seq_scheme.auth_seq_num 
_pdbx_poly_seq_scheme.pdb_mon_id 
_pdbx_poly_seq_scheme.auth_mon_id 
_pdbx_poly_seq_scheme.pdb_strand_id 
_pdbx_poly_seq_scheme.pdb_ins_code 
_pdbx_poly_seq_scheme.hetero 
A 1 1   SER 1   -2  ?   ?   ?   A . n 
A 1 2   ASN 2   -1  ?   ?   ?   A . n 
A 1 3   ALA 3   0   ?   ?   ?   A . n 
A 1 4   PRO 4   1   ?   ?   ?   A . n 
A 1 5   ASP 5   2   ?   ?   ?   A . n 
A 1 6   SER 6   3   ?   ?   ?   A . n 
A 1 7   LEU 7   4   ?   ?   ?   A . n 
A 1 8   MET 8   5   5   MET MET A . n 
A 1 9   LYS 9   6   6   LYS LYS A . n 
A 1 10  VAL 10  7   7   VAL VAL A . n 
A 1 11  SER 11  8   8   SER SER A . n 
A 1 12  ILE 12  9   9   ILE ILE A . n 
A 1 13  PRO 13  10  10  PRO PRO A . n 
A 1 14  ASP 14  11  11  ASP ASP A . n 
A 1 15  PHE 15  12  12  PHE PHE A . n 
A 1 16  GLU 16  13  13  GLU GLU A . n 
A 1 17  LYS 17  14  14  LYS LYS A . n 
A 1 18  GLU 18  15  15  GLU GLU A . n 
A 1 19  GLY 19  16  16  GLY GLY A . n 
A 1 20  GLU 20  17  17  GLU GLU A . n 
A 1 21  GLY 21  18  18  GLY GLY A . n 
A 1 22  LYS 22  19  19  LYS LYS A . n 
A 1 23  SER 23  20  20  SER SER A . n 
A 1 24  LYS 24  21  21  LYS LYS A . n 
A 1 25  HIS 25  22  22  HIS HIS A . n 
A 1 26  VAL 26  23  23  VAL VAL A . n 
A 1 27  MET 27  24  24  MET MET A . n 
A 1 28  TYR 28  25  25  TYR TYR A . n 
A 1 29  LYS 29  26  26  LYS LYS A . n 
A 1 30  ILE 30  27  27  ILE ILE A . n 
A 1 31  LYS 31  28  28  LYS LYS A . n 
A 1 32  VAL 32  29  29  VAL VAL A . n 
A 1 33  LYS 33  30  30  LYS LYS A . n 
A 1 34  THR 34  31  31  THR THR A . n 
A 1 35  GLY 35  32  32  GLY GLY A . n 
A 1 36  GLY 36  33  33  GLY GLY A . n 
A 1 37  GLU 37  34  34  GLU GLU A . n 
A 1 38  GLU 38  35  35  GLU GLU A . n 
A 1 39  TRP 39  36  36  TRP TRP A . n 
A 1 40  ALA 40  37  37  ALA ALA A . n 
A 1 41  VAL 41  38  38  VAL VAL A . n 
A 1 42  TYR 42  39  39  TYR TYR A . n 
A 1 43  ARG 43  40  40  ARG ARG A . n 
A 1 44  ARG 44  41  41  ARG ARG A . n 
A 1 45  TYR 45  42  42  TYR TYR A . n 
A 1 46  SER 46  43  43  SER SER A . n 
A 1 47  ASP 47  44  44  ASP ASP A . n 
A 1 48  PHE 48  45  45  PHE PHE A . n 
A 1 49  TYR 49  46  46  TYR TYR A . n 
A 1 50  TRP 50  47  47  TRP TRP A . n 
A 1 51  LEU 51  48  48  LEU LEU A . n 
A 1 52  HIS 52  49  49  HIS HIS A . n 
A 1 53  LYS 53  50  50  LYS LYS A . n 
A 1 54  LYS 54  51  51  LYS LYS A . n 
A 1 55  LEU 55  52  52  LEU LEU A . n 
A 1 56  GLN 56  53  53  GLN GLN A . n 
A 1 57  GLN 57  54  54  GLN GLN A . n 
A 1 58  ARG 58  55  55  ARG ARG A . n 
A 1 59  TYR 59  56  56  TYR TYR A . n 
A 1 60  PRO 60  57  57  PRO PRO A . n 
A 1 61  GLU 61  58  58  GLU GLU A . n 
A 1 62  LEU 62  59  59  LEU LEU A . n 
A 1 63  VAL 63  60  60  VAL VAL A . n 
A 1 64  PRO 64  61  61  PRO PRO A . n 
A 1 65  GLU 65  62  62  GLU GLU A . n 
A 1 66  LEU 66  63  63  LEU LEU A . n 
A 1 67  PRO 67  64  64  PRO PRO A . n 
A 1 68  PRO 68  65  65  PRO PRO A . n 
A 1 69  LYS 69  66  66  LYS LYS A . n 
A 1 70  LYS 70  67  67  LYS LYS A . n 
A 1 71  TRP 71  68  68  TRP TRP A . n 
A 1 72  ILE 72  69  69  ILE ILE A . n 
A 1 73  TYR 73  70  70  TYR TYR A . n 
A 1 74  SER 74  71  71  SER SER A . n 
A 1 75  ALA 75  72  72  ALA ALA A . n 
A 1 76  LEU 76  73  73  LEU LEU A . n 
A 1 77  ASP 77  74  74  ASP ASP A . n 
A 1 78  GLU 78  75  75  GLU GLU A . n 
A 1 79  GLN 79  76  76  GLN GLN A . n 
A 1 80  ILE 80  77  77  ILE ILE A . n 
A 1 81  LEU 81  78  78  LEU LEU A . n 
A 1 82  GLU 82  79  79  GLU GLU A . n 
A 1 83  LYS 83  80  80  LYS LYS A . n 
A 1 84  ARG 84  81  81  ARG ARG A . n 
A 1 85  LYS 85  82  82  LYS LYS A . n 
A 1 86  GLN 86  83  83  GLN GLN A . n 
A 1 87  GLY 87  84  84  GLY GLY A . n 
A 1 88  LEU 88  85  85  LEU LEU A . n 
A 1 89  GLU 89  86  86  GLU GLU A . n 
A 1 90  LYS 90  87  87  LYS LYS A . n 
A 1 91  TYR 91  88  88  TYR TYR A . n 
A 1 92  ILE 92  89  89  ILE ILE A . n 
A 1 93  GLN 93  90  90  GLN GLN A . n 
A 1 94  ARG 94  91  91  ARG ARG A . n 
A 1 95  ILE 95  92  92  ILE ILE A . n 
A 1 96  VAL 96  93  93  VAL VAL A . n 
A 1 97  SER 97  94  94  SER SER A . n 
A 1 98  HIS 98  95  95  HIS HIS A . n 
A 1 99  PRO 99  96  96  PRO PRO A . n 
A 1 100 VAL 100 97  97  VAL VAL A . n 
A 1 101 LEU 101 98  98  LEU LEU A . n 
A 1 102 ALA 102 99  99  ALA ALA A . n 
A 1 103 ASN 103 100 100 ASN ASN A . n 
A 1 104 ASP 104 101 101 ASP ASP A . n 
A 1 105 GLU 105 102 102 GLU GLU A . n 
A 1 106 LEU 106 103 103 LEU LEU A . n 
A 1 107 VAL 107 104 104 VAL VAL A . n 
A 1 108 VAL 108 105 105 VAL VAL A . n 
A 1 109 SER 109 106 106 SER SER A . n 
A 1 110 PHE 110 107 107 PHE PHE A . n 
A 1 111 LEU 111 108 108 LEU LEU A . n 
A 1 112 GLN 112 109 109 GLN GLN A . n 
A 1 113 ALA 113 110 110 ALA ALA A . n 
A 1 114 LYS 114 111 ?   ?   ?   A . n 
A 1 115 ALA 115 112 ?   ?   ?   A . n 
A 1 116 GLU 116 113 ?   ?   ?   A . n 
A 1 117 HIS 117 114 ?   ?   ?   A . n 
A 1 118 THR 118 115 ?   ?   ?   A . n 
A 1 119 GLY 119 116 ?   ?   ?   A . n 
# 
loop_
_pdbx_nonpoly_scheme.asym_id 
_pdbx_nonpoly_scheme.entity_id 
_pdbx_nonpoly_scheme.mon_id 
_pdbx_nonpoly_scheme.ndb_seq_num 
_pdbx_nonpoly_scheme.pdb_seq_num 
_pdbx_nonpoly_scheme.auth_seq_num 
_pdbx_nonpoly_scheme.pdb_mon_id 
_pdbx_nonpoly_scheme.auth_mon_id 
_pdbx_nonpoly_scheme.pdb_strand_id 
_pdbx_nonpoly_scheme.pdb_ins_code 
B 2 SO4 1  201 1  SO4 SO4 A . 
C 2 SO4 1  202 2  SO4 SO4 A . 
D 3 HOH 1  301 65 HOH HOH A . 
D 3 HOH 2  302 20 HOH HOH A . 
D 3 HOH 3  303 24 HOH HOH A . 
D 3 HOH 4  304 21 HOH HOH A . 
D 3 HOH 5  305 30 HOH HOH A . 
D 3 HOH 6  306 11 HOH HOH A . 
D 3 HOH 7  307 12 HOH HOH A . 
D 3 HOH 8  308 16 HOH HOH A . 
D 3 HOH 9  309 46 HOH HOH A . 
D 3 HOH 10 310 2  HOH HOH A . 
D 3 HOH 11 311 51 HOH HOH A . 
D 3 HOH 12 312 66 HOH HOH A . 
D 3 HOH 13 313 31 HOH HOH A . 
D 3 HOH 14 314 14 HOH HOH A . 
D 3 HOH 15 315 26 HOH HOH A . 
D 3 HOH 16 316 6  HOH HOH A . 
D 3 HOH 17 317 43 HOH HOH A . 
D 3 HOH 18 318 15 HOH HOH A . 
D 3 HOH 19 319 29 HOH HOH A . 
D 3 HOH 20 320 17 HOH HOH A . 
D 3 HOH 21 321 44 HOH HOH A . 
D 3 HOH 22 322 35 HOH HOH A . 
D 3 HOH 23 323 58 HOH HOH A . 
D 3 HOH 24 324 67 HOH HOH A . 
D 3 HOH 25 325 34 HOH HOH A . 
D 3 HOH 26 326 5  HOH HOH A . 
D 3 HOH 27 327 59 HOH HOH A . 
D 3 HOH 28 328 41 HOH HOH A . 
D 3 HOH 29 329 53 HOH HOH A . 
D 3 HOH 30 330 61 HOH HOH A . 
D 3 HOH 31 331 54 HOH HOH A . 
D 3 HOH 32 332 47 HOH HOH A . 
D 3 HOH 33 333 57 HOH HOH A . 
D 3 HOH 34 334 18 HOH HOH A . 
D 3 HOH 35 335 42 HOH HOH A . 
D 3 HOH 36 336 52 HOH HOH A . 
D 3 HOH 37 337 64 HOH HOH A . 
D 3 HOH 38 338 1  HOH HOH A . 
D 3 HOH 39 339 3  HOH HOH A . 
D 3 HOH 40 340 4  HOH HOH A . 
D 3 HOH 41 341 7  HOH HOH A . 
D 3 HOH 42 342 8  HOH HOH A . 
D 3 HOH 43 343 9  HOH HOH A . 
D 3 HOH 44 344 10 HOH HOH A . 
D 3 HOH 45 345 13 HOH HOH A . 
D 3 HOH 46 346 19 HOH HOH A . 
D 3 HOH 47 347 22 HOH HOH A . 
D 3 HOH 48 348 23 HOH HOH A . 
D 3 HOH 49 349 25 HOH HOH A . 
D 3 HOH 50 350 27 HOH HOH A . 
D 3 HOH 51 351 28 HOH HOH A . 
D 3 HOH 52 352 32 HOH HOH A . 
D 3 HOH 53 353 33 HOH HOH A . 
D 3 HOH 54 354 36 HOH HOH A . 
D 3 HOH 55 355 37 HOH HOH A . 
D 3 HOH 56 356 38 HOH HOH A . 
D 3 HOH 57 357 39 HOH HOH A . 
D 3 HOH 58 358 40 HOH HOH A . 
D 3 HOH 59 359 45 HOH HOH A . 
D 3 HOH 60 360 48 HOH HOH A . 
D 3 HOH 61 361 49 HOH HOH A . 
D 3 HOH 62 362 50 HOH HOH A . 
D 3 HOH 63 363 55 HOH HOH A . 
D 3 HOH 64 364 56 HOH HOH A . 
D 3 HOH 65 365 60 HOH HOH A . 
D 3 HOH 66 366 62 HOH HOH A . 
D 3 HOH 67 367 63 HOH HOH A . 
# 
_pdbx_struct_assembly.id                   1 
_pdbx_struct_assembly.details              author_and_software_defined_assembly 
_pdbx_struct_assembly.method_details       ? 
_pdbx_struct_assembly.oligomeric_details   monomeric 
_pdbx_struct_assembly.oligomeric_count     1 
# 
_pdbx_struct_assembly_gen.assembly_id       1 
_pdbx_struct_assembly_gen.oper_expression   1 
_pdbx_struct_assembly_gen.asym_id_list      A,B,C,D 
# 
_pdbx_struct_oper_list.id                   1 
_pdbx_struct_oper_list.type                 'identity operation' 
_pdbx_struct_oper_list.name                 1_555 
_pdbx_struct_oper_list.symmetry_operation   x,y,z 
_pdbx_struct_oper_list.matrix[1][1]         1.0000000000 
_pdbx_struct_oper_list.matrix[1][2]         0.0000000000 
_pdbx_struct_oper_list.matrix[1][3]         0.0000000000 
_pdbx_struct_oper_list.vector[1]            0.0000000000 
_pdbx_struct_oper_list.matrix[2][1]         0.0000000000 
_pdbx_struct_oper_list.matrix[2][2]         1.0000000000 
_pdbx_struct_oper_list.matrix[2][3]         0.0000000000 
_pdbx_struct_oper_list.vector[2]            0.0000000000 
_pdbx_struct_oper_list.matrix[3][1]         0.0000000000 
_pdbx_struct_oper_list.matrix[3][2]         0.0000000000 
_pdbx_struct_oper_list.matrix[3][3]         1.0000000000 
_pdbx_struct_oper_list.vector[3]            0.0000000000 
# 
loop_
_pdbx_audit_revision_history.ordinal 
_pdbx_audit_revision_history.data_content_type 
_pdbx_audit_revision_history.major_revision 
_pdbx_audit_revision_history.minor_revision 
_pdbx_audit_revision_history.revision_date 
1 'Structure model' 1 0 2015-01-21 
2 'Structure model' 1 1 2023-09-27 
# 
_pdbx_audit_revision_details.ordinal             1 
_pdbx_audit_revision_details.revision_ordinal    1 
_pdbx_audit_revision_details.data_content_type   'Structure model' 
_pdbx_audit_revision_details.provider            repository 
_pdbx_audit_revision_details.type                'Initial release' 
_pdbx_audit_revision_details.description         ? 
_pdbx_audit_revision_details.details             ? 
# 
loop_
_pdbx_audit_revision_group.ordinal 
_pdbx_audit_revision_group.revision_ordinal 
_pdbx_audit_revision_group.data_content_type 
_pdbx_audit_revision_group.group 
1 2 'Structure model' Advisory                 
2 2 'Structure model' 'Data collection'        
3 2 'Structure model' 'Database references'    
4 2 'Structure model' 'Derived calculations'   
5 2 'Structure model' Other                    
6 2 'Structure model' 'Refinement description' 
7 2 'Structure model' 'Source and taxonomy'    
# 
loop_
_pdbx_audit_revision_category.ordinal 
_pdbx_audit_revision_category.revision_ordinal 
_pdbx_audit_revision_category.data_content_type 
_pdbx_audit_revision_category.category 
1  2 'Structure model' chem_comp_atom                
2  2 'Structure model' chem_comp_bond                
3  2 'Structure model' citation                      
4  2 'Structure model' database_2                    
5  2 'Structure model' entity_src_gen                
6  2 'Structure model' pdbx_database_status          
7  2 'Structure model' pdbx_initial_refinement_model 
8  2 'Structure model' pdbx_struct_assembly          
9  2 'Structure model' pdbx_struct_oper_list         
10 2 'Structure model' pdbx_validate_symm_contact    
11 2 'Structure model' refine_hist                   
# 
loop_
_pdbx_audit_revision_item.ordinal 
_pdbx_audit_revision_item.revision_ordinal 
_pdbx_audit_revision_item.data_content_type 
_pdbx_audit_revision_item.item 
1  2 'Structure model' '_citation.journal_id_CSD'                    
2  2 'Structure model' '_database_2.pdbx_DOI'                        
3  2 'Structure model' '_database_2.pdbx_database_accession'         
4  2 'Structure model' '_entity_src_gen.pdbx_alt_source_flag'        
5  2 'Structure model' '_pdbx_database_status.pdb_format_compatible' 
6  2 'Structure model' '_pdbx_struct_assembly.oligomeric_details'    
7  2 'Structure model' '_pdbx_struct_oper_list.symmetry_operation'   
8  2 'Structure model' '_pdbx_validate_symm_contact.auth_seq_id_1'   
9  2 'Structure model' '_pdbx_validate_symm_contact.auth_seq_id_2'   
10 2 'Structure model' '_pdbx_validate_symm_contact.dist'            
11 2 'Structure model' '_pdbx_validate_symm_contact.site_symmetry_2' 
12 2 'Structure model' '_refine_hist.number_atoms_solvent'           
13 2 'Structure model' '_refine_hist.pdbx_number_atoms_ligand'       
14 2 'Structure model' '_refine_hist.pdbx_number_atoms_nucleic_acid' 
15 2 'Structure model' '_refine_hist.pdbx_number_atoms_protein'      
# 
_software.citation_id            ? 
_software.classification         refinement 
_software.compiler_name          ? 
_software.compiler_version       ? 
_software.contact_author         ? 
_software.contact_author_email   ? 
_software.date                   ? 
_software.description            ? 
_software.dependencies           ? 
_software.hardware               ? 
_software.language               ? 
_software.location               ? 
_software.mods                   ? 
_software.name                   REFMAC 
_software.os                     ? 
_software.os_version             ? 
_software.type                   ? 
_software.version                5.7.0029 
_software.pdbx_ordinal           1 
# 
loop_
_pdbx_validate_close_contact.id 
_pdbx_validate_close_contact.PDB_model_num 
_pdbx_validate_close_contact.auth_atom_id_1 
_pdbx_validate_close_contact.auth_asym_id_1 
_pdbx_validate_close_contact.auth_comp_id_1 
_pdbx_validate_close_contact.auth_seq_id_1 
_pdbx_validate_close_contact.PDB_ins_code_1 
_pdbx_validate_close_contact.label_alt_id_1 
_pdbx_validate_close_contact.auth_atom_id_2 
_pdbx_validate_close_contact.auth_asym_id_2 
_pdbx_validate_close_contact.auth_comp_id_2 
_pdbx_validate_close_contact.auth_seq_id_2 
_pdbx_validate_close_contact.PDB_ins_code_2 
_pdbx_validate_close_contact.label_alt_id_2 
_pdbx_validate_close_contact.dist 
1 1 C A ALA 110 ? ? O A HOH 340 ? ? 1.37 
2 1 O A ALA 110 ? ? O A HOH 340 ? ? 1.81 
3 1 O A TRP 68  ? ? O A HOH 301 ? ? 1.91 
4 1 O A HOH 322 ? ? O A HOH 337 ? ? 2.13 
5 1 N A ILE 69  ? ? O A HOH 302 ? ? 2.15 
# 
loop_
_pdbx_validate_symm_contact.id 
_pdbx_validate_symm_contact.PDB_model_num 
_pdbx_validate_symm_contact.auth_atom_id_1 
_pdbx_validate_symm_contact.auth_asym_id_1 
_pdbx_validate_symm_contact.auth_comp_id_1 
_pdbx_validate_symm_contact.auth_seq_id_1 
_pdbx_validate_symm_contact.PDB_ins_code_1 
_pdbx_validate_symm_contact.label_alt_id_1 
_pdbx_validate_symm_contact.site_symmetry_1 
_pdbx_validate_symm_contact.auth_atom_id_2 
_pdbx_validate_symm_contact.auth_asym_id_2 
_pdbx_validate_symm_contact.auth_comp_id_2 
_pdbx_validate_symm_contact.auth_seq_id_2 
_pdbx_validate_symm_contact.PDB_ins_code_2 
_pdbx_validate_symm_contact.label_alt_id_2 
_pdbx_validate_symm_contact.site_symmetry_2 
_pdbx_validate_symm_contact.dist 
1 1 O A HOH 330 ? ? 1_555 O A HOH 332 ? ? 3_655 2.13 
2 1 O A HOH 301 ? ? 1_555 O A HOH 324 ? ? 4_565 2.14 
# 
loop_
_pdbx_validate_torsion.id 
_pdbx_validate_torsion.PDB_model_num 
_pdbx_validate_torsion.auth_comp_id 
_pdbx_validate_torsion.auth_asym_id 
_pdbx_validate_torsion.auth_seq_id 
_pdbx_validate_torsion.PDB_ins_code 
_pdbx_validate_torsion.label_alt_id 
_pdbx_validate_torsion.phi 
_pdbx_validate_torsion.psi 
1 1 GLU A 17 ? ? -130.83 -55.95 
2 1 SER A 20 ? ? -112.80 54.16  
3 1 ALA A 72 ? ? 57.11   16.26  
# 
loop_
_pdbx_unobs_or_zero_occ_residues.id 
_pdbx_unobs_or_zero_occ_residues.PDB_model_num 
_pdbx_unobs_or_zero_occ_residues.polymer_flag 
_pdbx_unobs_or_zero_occ_residues.occupancy_flag 
_pdbx_unobs_or_zero_occ_residues.auth_asym_id 
_pdbx_unobs_or_zero_occ_residues.auth_comp_id 
_pdbx_unobs_or_zero_occ_residues.auth_seq_id 
_pdbx_unobs_or_zero_occ_residues.PDB_ins_code 
_pdbx_unobs_or_zero_occ_residues.label_asym_id 
_pdbx_unobs_or_zero_occ_residues.label_comp_id 
_pdbx_unobs_or_zero_occ_residues.label_seq_id 
1  1 Y 1 A SER -2  ? A SER 1   
2  1 Y 1 A ASN -1  ? A ASN 2   
3  1 Y 1 A ALA 0   ? A ALA 3   
4  1 Y 1 A PRO 1   ? A PRO 4   
5  1 Y 1 A ASP 2   ? A ASP 5   
6  1 Y 1 A SER 3   ? A SER 6   
7  1 Y 1 A LEU 4   ? A LEU 7   
8  1 Y 1 A LYS 111 ? A LYS 114 
9  1 Y 1 A ALA 112 ? A ALA 115 
10 1 Y 1 A GLU 113 ? A GLU 116 
11 1 Y 1 A HIS 114 ? A HIS 117 
12 1 Y 1 A THR 115 ? A THR 118 
13 1 Y 1 A GLY 116 ? A GLY 119 
# 
loop_
_chem_comp_atom.comp_id 
_chem_comp_atom.atom_id 
_chem_comp_atom.type_symbol 
_chem_comp_atom.pdbx_aromatic_flag 
_chem_comp_atom.pdbx_stereo_config 
_chem_comp_atom.pdbx_ordinal 
ALA N    N N N 1   
ALA CA   C N S 2   
ALA C    C N N 3   
ALA O    O N N 4   
ALA CB   C N N 5   
ALA OXT  O N N 6   
ALA H    H N N 7   
ALA H2   H N N 8   
ALA HA   H N N 9   
ALA HB1  H N N 10  
ALA HB2  H N N 11  
ALA HB3  H N N 12  
ALA HXT  H N N 13  
ARG N    N N N 14  
ARG CA   C N S 15  
ARG C    C N N 16  
ARG O    O N N 17  
ARG CB   C N N 18  
ARG CG   C N N 19  
ARG CD   C N N 20  
ARG NE   N N N 21  
ARG CZ   C N N 22  
ARG NH1  N N N 23  
ARG NH2  N N N 24  
ARG OXT  O N N 25  
ARG H    H N N 26  
ARG H2   H N N 27  
ARG HA   H N N 28  
ARG HB2  H N N 29  
ARG HB3  H N N 30  
ARG HG2  H N N 31  
ARG HG3  H N N 32  
ARG HD2  H N N 33  
ARG HD3  H N N 34  
ARG HE   H N N 35  
ARG HH11 H N N 36  
ARG HH12 H N N 37  
ARG HH21 H N N 38  
ARG HH22 H N N 39  
ARG HXT  H N N 40  
ASN N    N N N 41  
ASN CA   C N S 42  
ASN C    C N N 43  
ASN O    O N N 44  
ASN CB   C N N 45  
ASN CG   C N N 46  
ASN OD1  O N N 47  
ASN ND2  N N N 48  
ASN OXT  O N N 49  
ASN H    H N N 50  
ASN H2   H N N 51  
ASN HA   H N N 52  
ASN HB2  H N N 53  
ASN HB3  H N N 54  
ASN HD21 H N N 55  
ASN HD22 H N N 56  
ASN HXT  H N N 57  
ASP N    N N N 58  
ASP CA   C N S 59  
ASP C    C N N 60  
ASP O    O N N 61  
ASP CB   C N N 62  
ASP CG   C N N 63  
ASP OD1  O N N 64  
ASP OD2  O N N 65  
ASP OXT  O N N 66  
ASP H    H N N 67  
ASP H2   H N N 68  
ASP HA   H N N 69  
ASP HB2  H N N 70  
ASP HB3  H N N 71  
ASP HD2  H N N 72  
ASP HXT  H N N 73  
GLN N    N N N 74  
GLN CA   C N S 75  
GLN C    C N N 76  
GLN O    O N N 77  
GLN CB   C N N 78  
GLN CG   C N N 79  
GLN CD   C N N 80  
GLN OE1  O N N 81  
GLN NE2  N N N 82  
GLN OXT  O N N 83  
GLN H    H N N 84  
GLN H2   H N N 85  
GLN HA   H N N 86  
GLN HB2  H N N 87  
GLN HB3  H N N 88  
GLN HG2  H N N 89  
GLN HG3  H N N 90  
GLN HE21 H N N 91  
GLN HE22 H N N 92  
GLN HXT  H N N 93  
GLU N    N N N 94  
GLU CA   C N S 95  
GLU C    C N N 96  
GLU O    O N N 97  
GLU CB   C N N 98  
GLU CG   C N N 99  
GLU CD   C N N 100 
GLU OE1  O N N 101 
GLU OE2  O N N 102 
GLU OXT  O N N 103 
GLU H    H N N 104 
GLU H2   H N N 105 
GLU HA   H N N 106 
GLU HB2  H N N 107 
GLU HB3  H N N 108 
GLU HG2  H N N 109 
GLU HG3  H N N 110 
GLU HE2  H N N 111 
GLU HXT  H N N 112 
GLY N    N N N 113 
GLY CA   C N N 114 
GLY C    C N N 115 
GLY O    O N N 116 
GLY OXT  O N N 117 
GLY H    H N N 118 
GLY H2   H N N 119 
GLY HA2  H N N 120 
GLY HA3  H N N 121 
GLY HXT  H N N 122 
HIS N    N N N 123 
HIS CA   C N S 124 
HIS C    C N N 125 
HIS O    O N N 126 
HIS CB   C N N 127 
HIS CG   C Y N 128 
HIS ND1  N Y N 129 
HIS CD2  C Y N 130 
HIS CE1  C Y N 131 
HIS NE2  N Y N 132 
HIS OXT  O N N 133 
HIS H    H N N 134 
HIS H2   H N N 135 
HIS HA   H N N 136 
HIS HB2  H N N 137 
HIS HB3  H N N 138 
HIS HD1  H N N 139 
HIS HD2  H N N 140 
HIS HE1  H N N 141 
HIS HE2  H N N 142 
HIS HXT  H N N 143 
HOH O    O N N 144 
HOH H1   H N N 145 
HOH H2   H N N 146 
ILE N    N N N 147 
ILE CA   C N S 148 
ILE C    C N N 149 
ILE O    O N N 150 
ILE CB   C N S 151 
ILE CG1  C N N 152 
ILE CG2  C N N 153 
ILE CD1  C N N 154 
ILE OXT  O N N 155 
ILE H    H N N 156 
ILE H2   H N N 157 
ILE HA   H N N 158 
ILE HB   H N N 159 
ILE HG12 H N N 160 
ILE HG13 H N N 161 
ILE HG21 H N N 162 
ILE HG22 H N N 163 
ILE HG23 H N N 164 
ILE HD11 H N N 165 
ILE HD12 H N N 166 
ILE HD13 H N N 167 
ILE HXT  H N N 168 
LEU N    N N N 169 
LEU CA   C N S 170 
LEU C    C N N 171 
LEU O    O N N 172 
LEU CB   C N N 173 
LEU CG   C N N 174 
LEU CD1  C N N 175 
LEU CD2  C N N 176 
LEU OXT  O N N 177 
LEU H    H N N 178 
LEU H2   H N N 179 
LEU HA   H N N 180 
LEU HB2  H N N 181 
LEU HB3  H N N 182 
LEU HG   H N N 183 
LEU HD11 H N N 184 
LEU HD12 H N N 185 
LEU HD13 H N N 186 
LEU HD21 H N N 187 
LEU HD22 H N N 188 
LEU HD23 H N N 189 
LEU HXT  H N N 190 
LYS N    N N N 191 
LYS CA   C N S 192 
LYS C    C N N 193 
LYS O    O N N 194 
LYS CB   C N N 195 
LYS CG   C N N 196 
LYS CD   C N N 197 
LYS CE   C N N 198 
LYS NZ   N N N 199 
LYS OXT  O N N 200 
LYS H    H N N 201 
LYS H2   H N N 202 
LYS HA   H N N 203 
LYS HB2  H N N 204 
LYS HB3  H N N 205 
LYS HG2  H N N 206 
LYS HG3  H N N 207 
LYS HD2  H N N 208 
LYS HD3  H N N 209 
LYS HE2  H N N 210 
LYS HE3  H N N 211 
LYS HZ1  H N N 212 
LYS HZ2  H N N 213 
LYS HZ3  H N N 214 
LYS HXT  H N N 215 
MET N    N N N 216 
MET CA   C N S 217 
MET C    C N N 218 
MET O    O N N 219 
MET CB   C N N 220 
MET CG   C N N 221 
MET SD   S N N 222 
MET CE   C N N 223 
MET OXT  O N N 224 
MET H    H N N 225 
MET H2   H N N 226 
MET HA   H N N 227 
MET HB2  H N N 228 
MET HB3  H N N 229 
MET HG2  H N N 230 
MET HG3  H N N 231 
MET HE1  H N N 232 
MET HE2  H N N 233 
MET HE3  H N N 234 
MET HXT  H N N 235 
PHE N    N N N 236 
PHE CA   C N S 237 
PHE C    C N N 238 
PHE O    O N N 239 
PHE CB   C N N 240 
PHE CG   C Y N 241 
PHE CD1  C Y N 242 
PHE CD2  C Y N 243 
PHE CE1  C Y N 244 
PHE CE2  C Y N 245 
PHE CZ   C Y N 246 
PHE OXT  O N N 247 
PHE H    H N N 248 
PHE H2   H N N 249 
PHE HA   H N N 250 
PHE HB2  H N N 251 
PHE HB3  H N N 252 
PHE HD1  H N N 253 
PHE HD2  H N N 254 
PHE HE1  H N N 255 
PHE HE2  H N N 256 
PHE HZ   H N N 257 
PHE HXT  H N N 258 
PRO N    N N N 259 
PRO CA   C N S 260 
PRO C    C N N 261 
PRO O    O N N 262 
PRO CB   C N N 263 
PRO CG   C N N 264 
PRO CD   C N N 265 
PRO OXT  O N N 266 
PRO H    H N N 267 
PRO HA   H N N 268 
PRO HB2  H N N 269 
PRO HB3  H N N 270 
PRO HG2  H N N 271 
PRO HG3  H N N 272 
PRO HD2  H N N 273 
PRO HD3  H N N 274 
PRO HXT  H N N 275 
SER N    N N N 276 
SER CA   C N S 277 
SER C    C N N 278 
SER O    O N N 279 
SER CB   C N N 280 
SER OG   O N N 281 
SER OXT  O N N 282 
SER H    H N N 283 
SER H2   H N N 284 
SER HA   H N N 285 
SER HB2  H N N 286 
SER HB3  H N N 287 
SER HG   H N N 288 
SER HXT  H N N 289 
SO4 S    S N N 290 
SO4 O1   O N N 291 
SO4 O2   O N N 292 
SO4 O3   O N N 293 
SO4 O4   O N N 294 
THR N    N N N 295 
THR CA   C N S 296 
THR C    C N N 297 
THR O    O N N 298 
THR CB   C N R 299 
THR OG1  O N N 300 
THR CG2  C N N 301 
THR OXT  O N N 302 
THR H    H N N 303 
THR H2   H N N 304 
THR HA   H N N 305 
THR HB   H N N 306 
THR HG1  H N N 307 
THR HG21 H N N 308 
THR HG22 H N N 309 
THR HG23 H N N 310 
THR HXT  H N N 311 
TRP N    N N N 312 
TRP CA   C N S 313 
TRP C    C N N 314 
TRP O    O N N 315 
TRP CB   C N N 316 
TRP CG   C Y N 317 
TRP CD1  C Y N 318 
TRP CD2  C Y N 319 
TRP NE1  N Y N 320 
TRP CE2  C Y N 321 
TRP CE3  C Y N 322 
TRP CZ2  C Y N 323 
TRP CZ3  C Y N 324 
TRP CH2  C Y N 325 
TRP OXT  O N N 326 
TRP H    H N N 327 
TRP H2   H N N 328 
TRP HA   H N N 329 
TRP HB2  H N N 330 
TRP HB3  H N N 331 
TRP HD1  H N N 332 
TRP HE1  H N N 333 
TRP HE3  H N N 334 
TRP HZ2  H N N 335 
TRP HZ3  H N N 336 
TRP HH2  H N N 337 
TRP HXT  H N N 338 
TYR N    N N N 339 
TYR CA   C N S 340 
TYR C    C N N 341 
TYR O    O N N 342 
TYR CB   C N N 343 
TYR CG   C Y N 344 
TYR CD1  C Y N 345 
TYR CD2  C Y N 346 
TYR CE1  C Y N 347 
TYR CE2  C Y N 348 
TYR CZ   C Y N 349 
TYR OH   O N N 350 
TYR OXT  O N N 351 
TYR H    H N N 352 
TYR H2   H N N 353 
TYR HA   H N N 354 
TYR HB2  H N N 355 
TYR HB3  H N N 356 
TYR HD1  H N N 357 
TYR HD2  H N N 358 
TYR HE1  H N N 359 
TYR HE2  H N N 360 
TYR HH   H N N 361 
TYR HXT  H N N 362 
VAL N    N N N 363 
VAL CA   C N S 364 
VAL C    C N N 365 
VAL O    O N N 366 
VAL CB   C N N 367 
VAL CG1  C N N 368 
VAL CG2  C N N 369 
VAL OXT  O N N 370 
VAL H    H N N 371 
VAL H2   H N N 372 
VAL HA   H N N 373 
VAL HB   H N N 374 
VAL HG11 H N N 375 
VAL HG12 H N N 376 
VAL HG13 H N N 377 
VAL HG21 H N N 378 
VAL HG22 H N N 379 
VAL HG23 H N N 380 
VAL HXT  H N N 381 
# 
loop_
_chem_comp_bond.comp_id 
_chem_comp_bond.atom_id_1 
_chem_comp_bond.atom_id_2 
_chem_comp_bond.value_order 
_chem_comp_bond.pdbx_aromatic_flag 
_chem_comp_bond.pdbx_stereo_config 
_chem_comp_bond.pdbx_ordinal 
ALA N   CA   sing N N 1   
ALA N   H    sing N N 2   
ALA N   H2   sing N N 3   
ALA CA  C    sing N N 4   
ALA CA  CB   sing N N 5   
ALA CA  HA   sing N N 6   
ALA C   O    doub N N 7   
ALA C   OXT  sing N N 8   
ALA CB  HB1  sing N N 9   
ALA CB  HB2  sing N N 10  
ALA CB  HB3  sing N N 11  
ALA OXT HXT  sing N N 12  
ARG N   CA   sing N N 13  
ARG N   H    sing N N 14  
ARG N   H2   sing N N 15  
ARG CA  C    sing N N 16  
ARG CA  CB   sing N N 17  
ARG CA  HA   sing N N 18  
ARG C   O    doub N N 19  
ARG C   OXT  sing N N 20  
ARG CB  CG   sing N N 21  
ARG CB  HB2  sing N N 22  
ARG CB  HB3  sing N N 23  
ARG CG  CD   sing N N 24  
ARG CG  HG2  sing N N 25  
ARG CG  HG3  sing N N 26  
ARG CD  NE   sing N N 27  
ARG CD  HD2  sing N N 28  
ARG CD  HD3  sing N N 29  
ARG NE  CZ   sing N N 30  
ARG NE  HE   sing N N 31  
ARG CZ  NH1  sing N N 32  
ARG CZ  NH2  doub N N 33  
ARG NH1 HH11 sing N N 34  
ARG NH1 HH12 sing N N 35  
ARG NH2 HH21 sing N N 36  
ARG NH2 HH22 sing N N 37  
ARG OXT HXT  sing N N 38  
ASN N   CA   sing N N 39  
ASN N   H    sing N N 40  
ASN N   H2   sing N N 41  
ASN CA  C    sing N N 42  
ASN CA  CB   sing N N 43  
ASN CA  HA   sing N N 44  
ASN C   O    doub N N 45  
ASN C   OXT  sing N N 46  
ASN CB  CG   sing N N 47  
ASN CB  HB2  sing N N 48  
ASN CB  HB3  sing N N 49  
ASN CG  OD1  doub N N 50  
ASN CG  ND2  sing N N 51  
ASN ND2 HD21 sing N N 52  
ASN ND2 HD22 sing N N 53  
ASN OXT HXT  sing N N 54  
ASP N   CA   sing N N 55  
ASP N   H    sing N N 56  
ASP N   H2   sing N N 57  
ASP CA  C    sing N N 58  
ASP CA  CB   sing N N 59  
ASP CA  HA   sing N N 60  
ASP C   O    doub N N 61  
ASP C   OXT  sing N N 62  
ASP CB  CG   sing N N 63  
ASP CB  HB2  sing N N 64  
ASP CB  HB3  sing N N 65  
ASP CG  OD1  doub N N 66  
ASP CG  OD2  sing N N 67  
ASP OD2 HD2  sing N N 68  
ASP OXT HXT  sing N N 69  
GLN N   CA   sing N N 70  
GLN N   H    sing N N 71  
GLN N   H2   sing N N 72  
GLN CA  C    sing N N 73  
GLN CA  CB   sing N N 74  
GLN CA  HA   sing N N 75  
GLN C   O    doub N N 76  
GLN C   OXT  sing N N 77  
GLN CB  CG   sing N N 78  
GLN CB  HB2  sing N N 79  
GLN CB  HB3  sing N N 80  
GLN CG  CD   sing N N 81  
GLN CG  HG2  sing N N 82  
GLN CG  HG3  sing N N 83  
GLN CD  OE1  doub N N 84  
GLN CD  NE2  sing N N 85  
GLN NE2 HE21 sing N N 86  
GLN NE2 HE22 sing N N 87  
GLN OXT HXT  sing N N 88  
GLU N   CA   sing N N 89  
GLU N   H    sing N N 90  
GLU N   H2   sing N N 91  
GLU CA  C    sing N N 92  
GLU CA  CB   sing N N 93  
GLU CA  HA   sing N N 94  
GLU C   O    doub N N 95  
GLU C   OXT  sing N N 96  
GLU CB  CG   sing N N 97  
GLU CB  HB2  sing N N 98  
GLU CB  HB3  sing N N 99  
GLU CG  CD   sing N N 100 
GLU CG  HG2  sing N N 101 
GLU CG  HG3  sing N N 102 
GLU CD  OE1  doub N N 103 
GLU CD  OE2  sing N N 104 
GLU OE2 HE2  sing N N 105 
GLU OXT HXT  sing N N 106 
GLY N   CA   sing N N 107 
GLY N   H    sing N N 108 
GLY N   H2   sing N N 109 
GLY CA  C    sing N N 110 
GLY CA  HA2  sing N N 111 
GLY CA  HA3  sing N N 112 
GLY C   O    doub N N 113 
GLY C   OXT  sing N N 114 
GLY OXT HXT  sing N N 115 
HIS N   CA   sing N N 116 
HIS N   H    sing N N 117 
HIS N   H2   sing N N 118 
HIS CA  C    sing N N 119 
HIS CA  CB   sing N N 120 
HIS CA  HA   sing N N 121 
HIS C   O    doub N N 122 
HIS C   OXT  sing N N 123 
HIS CB  CG   sing N N 124 
HIS CB  HB2  sing N N 125 
HIS CB  HB3  sing N N 126 
HIS CG  ND1  sing Y N 127 
HIS CG  CD2  doub Y N 128 
HIS ND1 CE1  doub Y N 129 
HIS ND1 HD1  sing N N 130 
HIS CD2 NE2  sing Y N 131 
HIS CD2 HD2  sing N N 132 
HIS CE1 NE2  sing Y N 133 
HIS CE1 HE1  sing N N 134 
HIS NE2 HE2  sing N N 135 
HIS OXT HXT  sing N N 136 
HOH O   H1   sing N N 137 
HOH O   H2   sing N N 138 
ILE N   CA   sing N N 139 
ILE N   H    sing N N 140 
ILE N   H2   sing N N 141 
ILE CA  C    sing N N 142 
ILE CA  CB   sing N N 143 
ILE CA  HA   sing N N 144 
ILE C   O    doub N N 145 
ILE C   OXT  sing N N 146 
ILE CB  CG1  sing N N 147 
ILE CB  CG2  sing N N 148 
ILE CB  HB   sing N N 149 
ILE CG1 CD1  sing N N 150 
ILE CG1 HG12 sing N N 151 
ILE CG1 HG13 sing N N 152 
ILE CG2 HG21 sing N N 153 
ILE CG2 HG22 sing N N 154 
ILE CG2 HG23 sing N N 155 
ILE CD1 HD11 sing N N 156 
ILE CD1 HD12 sing N N 157 
ILE CD1 HD13 sing N N 158 
ILE OXT HXT  sing N N 159 
LEU N   CA   sing N N 160 
LEU N   H    sing N N 161 
LEU N   H2   sing N N 162 
LEU CA  C    sing N N 163 
LEU CA  CB   sing N N 164 
LEU CA  HA   sing N N 165 
LEU C   O    doub N N 166 
LEU C   OXT  sing N N 167 
LEU CB  CG   sing N N 168 
LEU CB  HB2  sing N N 169 
LEU CB  HB3  sing N N 170 
LEU CG  CD1  sing N N 171 
LEU CG  CD2  sing N N 172 
LEU CG  HG   sing N N 173 
LEU CD1 HD11 sing N N 174 
LEU CD1 HD12 sing N N 175 
LEU CD1 HD13 sing N N 176 
LEU CD2 HD21 sing N N 177 
LEU CD2 HD22 sing N N 178 
LEU CD2 HD23 sing N N 179 
LEU OXT HXT  sing N N 180 
LYS N   CA   sing N N 181 
LYS N   H    sing N N 182 
LYS N   H2   sing N N 183 
LYS CA  C    sing N N 184 
LYS CA  CB   sing N N 185 
LYS CA  HA   sing N N 186 
LYS C   O    doub N N 187 
LYS C   OXT  sing N N 188 
LYS CB  CG   sing N N 189 
LYS CB  HB2  sing N N 190 
LYS CB  HB3  sing N N 191 
LYS CG  CD   sing N N 192 
LYS CG  HG2  sing N N 193 
LYS CG  HG3  sing N N 194 
LYS CD  CE   sing N N 195 
LYS CD  HD2  sing N N 196 
LYS CD  HD3  sing N N 197 
LYS CE  NZ   sing N N 198 
LYS CE  HE2  sing N N 199 
LYS CE  HE3  sing N N 200 
LYS NZ  HZ1  sing N N 201 
LYS NZ  HZ2  sing N N 202 
LYS NZ  HZ3  sing N N 203 
LYS OXT HXT  sing N N 204 
MET N   CA   sing N N 205 
MET N   H    sing N N 206 
MET N   H2   sing N N 207 
MET CA  C    sing N N 208 
MET CA  CB   sing N N 209 
MET CA  HA   sing N N 210 
MET C   O    doub N N 211 
MET C   OXT  sing N N 212 
MET CB  CG   sing N N 213 
MET CB  HB2  sing N N 214 
MET CB  HB3  sing N N 215 
MET CG  SD   sing N N 216 
MET CG  HG2  sing N N 217 
MET CG  HG3  sing N N 218 
MET SD  CE   sing N N 219 
MET CE  HE1  sing N N 220 
MET CE  HE2  sing N N 221 
MET CE  HE3  sing N N 222 
MET OXT HXT  sing N N 223 
PHE N   CA   sing N N 224 
PHE N   H    sing N N 225 
PHE N   H2   sing N N 226 
PHE CA  C    sing N N 227 
PHE CA  CB   sing N N 228 
PHE CA  HA   sing N N 229 
PHE C   O    doub N N 230 
PHE C   OXT  sing N N 231 
PHE CB  CG   sing N N 232 
PHE CB  HB2  sing N N 233 
PHE CB  HB3  sing N N 234 
PHE CG  CD1  doub Y N 235 
PHE CG  CD2  sing Y N 236 
PHE CD1 CE1  sing Y N 237 
PHE CD1 HD1  sing N N 238 
PHE CD2 CE2  doub Y N 239 
PHE CD2 HD2  sing N N 240 
PHE CE1 CZ   doub Y N 241 
PHE CE1 HE1  sing N N 242 
PHE CE2 CZ   sing Y N 243 
PHE CE2 HE2  sing N N 244 
PHE CZ  HZ   sing N N 245 
PHE OXT HXT  sing N N 246 
PRO N   CA   sing N N 247 
PRO N   CD   sing N N 248 
PRO N   H    sing N N 249 
PRO CA  C    sing N N 250 
PRO CA  CB   sing N N 251 
PRO CA  HA   sing N N 252 
PRO C   O    doub N N 253 
PRO C   OXT  sing N N 254 
PRO CB  CG   sing N N 255 
PRO CB  HB2  sing N N 256 
PRO CB  HB3  sing N N 257 
PRO CG  CD   sing N N 258 
PRO CG  HG2  sing N N 259 
PRO CG  HG3  sing N N 260 
PRO CD  HD2  sing N N 261 
PRO CD  HD3  sing N N 262 
PRO OXT HXT  sing N N 263 
SER N   CA   sing N N 264 
SER N   H    sing N N 265 
SER N   H2   sing N N 266 
SER CA  C    sing N N 267 
SER CA  CB   sing N N 268 
SER CA  HA   sing N N 269 
SER C   O    doub N N 270 
SER C   OXT  sing N N 271 
SER CB  OG   sing N N 272 
SER CB  HB2  sing N N 273 
SER CB  HB3  sing N N 274 
SER OG  HG   sing N N 275 
SER OXT HXT  sing N N 276 
SO4 S   O1   doub N N 277 
SO4 S   O2   doub N N 278 
SO4 S   O3   sing N N 279 
SO4 S   O4   sing N N 280 
THR N   CA   sing N N 281 
THR N   H    sing N N 282 
THR N   H2   sing N N 283 
THR CA  C    sing N N 284 
THR CA  CB   sing N N 285 
THR CA  HA   sing N N 286 
THR C   O    doub N N 287 
THR C   OXT  sing N N 288 
THR CB  OG1  sing N N 289 
THR CB  CG2  sing N N 290 
THR CB  HB   sing N N 291 
THR OG1 HG1  sing N N 292 
THR CG2 HG21 sing N N 293 
THR CG2 HG22 sing N N 294 
THR CG2 HG23 sing N N 295 
THR OXT HXT  sing N N 296 
TRP N   CA   sing N N 297 
TRP N   H    sing N N 298 
TRP N   H2   sing N N 299 
TRP CA  C    sing N N 300 
TRP CA  CB   sing N N 301 
TRP CA  HA   sing N N 302 
TRP C   O    doub N N 303 
TRP C   OXT  sing N N 304 
TRP CB  CG   sing N N 305 
TRP CB  HB2  sing N N 306 
TRP CB  HB3  sing N N 307 
TRP CG  CD1  doub Y N 308 
TRP CG  CD2  sing Y N 309 
TRP CD1 NE1  sing Y N 310 
TRP CD1 HD1  sing N N 311 
TRP CD2 CE2  doub Y N 312 
TRP CD2 CE3  sing Y N 313 
TRP NE1 CE2  sing Y N 314 
TRP NE1 HE1  sing N N 315 
TRP CE2 CZ2  sing Y N 316 
TRP CE3 CZ3  doub Y N 317 
TRP CE3 HE3  sing N N 318 
TRP CZ2 CH2  doub Y N 319 
TRP CZ2 HZ2  sing N N 320 
TRP CZ3 CH2  sing Y N 321 
TRP CZ3 HZ3  sing N N 322 
TRP CH2 HH2  sing N N 323 
TRP OXT HXT  sing N N 324 
TYR N   CA   sing N N 325 
TYR N   H    sing N N 326 
TYR N   H2   sing N N 327 
TYR CA  C    sing N N 328 
TYR CA  CB   sing N N 329 
TYR CA  HA   sing N N 330 
TYR C   O    doub N N 331 
TYR C   OXT  sing N N 332 
TYR CB  CG   sing N N 333 
TYR CB  HB2  sing N N 334 
TYR CB  HB3  sing N N 335 
TYR CG  CD1  doub Y N 336 
TYR CG  CD2  sing Y N 337 
TYR CD1 CE1  sing Y N 338 
TYR CD1 HD1  sing N N 339 
TYR CD2 CE2  doub Y N 340 
TYR CD2 HD2  sing N N 341 
TYR CE1 CZ   doub Y N 342 
TYR CE1 HE1  sing N N 343 
TYR CE2 CZ   sing Y N 344 
TYR CE2 HE2  sing N N 345 
TYR CZ  OH   sing N N 346 
TYR OH  HH   sing N N 347 
TYR OXT HXT  sing N N 348 
VAL N   CA   sing N N 349 
VAL N   H    sing N N 350 
VAL N   H2   sing N N 351 
VAL CA  C    sing N N 352 
VAL CA  CB   sing N N 353 
VAL CA  HA   sing N N 354 
VAL C   O    doub N N 355 
VAL C   OXT  sing N N 356 
VAL CB  CG1  sing N N 357 
VAL CB  CG2  sing N N 358 
VAL CB  HB   sing N N 359 
VAL CG1 HG11 sing N N 360 
VAL CG1 HG12 sing N N 361 
VAL CG1 HG13 sing N N 362 
VAL CG2 HG21 sing N N 363 
VAL CG2 HG22 sing N N 364 
VAL CG2 HG23 sing N N 365 
VAL OXT HXT  sing N N 366 
# 
loop_
_pdbx_entity_nonpoly.entity_id 
_pdbx_entity_nonpoly.name 
_pdbx_entity_nonpoly.comp_id 
2 'SULFATE ION' SO4 
3 water         HOH 
# 
_pdbx_initial_refinement_model.id               1 
_pdbx_initial_refinement_model.entity_id_list   ? 
_pdbx_initial_refinement_model.type             'experimental model' 
_pdbx_initial_refinement_model.source_name      PDB 
_pdbx_initial_refinement_model.accession_code   1XTE 
_pdbx_initial_refinement_model.details          'PDB entry 1XTE' 
# 
